data_6JX3
# 
_entry.id   6JX3 
# 
_audit_conform.dict_name       mmcif_pdbx.dic 
_audit_conform.dict_version    5.387 
_audit_conform.dict_location   http://mmcif.pdb.org/dictionaries/ascii/mmcif_pdbx.dic 
# 
loop_
_database_2.database_id 
_database_2.database_code 
_database_2.pdbx_database_accession 
_database_2.pdbx_DOI 
PDB   6JX3         pdb_00006jx3 10.2210/pdb6jx3/pdb 
WWPDB D_1300009116 ?            ?                   
# 
loop_
_pdbx_audit_revision_history.ordinal 
_pdbx_audit_revision_history.data_content_type 
_pdbx_audit_revision_history.major_revision 
_pdbx_audit_revision_history.minor_revision 
_pdbx_audit_revision_history.revision_date 
1 'Structure model' 1 0 2019-06-26 
2 'Structure model' 1 1 2019-08-07 
3 'Structure model' 1 2 2024-03-27 
# 
_pdbx_audit_revision_details.ordinal             1 
_pdbx_audit_revision_details.revision_ordinal    1 
_pdbx_audit_revision_details.data_content_type   'Structure model' 
_pdbx_audit_revision_details.provider            repository 
_pdbx_audit_revision_details.type                'Initial release' 
_pdbx_audit_revision_details.description         ? 
_pdbx_audit_revision_details.details             ? 
# 
loop_
_pdbx_audit_revision_group.ordinal 
_pdbx_audit_revision_group.revision_ordinal 
_pdbx_audit_revision_group.data_content_type 
_pdbx_audit_revision_group.group 
1 2 'Structure model' 'Data collection'      
2 2 'Structure model' 'Database references'  
3 3 'Structure model' 'Data collection'      
4 3 'Structure model' 'Database references'  
5 3 'Structure model' 'Derived calculations' 
# 
loop_
_pdbx_audit_revision_category.ordinal 
_pdbx_audit_revision_category.revision_ordinal 
_pdbx_audit_revision_category.data_content_type 
_pdbx_audit_revision_category.category 
1 2 'Structure model' citation               
2 3 'Structure model' chem_comp_atom         
3 3 'Structure model' chem_comp_bond         
4 3 'Structure model' database_2             
5 3 'Structure model' pdbx_struct_conn_angle 
6 3 'Structure model' struct_conn            
# 
loop_
_pdbx_audit_revision_item.ordinal 
_pdbx_audit_revision_item.revision_ordinal 
_pdbx_audit_revision_item.data_content_type 
_pdbx_audit_revision_item.item 
1  2 'Structure model' '_citation.journal_volume'                    
2  2 'Structure model' '_citation.page_first'                        
3  2 'Structure model' '_citation.page_last'                         
4  2 'Structure model' '_citation.title'                             
5  3 'Structure model' '_database_2.pdbx_DOI'                        
6  3 'Structure model' '_database_2.pdbx_database_accession'         
7  3 'Structure model' '_pdbx_struct_conn_angle.ptnr1_auth_comp_id'  
8  3 'Structure model' '_pdbx_struct_conn_angle.ptnr1_auth_seq_id'   
9  3 'Structure model' '_pdbx_struct_conn_angle.ptnr1_label_alt_id'  
10 3 'Structure model' '_pdbx_struct_conn_angle.ptnr1_label_asym_id' 
11 3 'Structure model' '_pdbx_struct_conn_angle.ptnr1_label_atom_id' 
12 3 'Structure model' '_pdbx_struct_conn_angle.ptnr1_label_comp_id' 
13 3 'Structure model' '_pdbx_struct_conn_angle.ptnr1_label_seq_id'  
14 3 'Structure model' '_pdbx_struct_conn_angle.ptnr1_symmetry'      
15 3 'Structure model' '_pdbx_struct_conn_angle.ptnr2_auth_seq_id'   
16 3 'Structure model' '_pdbx_struct_conn_angle.ptnr2_label_asym_id' 
17 3 'Structure model' '_pdbx_struct_conn_angle.ptnr2_symmetry'      
18 3 'Structure model' '_pdbx_struct_conn_angle.ptnr3_auth_asym_id'  
19 3 'Structure model' '_pdbx_struct_conn_angle.ptnr3_auth_comp_id'  
20 3 'Structure model' '_pdbx_struct_conn_angle.ptnr3_auth_seq_id'   
21 3 'Structure model' '_pdbx_struct_conn_angle.ptnr3_label_alt_id'  
22 3 'Structure model' '_pdbx_struct_conn_angle.ptnr3_label_asym_id' 
23 3 'Structure model' '_pdbx_struct_conn_angle.ptnr3_label_atom_id' 
24 3 'Structure model' '_pdbx_struct_conn_angle.ptnr3_label_comp_id' 
25 3 'Structure model' '_pdbx_struct_conn_angle.ptnr3_label_seq_id'  
26 3 'Structure model' '_pdbx_struct_conn_angle.ptnr3_symmetry'      
27 3 'Structure model' '_pdbx_struct_conn_angle.value'               
28 3 'Structure model' '_struct_conn.pdbx_dist_value'                
29 3 'Structure model' '_struct_conn.pdbx_ptnr1_label_alt_id'        
30 3 'Structure model' '_struct_conn.ptnr1_auth_comp_id'             
31 3 'Structure model' '_struct_conn.ptnr1_auth_seq_id'              
32 3 'Structure model' '_struct_conn.ptnr1_label_asym_id'            
33 3 'Structure model' '_struct_conn.ptnr1_label_atom_id'            
34 3 'Structure model' '_struct_conn.ptnr1_label_comp_id'            
35 3 'Structure model' '_struct_conn.ptnr1_label_seq_id'             
36 3 'Structure model' '_struct_conn.ptnr2_auth_comp_id'             
37 3 'Structure model' '_struct_conn.ptnr2_auth_seq_id'              
38 3 'Structure model' '_struct_conn.ptnr2_label_asym_id'            
39 3 'Structure model' '_struct_conn.ptnr2_label_atom_id'            
40 3 'Structure model' '_struct_conn.ptnr2_label_comp_id'            
41 3 'Structure model' '_struct_conn.ptnr2_symmetry'                 
# 
_pdbx_database_status.status_code                     REL 
_pdbx_database_status.status_code_sf                  REL 
_pdbx_database_status.status_code_mr                  ? 
_pdbx_database_status.entry_id                        6JX3 
_pdbx_database_status.recvd_initial_deposition_date   2019-04-22 
_pdbx_database_status.SG_entry                        N 
_pdbx_database_status.deposit_site                    PDBJ 
_pdbx_database_status.process_site                    PDBJ 
_pdbx_database_status.status_code_cs                  ? 
_pdbx_database_status.methods_development_category    ? 
_pdbx_database_status.pdb_format_compatible           Y 
_pdbx_database_status.status_code_nmr_data            ? 
# 
loop_
_audit_author.name 
_audit_author.pdbx_ordinal 
_audit_author.identifier_ORCID 
'Sumida, T.' 1 ? 
'Tagami, S.' 2 ? 
# 
_citation.abstract                  ? 
_citation.abstract_id_CAS           ? 
_citation.book_id_ISBN              ? 
_citation.book_publisher            ? 
_citation.book_publisher_city       ? 
_citation.book_title                ? 
_citation.coordinate_linkage        ? 
_citation.country                   US 
_citation.database_id_Medline       ? 
_citation.details                   ? 
_citation.id                        primary 
_citation.journal_abbrev            'Acs Chem.Biol.' 
_citation.journal_id_ASTM           ? 
_citation.journal_id_CSD            ? 
_citation.journal_id_ISSN           1554-8937 
_citation.journal_full              ? 
_citation.journal_issue             ? 
_citation.journal_volume            14 
_citation.language                  ? 
_citation.page_first                1619 
_citation.page_last                 1627 
_citation.title                     'Structural Basis of Leader Peptide Recognition in Lasso Peptide Biosynthesis Pathway.' 
_citation.year                      2019 
_citation.database_id_CSD           ? 
_citation.pdbx_database_id_DOI      10.1021/acschembio.9b00348 
_citation.pdbx_database_id_PubMed   31188556 
_citation.unpublished_flag          ? 
# 
loop_
_citation_author.citation_id 
_citation_author.name 
_citation_author.ordinal 
_citation_author.identifier_ORCID 
primary 'Sumida, T.'    1 ? 
primary 'Dubiley, S.'   2 ? 
primary 'Wilcox, B.'    3 ? 
primary 'Severinov, K.' 4 ? 
primary 'Tagami, S.'    5 ? 
# 
loop_
_entity.id 
_entity.type 
_entity.src_method 
_entity.pdbx_description 
_entity.formula_weight 
_entity.pdbx_number_of_molecules 
_entity.pdbx_ec 
_entity.pdbx_mutation 
_entity.pdbx_fragment 
_entity.details 
1 polymer     man TfuB1       10849.984 1   ? ? ? ? 
2 polymer     syn TfuA-Leader 2459.876  1   ? ? ? ? 
3 non-polymer syn 'ZINC ION'  65.409    7   ? ? ? ? 
4 water       nat water       18.015    126 ? ? ? ? 
# 
_entity_name_com.entity_id   1 
_entity_name_com.name        'Uncharacterized protein' 
# 
loop_
_entity_poly.entity_id 
_entity_poly.type 
_entity_poly.nstd_linkage 
_entity_poly.nstd_monomer 
_entity_poly.pdbx_seq_one_letter_code 
_entity_poly.pdbx_seq_one_letter_code_can 
_entity_poly.pdbx_strand_id 
_entity_poly.pdbx_target_identifier 
1 'polypeptide(L)' no no 
;GPVSSKEQTVETTGAEFRLRPEISVAQTDYGMVLLDGRSGEYWQLNDTAALIVQRLLDGHSPADVAQFLTSEYEVERTDA
ERDIAALVTSLKENGMALP
;
;GPVSSKEQTVETTGAEFRLRPEISVAQTDYGMVLLDGRSGEYWQLNDTAALIVQRLLDGHSPADVAQFLTSEYEVERTDA
ERDIAALVTSLKENGMALP
;
B ? 
2 'polypeptide(L)' no no MEKKKYTAPQLAKVGEFKEATG                                                                                 
MEKKKYTAPQLAKVGEFKEATG                                                                                 A ? 
# 
loop_
_pdbx_entity_nonpoly.entity_id 
_pdbx_entity_nonpoly.name 
_pdbx_entity_nonpoly.comp_id 
3 'ZINC ION' ZN  
4 water      HOH 
# 
loop_
_entity_poly_seq.entity_id 
_entity_poly_seq.num 
_entity_poly_seq.mon_id 
_entity_poly_seq.hetero 
1 1  GLY n 
1 2  PRO n 
1 3  VAL n 
1 4  SER n 
1 5  SER n 
1 6  LYS n 
1 7  GLU n 
1 8  GLN n 
1 9  THR n 
1 10 VAL n 
1 11 GLU n 
1 12 THR n 
1 13 THR n 
1 14 GLY n 
1 15 ALA n 
1 16 GLU n 
1 17 PHE n 
1 18 ARG n 
1 19 LEU n 
1 20 ARG n 
1 21 PRO n 
1 22 GLU n 
1 23 ILE n 
1 24 SER n 
1 25 VAL n 
1 26 ALA n 
1 27 GLN n 
1 28 THR n 
1 29 ASP n 
1 30 TYR n 
1 31 GLY n 
1 32 MET n 
1 33 VAL n 
1 34 LEU n 
1 35 LEU n 
1 36 ASP n 
1 37 GLY n 
1 38 ARG n 
1 39 SER n 
1 40 GLY n 
1 41 GLU n 
1 42 TYR n 
1 43 TRP n 
1 44 GLN n 
1 45 LEU n 
1 46 ASN n 
1 47 ASP n 
1 48 THR n 
1 49 ALA n 
1 50 ALA n 
1 51 LEU n 
1 52 ILE n 
1 53 VAL n 
1 54 GLN n 
1 55 ARG n 
1 56 LEU n 
1 57 LEU n 
1 58 ASP n 
1 59 GLY n 
1 60 HIS n 
1 61 SER n 
1 62 PRO n 
1 63 ALA n 
1 64 ASP n 
1 65 VAL n 
1 66 ALA n 
1 67 GLN n 
1 68 PHE n 
1 69 LEU n 
1 70 THR n 
1 71 SER n 
1 72 GLU n 
1 73 TYR n 
1 74 GLU n 
1 75 VAL n 
1 76 GLU n 
1 77 ARG n 
1 78 THR n 
1 79 ASP n 
1 80 ALA n 
1 81 GLU n 
1 82 ARG n 
1 83 ASP n 
1 84 ILE n 
1 85 ALA n 
1 86 ALA n 
1 87 LEU n 
1 88 VAL n 
1 89 THR n 
1 90 SER n 
1 91 LEU n 
1 92 LYS n 
1 93 GLU n 
1 94 ASN n 
1 95 GLY n 
1 96 MET n 
1 97 ALA n 
1 98 LEU n 
1 99 PRO n 
2 1  MET n 
2 2  GLU n 
2 3  LYS n 
2 4  LYS n 
2 5  LYS n 
2 6  TYR n 
2 7  THR n 
2 8  ALA n 
2 9  PRO n 
2 10 GLN n 
2 11 LEU n 
2 12 ALA n 
2 13 LYS n 
2 14 VAL n 
2 15 GLY n 
2 16 GLU n 
2 17 PHE n 
2 18 LYS n 
2 19 GLU n 
2 20 ALA n 
2 21 THR n 
2 22 GLY n 
# 
_entity_src_gen.entity_id                          1 
_entity_src_gen.pdbx_src_id                        1 
_entity_src_gen.pdbx_alt_source_flag               sample 
_entity_src_gen.pdbx_seq_type                      'Biological sequence' 
_entity_src_gen.pdbx_beg_seq_num                   1 
_entity_src_gen.pdbx_end_seq_num                   99 
_entity_src_gen.gene_src_common_name               ? 
_entity_src_gen.gene_src_genus                     ? 
_entity_src_gen.pdbx_gene_src_gene                 ? 
_entity_src_gen.gene_src_species                   ? 
_entity_src_gen.gene_src_strain                    YX 
_entity_src_gen.gene_src_tissue                    ? 
_entity_src_gen.gene_src_tissue_fraction           ? 
_entity_src_gen.gene_src_details                   ? 
_entity_src_gen.pdbx_gene_src_fragment             ? 
_entity_src_gen.pdbx_gene_src_scientific_name      'Thermobifida fusca' 
_entity_src_gen.pdbx_gene_src_ncbi_taxonomy_id     2021 
_entity_src_gen.pdbx_gene_src_variant              ? 
_entity_src_gen.pdbx_gene_src_cell_line            ? 
_entity_src_gen.pdbx_gene_src_atcc                 ? 
_entity_src_gen.pdbx_gene_src_organ                ? 
_entity_src_gen.pdbx_gene_src_organelle            ? 
_entity_src_gen.pdbx_gene_src_cell                 ? 
_entity_src_gen.pdbx_gene_src_cellular_location    ? 
_entity_src_gen.host_org_common_name               ? 
_entity_src_gen.pdbx_host_org_scientific_name      'Escherichia coli' 
_entity_src_gen.pdbx_host_org_ncbi_taxonomy_id     562 
_entity_src_gen.host_org_genus                     ? 
_entity_src_gen.pdbx_host_org_gene                 ? 
_entity_src_gen.pdbx_host_org_organ                ? 
_entity_src_gen.host_org_species                   ? 
_entity_src_gen.pdbx_host_org_tissue               ? 
_entity_src_gen.pdbx_host_org_tissue_fraction      ? 
_entity_src_gen.pdbx_host_org_strain               ? 
_entity_src_gen.pdbx_host_org_variant              ? 
_entity_src_gen.pdbx_host_org_cell_line            ? 
_entity_src_gen.pdbx_host_org_atcc                 ? 
_entity_src_gen.pdbx_host_org_culture_collection   ? 
_entity_src_gen.pdbx_host_org_cell                 ? 
_entity_src_gen.pdbx_host_org_organelle            ? 
_entity_src_gen.pdbx_host_org_cellular_location    ? 
_entity_src_gen.pdbx_host_org_vector_type          ? 
_entity_src_gen.pdbx_host_org_vector               ? 
_entity_src_gen.host_org_details                   ? 
_entity_src_gen.expression_system_id               ? 
_entity_src_gen.plasmid_name                       ? 
_entity_src_gen.plasmid_details                    ? 
_entity_src_gen.pdbx_description                   ? 
# 
_pdbx_entity_src_syn.entity_id              2 
_pdbx_entity_src_syn.pdbx_src_id            1 
_pdbx_entity_src_syn.pdbx_alt_source_flag   sample 
_pdbx_entity_src_syn.pdbx_beg_seq_num       1 
_pdbx_entity_src_syn.pdbx_end_seq_num       22 
_pdbx_entity_src_syn.organism_scientific    'Thermobifida fusca' 
_pdbx_entity_src_syn.organism_common_name   ? 
_pdbx_entity_src_syn.ncbi_taxonomy_id       2021 
_pdbx_entity_src_syn.details                ? 
# 
loop_
_chem_comp.id 
_chem_comp.type 
_chem_comp.mon_nstd_flag 
_chem_comp.name 
_chem_comp.pdbx_synonyms 
_chem_comp.formula 
_chem_comp.formula_weight 
ALA 'L-peptide linking' y ALANINE         ? 'C3 H7 N O2'     89.093  
ARG 'L-peptide linking' y ARGININE        ? 'C6 H15 N4 O2 1' 175.209 
ASN 'L-peptide linking' y ASPARAGINE      ? 'C4 H8 N2 O3'    132.118 
ASP 'L-peptide linking' y 'ASPARTIC ACID' ? 'C4 H7 N O4'     133.103 
GLN 'L-peptide linking' y GLUTAMINE       ? 'C5 H10 N2 O3'   146.144 
GLU 'L-peptide linking' y 'GLUTAMIC ACID' ? 'C5 H9 N O4'     147.129 
GLY 'peptide linking'   y GLYCINE         ? 'C2 H5 N O2'     75.067  
HIS 'L-peptide linking' y HISTIDINE       ? 'C6 H10 N3 O2 1' 156.162 
HOH non-polymer         . WATER           ? 'H2 O'           18.015  
ILE 'L-peptide linking' y ISOLEUCINE      ? 'C6 H13 N O2'    131.173 
LEU 'L-peptide linking' y LEUCINE         ? 'C6 H13 N O2'    131.173 
LYS 'L-peptide linking' y LYSINE          ? 'C6 H15 N2 O2 1' 147.195 
MET 'L-peptide linking' y METHIONINE      ? 'C5 H11 N O2 S'  149.211 
PHE 'L-peptide linking' y PHENYLALANINE   ? 'C9 H11 N O2'    165.189 
PRO 'L-peptide linking' y PROLINE         ? 'C5 H9 N O2'     115.130 
SER 'L-peptide linking' y SERINE          ? 'C3 H7 N O3'     105.093 
THR 'L-peptide linking' y THREONINE       ? 'C4 H9 N O3'     119.119 
TRP 'L-peptide linking' y TRYPTOPHAN      ? 'C11 H12 N2 O2'  204.225 
TYR 'L-peptide linking' y TYROSINE        ? 'C9 H11 N O3'    181.189 
VAL 'L-peptide linking' y VALINE          ? 'C5 H11 N O2'    117.146 
ZN  non-polymer         . 'ZINC ION'      ? 'Zn 2'           65.409  
# 
loop_
_pdbx_poly_seq_scheme.asym_id 
_pdbx_poly_seq_scheme.entity_id 
_pdbx_poly_seq_scheme.seq_id 
_pdbx_poly_seq_scheme.mon_id 
_pdbx_poly_seq_scheme.ndb_seq_num 
_pdbx_poly_seq_scheme.pdb_seq_num 
_pdbx_poly_seq_scheme.auth_seq_num 
_pdbx_poly_seq_scheme.pdb_mon_id 
_pdbx_poly_seq_scheme.auth_mon_id 
_pdbx_poly_seq_scheme.pdb_strand_id 
_pdbx_poly_seq_scheme.pdb_ins_code 
_pdbx_poly_seq_scheme.hetero 
A 1 1  GLY 1  -8  ?   ?   ?   B . n 
A 1 2  PRO 2  -7  ?   ?   ?   B . n 
A 1 3  VAL 3  -6  ?   ?   ?   B . n 
A 1 4  SER 4  -5  ?   ?   ?   B . n 
A 1 5  SER 5  -4  ?   ?   ?   B . n 
A 1 6  LYS 6  -3  ?   ?   ?   B . n 
A 1 7  GLU 7  -2  ?   ?   ?   B . n 
A 1 8  GLN 8  -1  ?   ?   ?   B . n 
A 1 9  THR 9  0   ?   ?   ?   B . n 
A 1 10 VAL 10 1   ?   ?   ?   B . n 
A 1 11 GLU 11 2   ?   ?   ?   B . n 
A 1 12 THR 12 3   ?   ?   ?   B . n 
A 1 13 THR 13 4   ?   ?   ?   B . n 
A 1 14 GLY 14 5   ?   ?   ?   B . n 
A 1 15 ALA 15 6   6   ALA ALA B . n 
A 1 16 GLU 16 7   7   GLU GLU B . n 
A 1 17 PHE 17 8   8   PHE PHE B . n 
A 1 18 ARG 18 9   9   ARG ARG B . n 
A 1 19 LEU 19 10  10  LEU LEU B . n 
A 1 20 ARG 20 11  11  ARG ARG B . n 
A 1 21 PRO 21 12  12  PRO PRO B . n 
A 1 22 GLU 22 13  13  GLU GLU B . n 
A 1 23 ILE 23 14  14  ILE ILE B . n 
A 1 24 SER 24 15  15  SER SER B . n 
A 1 25 VAL 25 16  16  VAL VAL B . n 
A 1 26 ALA 26 17  17  ALA ALA B . n 
A 1 27 GLN 27 18  18  GLN GLN B . n 
A 1 28 THR 28 19  19  THR THR B . n 
A 1 29 ASP 29 20  20  ASP ASP B . n 
A 1 30 TYR 30 21  21  TYR TYR B . n 
A 1 31 GLY 31 22  22  GLY GLY B . n 
A 1 32 MET 32 23  23  MET MET B . n 
A 1 33 VAL 33 24  24  VAL VAL B . n 
A 1 34 LEU 34 25  25  LEU LEU B . n 
A 1 35 LEU 35 26  26  LEU LEU B . n 
A 1 36 ASP 36 27  27  ASP ASP B . n 
A 1 37 GLY 37 28  28  GLY GLY B . n 
A 1 38 ARG 38 29  29  ARG ARG B . n 
A 1 39 SER 39 30  30  SER SER B . n 
A 1 40 GLY 40 31  31  GLY GLY B . n 
A 1 41 GLU 41 32  32  GLU GLU B . n 
A 1 42 TYR 42 33  33  TYR TYR B . n 
A 1 43 TRP 43 34  34  TRP TRP B . n 
A 1 44 GLN 44 35  35  GLN GLN B . n 
A 1 45 LEU 45 36  36  LEU LEU B . n 
A 1 46 ASN 46 37  37  ASN ASN B . n 
A 1 47 ASP 47 38  38  ASP ASP B . n 
A 1 48 THR 48 39  39  THR THR B . n 
A 1 49 ALA 49 40  40  ALA ALA B . n 
A 1 50 ALA 50 41  41  ALA ALA B . n 
A 1 51 LEU 51 42  42  LEU LEU B . n 
A 1 52 ILE 52 43  43  ILE ILE B . n 
A 1 53 VAL 53 44  44  VAL VAL B . n 
A 1 54 GLN 54 45  45  GLN GLN B . n 
A 1 55 ARG 55 46  46  ARG ARG B . n 
A 1 56 LEU 56 47  47  LEU LEU B . n 
A 1 57 LEU 57 48  48  LEU LEU B . n 
A 1 58 ASP 58 49  49  ASP ASP B . n 
A 1 59 GLY 59 50  50  GLY GLY B . n 
A 1 60 HIS 60 51  51  HIS HIS B . n 
A 1 61 SER 61 52  52  SER SER B . n 
A 1 62 PRO 62 53  53  PRO PRO B . n 
A 1 63 ALA 63 54  54  ALA ALA B . n 
A 1 64 ASP 64 55  55  ASP ASP B . n 
A 1 65 VAL 65 56  56  VAL VAL B . n 
A 1 66 ALA 66 57  57  ALA ALA B . n 
A 1 67 GLN 67 58  58  GLN GLN B . n 
A 1 68 PHE 68 59  59  PHE PHE B . n 
A 1 69 LEU 69 60  60  LEU LEU B . n 
A 1 70 THR 70 61  61  THR THR B . n 
A 1 71 SER 71 62  62  SER SER B . n 
A 1 72 GLU 72 63  63  GLU GLU B . n 
A 1 73 TYR 73 64  64  TYR TYR B . n 
A 1 74 GLU 74 65  65  GLU GLU B . n 
A 1 75 VAL 75 66  66  VAL VAL B . n 
A 1 76 GLU 76 67  67  GLU GLU B . n 
A 1 77 ARG 77 68  68  ARG ARG B . n 
A 1 78 THR 78 69  69  THR THR B . n 
A 1 79 ASP 79 70  70  ASP ASP B . n 
A 1 80 ALA 80 71  71  ALA ALA B . n 
A 1 81 GLU 81 72  72  GLU GLU B . n 
A 1 82 ARG 82 73  73  ARG ARG B . n 
A 1 83 ASP 83 74  74  ASP ASP B . n 
A 1 84 ILE 84 75  75  ILE ILE B . n 
A 1 85 ALA 85 76  76  ALA ALA B . n 
A 1 86 ALA 86 77  77  ALA ALA B . n 
A 1 87 LEU 87 78  78  LEU LEU B . n 
A 1 88 VAL 88 79  79  VAL VAL B . n 
A 1 89 THR 89 80  80  THR THR B . n 
A 1 90 SER 90 81  81  SER SER B . n 
A 1 91 LEU 91 82  82  LEU LEU B . n 
A 1 92 LYS 92 83  83  LYS LYS B . n 
A 1 93 GLU 93 84  84  GLU GLU B . n 
A 1 94 ASN 94 85  85  ASN ASN B . n 
A 1 95 GLY 95 86  86  GLY GLY B . n 
A 1 96 MET 96 87  87  MET MET B . n 
A 1 97 ALA 97 88  88  ALA ALA B . n 
A 1 98 LEU 98 89  89  LEU LEU B . n 
A 1 99 PRO 99 90  90  PRO PRO B . n 
B 2 1  MET 1  -22 ?   ?   ?   A . n 
B 2 2  GLU 2  -21 ?   ?   ?   A . n 
B 2 3  LYS 3  -20 -20 LYS LYS A . n 
B 2 4  LYS 4  -19 -19 LYS LYS A . n 
B 2 5  LYS 5  -18 -18 LYS LYS A . n 
B 2 6  TYR 6  -17 -17 TYR TYR A . n 
B 2 7  THR 7  -16 -16 THR THR A . n 
B 2 8  ALA 8  -15 -15 ALA ALA A . n 
B 2 9  PRO 9  -14 -14 PRO PRO A . n 
B 2 10 GLN 10 -13 -13 GLN GLN A . n 
B 2 11 LEU 11 -12 -12 LEU LEU A . n 
B 2 12 ALA 12 -11 -11 ALA ALA A . n 
B 2 13 LYS 13 -10 -10 LYS LYS A . n 
B 2 14 VAL 14 -9  -9  VAL VAL A . n 
B 2 15 GLY 15 -8  -8  GLY GLY A . n 
B 2 16 GLU 16 -7  -7  GLU GLU A . n 
B 2 17 PHE 17 -6  -6  PHE PHE A . n 
B 2 18 LYS 18 -5  -5  LYS LYS A . n 
B 2 19 GLU 19 -4  -4  GLU GLU A . n 
B 2 20 ALA 20 -3  -3  ALA ALA A . n 
B 2 21 THR 21 -2  ?   ?   ?   A . n 
B 2 22 GLY 22 -1  ?   ?   ?   A . n 
# 
loop_
_pdbx_nonpoly_scheme.asym_id 
_pdbx_nonpoly_scheme.entity_id 
_pdbx_nonpoly_scheme.mon_id 
_pdbx_nonpoly_scheme.ndb_seq_num 
_pdbx_nonpoly_scheme.pdb_seq_num 
_pdbx_nonpoly_scheme.auth_seq_num 
_pdbx_nonpoly_scheme.pdb_mon_id 
_pdbx_nonpoly_scheme.auth_mon_id 
_pdbx_nonpoly_scheme.pdb_strand_id 
_pdbx_nonpoly_scheme.pdb_ins_code 
C 3 ZN  1  101 1   ZN  ZN  B . 
D 3 ZN  1  102 2   ZN  ZN  B . 
E 3 ZN  1  103 3   ZN  ZN  B . 
F 3 ZN  1  104 4   ZN  ZN  B . 
G 3 ZN  1  105 5   ZN  ZN  B . 
H 3 ZN  1  106 6   ZN  ZN  B . 
I 3 ZN  1  107 7   ZN  ZN  B . 
J 4 HOH 1  201 143 HOH HOH B . 
J 4 HOH 2  202 165 HOH HOH B . 
J 4 HOH 3  203 154 HOH HOH B . 
J 4 HOH 4  204 55  HOH HOH B . 
J 4 HOH 5  205 132 HOH HOH B . 
J 4 HOH 6  206 48  HOH HOH B . 
J 4 HOH 7  207 38  HOH HOH B . 
J 4 HOH 8  208 57  HOH HOH B . 
J 4 HOH 9  209 26  HOH HOH B . 
J 4 HOH 10 210 83  HOH HOH B . 
J 4 HOH 11 211 25  HOH HOH B . 
J 4 HOH 12 212 5   HOH HOH B . 
J 4 HOH 13 213 64  HOH HOH B . 
J 4 HOH 14 214 34  HOH HOH B . 
J 4 HOH 15 215 7   HOH HOH B . 
J 4 HOH 16 216 41  HOH HOH B . 
J 4 HOH 17 217 49  HOH HOH B . 
J 4 HOH 18 218 105 HOH HOH B . 
J 4 HOH 19 219 17  HOH HOH B . 
J 4 HOH 20 220 39  HOH HOH B . 
J 4 HOH 21 221 75  HOH HOH B . 
J 4 HOH 22 222 29  HOH HOH B . 
J 4 HOH 23 223 9   HOH HOH B . 
J 4 HOH 24 224 19  HOH HOH B . 
J 4 HOH 25 225 98  HOH HOH B . 
J 4 HOH 26 226 72  HOH HOH B . 
J 4 HOH 27 227 43  HOH HOH B . 
J 4 HOH 28 228 6   HOH HOH B . 
J 4 HOH 29 229 18  HOH HOH B . 
J 4 HOH 30 230 40  HOH HOH B . 
J 4 HOH 31 231 37  HOH HOH B . 
J 4 HOH 32 232 13  HOH HOH B . 
J 4 HOH 33 233 24  HOH HOH B . 
J 4 HOH 34 234 2   HOH HOH B . 
J 4 HOH 35 235 22  HOH HOH B . 
J 4 HOH 36 236 91  HOH HOH B . 
J 4 HOH 37 237 23  HOH HOH B . 
J 4 HOH 38 238 42  HOH HOH B . 
J 4 HOH 39 239 144 HOH HOH B . 
J 4 HOH 40 240 21  HOH HOH B . 
J 4 HOH 41 241 3   HOH HOH B . 
J 4 HOH 42 242 11  HOH HOH B . 
J 4 HOH 43 243 63  HOH HOH B . 
J 4 HOH 44 244 101 HOH HOH B . 
J 4 HOH 45 245 113 HOH HOH B . 
J 4 HOH 46 246 65  HOH HOH B . 
J 4 HOH 47 247 52  HOH HOH B . 
J 4 HOH 48 248 27  HOH HOH B . 
J 4 HOH 49 249 82  HOH HOH B . 
J 4 HOH 50 250 36  HOH HOH B . 
J 4 HOH 51 251 88  HOH HOH B . 
J 4 HOH 52 252 120 HOH HOH B . 
J 4 HOH 53 253 4   HOH HOH B . 
J 4 HOH 54 254 152 HOH HOH B . 
J 4 HOH 55 255 84  HOH HOH B . 
J 4 HOH 56 256 32  HOH HOH B . 
J 4 HOH 57 257 28  HOH HOH B . 
J 4 HOH 58 258 45  HOH HOH B . 
J 4 HOH 59 259 59  HOH HOH B . 
J 4 HOH 60 260 16  HOH HOH B . 
J 4 HOH 61 261 164 HOH HOH B . 
J 4 HOH 62 262 80  HOH HOH B . 
J 4 HOH 63 263 44  HOH HOH B . 
J 4 HOH 64 264 1   HOH HOH B . 
J 4 HOH 65 265 30  HOH HOH B . 
J 4 HOH 66 266 140 HOH HOH B . 
J 4 HOH 67 267 68  HOH HOH B . 
J 4 HOH 68 268 53  HOH HOH B . 
J 4 HOH 69 269 35  HOH HOH B . 
J 4 HOH 70 270 90  HOH HOH B . 
J 4 HOH 71 271 141 HOH HOH B . 
J 4 HOH 72 272 70  HOH HOH B . 
J 4 HOH 73 273 160 HOH HOH B . 
J 4 HOH 74 274 60  HOH HOH B . 
J 4 HOH 75 275 31  HOH HOH B . 
J 4 HOH 76 276 20  HOH HOH B . 
J 4 HOH 77 277 116 HOH HOH B . 
J 4 HOH 78 278 97  HOH HOH B . 
J 4 HOH 79 279 121 HOH HOH B . 
J 4 HOH 80 280 10  HOH HOH B . 
J 4 HOH 81 281 138 HOH HOH B . 
J 4 HOH 82 282 77  HOH HOH B . 
J 4 HOH 83 283 112 HOH HOH B . 
J 4 HOH 84 284 46  HOH HOH B . 
J 4 HOH 85 285 73  HOH HOH B . 
J 4 HOH 86 286 79  HOH HOH B . 
J 4 HOH 87 287 102 HOH HOH B . 
J 4 HOH 88 288 104 HOH HOH B . 
J 4 HOH 89 289 139 HOH HOH B . 
J 4 HOH 90 290 137 HOH HOH B . 
J 4 HOH 91 291 166 HOH HOH B . 
J 4 HOH 92 292 109 HOH HOH B . 
J 4 HOH 93 293 131 HOH HOH B . 
K 4 HOH 1  101 162 HOH HOH A . 
K 4 HOH 2  102 151 HOH HOH A . 
K 4 HOH 3  103 108 HOH HOH A . 
K 4 HOH 4  104 61  HOH HOH A . 
K 4 HOH 5  105 54  HOH HOH A . 
K 4 HOH 6  106 100 HOH HOH A . 
K 4 HOH 7  107 81  HOH HOH A . 
K 4 HOH 8  108 62  HOH HOH A . 
K 4 HOH 9  109 33  HOH HOH A . 
K 4 HOH 10 110 15  HOH HOH A . 
K 4 HOH 11 111 51  HOH HOH A . 
K 4 HOH 12 112 74  HOH HOH A . 
K 4 HOH 13 113 86  HOH HOH A . 
K 4 HOH 14 114 58  HOH HOH A . 
K 4 HOH 15 115 50  HOH HOH A . 
K 4 HOH 16 116 159 HOH HOH A . 
K 4 HOH 17 117 92  HOH HOH A . 
K 4 HOH 18 118 85  HOH HOH A . 
K 4 HOH 19 119 67  HOH HOH A . 
K 4 HOH 20 120 14  HOH HOH A . 
K 4 HOH 21 121 115 HOH HOH A . 
K 4 HOH 22 122 12  HOH HOH A . 
K 4 HOH 23 123 95  HOH HOH A . 
K 4 HOH 24 124 78  HOH HOH A . 
K 4 HOH 25 125 96  HOH HOH A . 
K 4 HOH 26 126 119 HOH HOH A . 
K 4 HOH 27 127 107 HOH HOH A . 
K 4 HOH 28 128 89  HOH HOH A . 
K 4 HOH 29 129 47  HOH HOH A . 
K 4 HOH 30 130 157 HOH HOH A . 
K 4 HOH 31 131 66  HOH HOH A . 
K 4 HOH 32 132 76  HOH HOH A . 
K 4 HOH 33 133 163 HOH HOH A . 
# 
loop_
_software.citation_id 
_software.classification 
_software.compiler_name 
_software.compiler_version 
_software.contact_author 
_software.contact_author_email 
_software.date 
_software.description 
_software.dependencies 
_software.hardware 
_software.language 
_software.location 
_software.mods 
_software.name 
_software.os 
_software.os_version 
_software.type 
_software.version 
_software.pdbx_ordinal 
? refinement        ? ? ? ? ? ? ? ? ? ? ? PHENIX      ? ? ? 1.11.1_2575 1 
? 'data reduction'  ? ? ? ? ? ? ? ? ? ? ? XDS         ? ? ? .           2 
? 'data scaling'    ? ? ? ? ? ? ? ? ? ? ? XSCALE      ? ? ? .           3 
? 'data extraction' ? ? ? ? ? ? ? ? ? ? ? PDB_EXTRACT ? ? ? 3.24        4 
? phasing           ? ? ? ? ? ? ? ? ? ? ? AutoSol     ? ? ? .           5 
# 
_cell.angle_alpha                  90.000 
_cell.angle_alpha_esd              ? 
_cell.angle_beta                   90.000 
_cell.angle_beta_esd               ? 
_cell.angle_gamma                  90.000 
_cell.angle_gamma_esd              ? 
_cell.entry_id                     6JX3 
_cell.details                      ? 
_cell.formula_units_Z              ? 
_cell.length_a                     48.960 
_cell.length_a_esd                 ? 
_cell.length_b                     90.300 
_cell.length_b_esd                 ? 
_cell.length_c                     58.380 
_cell.length_c_esd                 ? 
_cell.volume                       ? 
_cell.volume_esd                   ? 
_cell.Z_PDB                        8 
_cell.reciprocal_angle_alpha       ? 
_cell.reciprocal_angle_beta        ? 
_cell.reciprocal_angle_gamma       ? 
_cell.reciprocal_angle_alpha_esd   ? 
_cell.reciprocal_angle_beta_esd    ? 
_cell.reciprocal_angle_gamma_esd   ? 
_cell.reciprocal_length_a          ? 
_cell.reciprocal_length_b          ? 
_cell.reciprocal_length_c          ? 
_cell.reciprocal_length_a_esd      ? 
_cell.reciprocal_length_b_esd      ? 
_cell.reciprocal_length_c_esd      ? 
_cell.pdbx_unique_axis             ? 
# 
_symmetry.entry_id                         6JX3 
_symmetry.cell_setting                     ? 
_symmetry.Int_Tables_number                20 
_symmetry.space_group_name_Hall            ? 
_symmetry.space_group_name_H-M             'C 2 2 21' 
_symmetry.pdbx_full_space_group_name_H-M   ? 
# 
_exptl.absorpt_coefficient_mu     ? 
_exptl.absorpt_correction_T_max   ? 
_exptl.absorpt_correction_T_min   ? 
_exptl.absorpt_correction_type    ? 
_exptl.absorpt_process_details    ? 
_exptl.entry_id                   6JX3 
_exptl.crystals_number            1 
_exptl.details                    ? 
_exptl.method                     'X-RAY DIFFRACTION' 
_exptl.method_details             ? 
# 
_exptl_crystal.colour                      ? 
_exptl_crystal.density_diffrn              ? 
_exptl_crystal.density_Matthews            2.42 
_exptl_crystal.density_method              ? 
_exptl_crystal.density_percent_sol         49.26 
_exptl_crystal.description                 ? 
_exptl_crystal.F_000                       ? 
_exptl_crystal.id                          1 
_exptl_crystal.preparation                 ? 
_exptl_crystal.size_max                    ? 
_exptl_crystal.size_mid                    ? 
_exptl_crystal.size_min                    ? 
_exptl_crystal.size_rad                    ? 
_exptl_crystal.colour_lustre               ? 
_exptl_crystal.colour_modifier             ? 
_exptl_crystal.colour_primary              ? 
_exptl_crystal.density_meas                ? 
_exptl_crystal.density_meas_esd            ? 
_exptl_crystal.density_meas_gt             ? 
_exptl_crystal.density_meas_lt             ? 
_exptl_crystal.density_meas_temp           ? 
_exptl_crystal.density_meas_temp_esd       ? 
_exptl_crystal.density_meas_temp_gt        ? 
_exptl_crystal.density_meas_temp_lt        ? 
_exptl_crystal.pdbx_crystal_image_url      ? 
_exptl_crystal.pdbx_crystal_image_format   ? 
_exptl_crystal.pdbx_mosaicity              ? 
_exptl_crystal.pdbx_mosaicity_esd          ? 
# 
_exptl_crystal_grow.apparatus       ? 
_exptl_crystal_grow.atmosphere      ? 
_exptl_crystal_grow.crystal_id      1 
_exptl_crystal_grow.details         ? 
_exptl_crystal_grow.method          'VAPOR DIFFUSION' 
_exptl_crystal_grow.method_ref      ? 
_exptl_crystal_grow.pH              ? 
_exptl_crystal_grow.pressure        ? 
_exptl_crystal_grow.pressure_esd    ? 
_exptl_crystal_grow.seeding         ? 
_exptl_crystal_grow.seeding_ref     ? 
_exptl_crystal_grow.temp            293 
_exptl_crystal_grow.temp_details    ? 
_exptl_crystal_grow.temp_esd        ? 
_exptl_crystal_grow.time            ? 
_exptl_crystal_grow.pdbx_details    '15% (v/v) Ethanol, 100 mM MES/ Sodium hydroxide pH 6.0, 200 mM Zinc acetate' 
_exptl_crystal_grow.pdbx_pH_range   ? 
# 
_diffrn.ambient_environment              ? 
_diffrn.ambient_temp                     100 
_diffrn.ambient_temp_details             ? 
_diffrn.ambient_temp_esd                 ? 
_diffrn.crystal_id                       1 
_diffrn.crystal_support                  ? 
_diffrn.crystal_treatment                ? 
_diffrn.details                          ? 
_diffrn.id                               1 
_diffrn.ambient_pressure                 ? 
_diffrn.ambient_pressure_esd             ? 
_diffrn.ambient_pressure_gt              ? 
_diffrn.ambient_pressure_lt              ? 
_diffrn.ambient_temp_gt                  ? 
_diffrn.ambient_temp_lt                  ? 
_diffrn.pdbx_serial_crystal_experiment   N 
# 
_diffrn_detector.details                      ? 
_diffrn_detector.detector                     PIXEL 
_diffrn_detector.diffrn_id                    1 
_diffrn_detector.type                         'DECTRIS EIGER X 9M' 
_diffrn_detector.area_resol_mean              ? 
_diffrn_detector.dtime                        ? 
_diffrn_detector.pdbx_frames_total            ? 
_diffrn_detector.pdbx_collection_time_total   ? 
_diffrn_detector.pdbx_collection_date         2017-07-16 
_diffrn_detector.pdbx_frequency               ? 
# 
_diffrn_radiation.collimation                      ? 
_diffrn_radiation.diffrn_id                        1 
_diffrn_radiation.filter_edge                      ? 
_diffrn_radiation.inhomogeneity                    ? 
_diffrn_radiation.monochromator                    ? 
_diffrn_radiation.polarisn_norm                    ? 
_diffrn_radiation.polarisn_ratio                   ? 
_diffrn_radiation.probe                            ? 
_diffrn_radiation.type                             ? 
_diffrn_radiation.xray_symbol                      ? 
_diffrn_radiation.wavelength_id                    1 
_diffrn_radiation.pdbx_monochromatic_or_laue_m_l   M 
_diffrn_radiation.pdbx_wavelength_list             ? 
_diffrn_radiation.pdbx_wavelength                  ? 
_diffrn_radiation.pdbx_diffrn_protocol             'SINGLE WAVELENGTH' 
_diffrn_radiation.pdbx_analyzer                    ? 
_diffrn_radiation.pdbx_scattering_type             x-ray 
# 
_diffrn_radiation_wavelength.id           1 
_diffrn_radiation_wavelength.wavelength   1.0000 
_diffrn_radiation_wavelength.wt           1.0 
# 
_diffrn_source.current                     ? 
_diffrn_source.details                     ? 
_diffrn_source.diffrn_id                   1 
_diffrn_source.power                       ? 
_diffrn_source.size                        ? 
_diffrn_source.source                      SYNCHROTRON 
_diffrn_source.target                      ? 
_diffrn_source.type                        'SPRING-8 BEAMLINE BL32XU' 
_diffrn_source.voltage                     ? 
_diffrn_source.take-off_angle              ? 
_diffrn_source.pdbx_wavelength_list        1.0000 
_diffrn_source.pdbx_wavelength             ? 
_diffrn_source.pdbx_synchrotron_beamline   BL32XU 
_diffrn_source.pdbx_synchrotron_site       SPring-8 
# 
_reflns.B_iso_Wilson_estimate            21.000 
_reflns.entry_id                         6JX3 
_reflns.data_reduction_details           ? 
_reflns.data_reduction_method            ? 
_reflns.d_resolution_high                1.7 
_reflns.d_resolution_low                 45.150 
_reflns.details                          ? 
_reflns.limit_h_max                      ? 
_reflns.limit_h_min                      ? 
_reflns.limit_k_max                      ? 
_reflns.limit_k_min                      ? 
_reflns.limit_l_max                      ? 
_reflns.limit_l_min                      ? 
_reflns.number_all                       ? 
_reflns.number_obs                       27376 
_reflns.observed_criterion               ? 
_reflns.observed_criterion_F_max         ? 
_reflns.observed_criterion_F_min         ? 
_reflns.observed_criterion_I_max         ? 
_reflns.observed_criterion_I_min         ? 
_reflns.observed_criterion_sigma_F       ? 
_reflns.observed_criterion_sigma_I       ? 
_reflns.percent_possible_obs             99.5 
_reflns.R_free_details                   ? 
_reflns.Rmerge_F_all                     ? 
_reflns.Rmerge_F_obs                     ? 
_reflns.Friedel_coverage                 ? 
_reflns.number_gt                        ? 
_reflns.threshold_expression             ? 
_reflns.pdbx_redundancy                  3.5 
_reflns.pdbx_Rmerge_I_obs                ? 
_reflns.pdbx_Rmerge_I_all                ? 
_reflns.pdbx_Rsym_value                  0.059 
_reflns.pdbx_netI_over_av_sigmaI         ? 
_reflns.pdbx_netI_over_sigmaI            12.9 
_reflns.pdbx_res_netI_over_av_sigmaI_2   ? 
_reflns.pdbx_res_netI_over_sigmaI_2      ? 
_reflns.pdbx_chi_squared                 ? 
_reflns.pdbx_scaling_rejects             ? 
_reflns.pdbx_d_res_high_opt              ? 
_reflns.pdbx_d_res_low_opt               ? 
_reflns.pdbx_d_res_opt_method            ? 
_reflns.phase_calculation_details        ? 
_reflns.pdbx_Rrim_I_all                  ? 
_reflns.pdbx_Rpim_I_all                  ? 
_reflns.pdbx_d_opt                       ? 
_reflns.pdbx_number_measured_all         ? 
_reflns.pdbx_diffrn_id                   1 
_reflns.pdbx_ordinal                     1 
_reflns.pdbx_CC_half                     ? 
_reflns.pdbx_R_split                     ? 
# 
_reflns_shell.d_res_high                  1.7 
_reflns_shell.d_res_low                   1.74 
_reflns_shell.meanI_over_sigI_all         ? 
_reflns_shell.meanI_over_sigI_obs         2.8 
_reflns_shell.number_measured_all         ? 
_reflns_shell.number_measured_obs         ? 
_reflns_shell.number_possible             ? 
_reflns_shell.number_unique_all           ? 
_reflns_shell.number_unique_obs           2009 
_reflns_shell.percent_possible_all        99.4 
_reflns_shell.percent_possible_obs        ? 
_reflns_shell.Rmerge_F_all                ? 
_reflns_shell.Rmerge_F_obs                ? 
_reflns_shell.Rmerge_I_all                ? 
_reflns_shell.Rmerge_I_obs                ? 
_reflns_shell.meanI_over_sigI_gt          ? 
_reflns_shell.meanI_over_uI_all           ? 
_reflns_shell.meanI_over_uI_gt            ? 
_reflns_shell.number_measured_gt          ? 
_reflns_shell.number_unique_gt            ? 
_reflns_shell.percent_possible_gt         ? 
_reflns_shell.Rmerge_F_gt                 ? 
_reflns_shell.Rmerge_I_gt                 ? 
_reflns_shell.pdbx_redundancy             3.5 
_reflns_shell.pdbx_Rsym_value             0.447 
_reflns_shell.pdbx_chi_squared            ? 
_reflns_shell.pdbx_netI_over_sigmaI_all   ? 
_reflns_shell.pdbx_netI_over_sigmaI_obs   ? 
_reflns_shell.pdbx_Rrim_I_all             ? 
_reflns_shell.pdbx_Rpim_I_all             ? 
_reflns_shell.pdbx_rejects                ? 
_reflns_shell.pdbx_ordinal                1 
_reflns_shell.pdbx_diffrn_id              1 
_reflns_shell.pdbx_CC_half                ? 
_reflns_shell.pdbx_R_split                ? 
# 
_refine.aniso_B[1][1]                            ? 
_refine.aniso_B[1][2]                            ? 
_refine.aniso_B[1][3]                            ? 
_refine.aniso_B[2][2]                            ? 
_refine.aniso_B[2][3]                            ? 
_refine.aniso_B[3][3]                            ? 
_refine.B_iso_max                                78.310 
_refine.B_iso_mean                               25.8790 
_refine.B_iso_min                                11.050 
_refine.correlation_coeff_Fo_to_Fc               ? 
_refine.correlation_coeff_Fo_to_Fc_free          ? 
_refine.details                                  ? 
_refine.diff_density_max                         ? 
_refine.diff_density_max_esd                     ? 
_refine.diff_density_min                         ? 
_refine.diff_density_min_esd                     ? 
_refine.diff_density_rms                         ? 
_refine.diff_density_rms_esd                     ? 
_refine.entry_id                                 6JX3 
_refine.pdbx_refine_id                           'X-RAY DIFFRACTION' 
_refine.ls_abs_structure_details                 ? 
_refine.ls_abs_structure_Flack                   ? 
_refine.ls_abs_structure_Flack_esd               ? 
_refine.ls_abs_structure_Rogers                  ? 
_refine.ls_abs_structure_Rogers_esd              ? 
_refine.ls_d_res_high                            1.7000 
_refine.ls_d_res_low                             45.1500 
_refine.ls_extinction_coef                       ? 
_refine.ls_extinction_coef_esd                   ? 
_refine.ls_extinction_expression                 ? 
_refine.ls_extinction_method                     ? 
_refine.ls_goodness_of_fit_all                   ? 
_refine.ls_goodness_of_fit_all_esd               ? 
_refine.ls_goodness_of_fit_obs                   ? 
_refine.ls_goodness_of_fit_obs_esd               ? 
_refine.ls_hydrogen_treatment                    ? 
_refine.ls_matrix_type                           ? 
_refine.ls_number_constraints                    ? 
_refine.ls_number_parameters                     ? 
_refine.ls_number_reflns_all                     ? 
_refine.ls_number_reflns_obs                     27373 
_refine.ls_number_reflns_R_free                  1370 
_refine.ls_number_reflns_R_work                  ? 
_refine.ls_number_restraints                     ? 
_refine.ls_percent_reflns_obs                    99.4700 
_refine.ls_percent_reflns_R_free                 5.0000 
_refine.ls_R_factor_all                          ? 
_refine.ls_R_factor_obs                          0.1836 
_refine.ls_R_factor_R_free                       0.2067 
_refine.ls_R_factor_R_free_error                 ? 
_refine.ls_R_factor_R_free_error_details         ? 
_refine.ls_R_factor_R_work                       0.1823 
_refine.ls_R_Fsqd_factor_obs                     ? 
_refine.ls_R_I_factor_obs                        ? 
_refine.ls_redundancy_reflns_all                 ? 
_refine.ls_redundancy_reflns_obs                 ? 
_refine.ls_restrained_S_all                      ? 
_refine.ls_restrained_S_obs                      ? 
_refine.ls_shift_over_esd_max                    ? 
_refine.ls_shift_over_esd_mean                   ? 
_refine.ls_structure_factor_coef                 ? 
_refine.ls_weighting_details                     ? 
_refine.ls_weighting_scheme                      ? 
_refine.ls_wR_factor_all                         ? 
_refine.ls_wR_factor_obs                         ? 
_refine.ls_wR_factor_R_free                      ? 
_refine.ls_wR_factor_R_work                      ? 
_refine.occupancy_max                            ? 
_refine.occupancy_min                            ? 
_refine.solvent_model_details                    ? 
_refine.solvent_model_param_bsol                 ? 
_refine.solvent_model_param_ksol                 ? 
_refine.ls_R_factor_gt                           ? 
_refine.ls_goodness_of_fit_gt                    ? 
_refine.ls_goodness_of_fit_ref                   ? 
_refine.ls_shift_over_su_max                     ? 
_refine.ls_shift_over_su_max_lt                  ? 
_refine.ls_shift_over_su_mean                    ? 
_refine.ls_shift_over_su_mean_lt                 ? 
_refine.pdbx_ls_sigma_I                          ? 
_refine.pdbx_ls_sigma_F                          1.150 
_refine.pdbx_ls_sigma_Fsqd                       ? 
_refine.pdbx_data_cutoff_high_absF               ? 
_refine.pdbx_data_cutoff_high_rms_absF           ? 
_refine.pdbx_data_cutoff_low_absF                ? 
_refine.pdbx_isotropic_thermal_model             ? 
_refine.pdbx_ls_cross_valid_method               THROUGHOUT 
_refine.pdbx_method_to_determine_struct          SAD 
_refine.pdbx_starting_model                      ? 
_refine.pdbx_stereochemistry_target_values       ? 
_refine.pdbx_R_Free_selection_details            ? 
_refine.pdbx_stereochem_target_val_spec_case     ? 
_refine.pdbx_overall_ESU_R                       ? 
_refine.pdbx_overall_ESU_R_Free                  ? 
_refine.pdbx_solvent_vdw_probe_radii             1.1100 
_refine.pdbx_solvent_ion_probe_radii             ? 
_refine.pdbx_solvent_shrinkage_radii             0.9000 
_refine.pdbx_real_space_R                        ? 
_refine.pdbx_density_correlation                 ? 
_refine.pdbx_pd_number_of_powder_patterns        ? 
_refine.pdbx_pd_number_of_points                 ? 
_refine.pdbx_pd_meas_number_of_points            ? 
_refine.pdbx_pd_proc_ls_prof_R_factor            ? 
_refine.pdbx_pd_proc_ls_prof_wR_factor           ? 
_refine.pdbx_pd_Marquardt_correlation_coeff      ? 
_refine.pdbx_pd_Fsqrd_R_factor                   ? 
_refine.pdbx_pd_ls_matrix_band_width             ? 
_refine.pdbx_overall_phase_error                 20.3800 
_refine.pdbx_overall_SU_R_free_Cruickshank_DPI   ? 
_refine.pdbx_overall_SU_R_free_Blow_DPI          ? 
_refine.pdbx_overall_SU_R_Blow_DPI               ? 
_refine.pdbx_TLS_residual_ADP_flag               ? 
_refine.pdbx_diffrn_id                           1 
_refine.overall_SU_B                             ? 
_refine.overall_SU_ML                            0.2200 
_refine.overall_SU_R_Cruickshank_DPI             ? 
_refine.overall_SU_R_free                        ? 
_refine.overall_FOM_free_R_set                   ? 
_refine.overall_FOM_work_R_set                   ? 
_refine.pdbx_average_fsc_overall                 ? 
_refine.pdbx_average_fsc_work                    ? 
_refine.pdbx_average_fsc_free                    ? 
# 
_refine_hist.cycle_id                         final 
_refine_hist.pdbx_refine_id                   'X-RAY DIFFRACTION' 
_refine_hist.d_res_high                       1.7000 
_refine_hist.d_res_low                        45.1500 
_refine_hist.pdbx_number_atoms_ligand         7 
_refine_hist.number_atoms_solvent             126 
_refine_hist.number_atoms_total               939 
_refine_hist.pdbx_number_residues_total       103 
_refine_hist.pdbx_B_iso_mean_ligand           25.57 
_refine_hist.pdbx_B_iso_mean_solvent          36.11 
_refine_hist.pdbx_number_atoms_protein        806 
_refine_hist.pdbx_number_atoms_nucleic_acid   0 
# 
loop_
_refine_ls_restr.pdbx_refine_id 
_refine_ls_restr.criterion 
_refine_ls_restr.dev_ideal 
_refine_ls_restr.dev_ideal_target 
_refine_ls_restr.number 
_refine_ls_restr.rejects 
_refine_ls_restr.type 
_refine_ls_restr.weight 
_refine_ls_restr.pdbx_restraint_function 
'X-RAY DIFFRACTION' ? 0.006 ? 848  ? f_bond_d           ? ? 
'X-RAY DIFFRACTION' ? 0.898 ? 1158 ? f_angle_d          ? ? 
'X-RAY DIFFRACTION' ? 0.052 ? 135  ? f_chiral_restr     ? ? 
'X-RAY DIFFRACTION' ? 0.005 ? 151  ? f_plane_restr      ? ? 
'X-RAY DIFFRACTION' ? 7.270 ? 678  ? f_dihedral_angle_d ? ? 
# 
loop_
_refine_ls_shell.pdbx_refine_id 
_refine_ls_shell.d_res_high 
_refine_ls_shell.d_res_low 
_refine_ls_shell.number_reflns_all 
_refine_ls_shell.number_reflns_obs 
_refine_ls_shell.number_reflns_R_free 
_refine_ls_shell.number_reflns_R_work 
_refine_ls_shell.percent_reflns_obs 
_refine_ls_shell.percent_reflns_R_free 
_refine_ls_shell.R_factor_all 
_refine_ls_shell.R_factor_obs 
_refine_ls_shell.R_factor_R_free 
_refine_ls_shell.R_factor_R_free_error 
_refine_ls_shell.R_factor_R_work 
_refine_ls_shell.redundancy_reflns_all 
_refine_ls_shell.redundancy_reflns_obs 
_refine_ls_shell.wR_factor_all 
_refine_ls_shell.wR_factor_obs 
_refine_ls_shell.wR_factor_R_free 
_refine_ls_shell.wR_factor_R_work 
_refine_ls_shell.pdbx_total_number_of_bins_used 
_refine_ls_shell.pdbx_phase_error 
_refine_ls_shell.pdbx_fsc_work 
_refine_ls_shell.pdbx_fsc_free 
'X-RAY DIFFRACTION' 1.7001 1.7608  2748 . 138 2610 99.0000  . . . 0.3529 0.0000 0.3008 . . . . . . 10 . . . 
'X-RAY DIFFRACTION' 1.7608 1.8313  2740 . 132 2608 100.0000 . . . 0.2595 0.0000 0.2209 . . . . . . 10 . . . 
'X-RAY DIFFRACTION' 1.8313 1.9147  2723 . 138 2585 99.0000  . . . 0.2426 0.0000 0.2018 . . . . . . 10 . . . 
'X-RAY DIFFRACTION' 1.9147 2.0156  2721 . 137 2584 100.0000 . . . 0.2315 0.0000 0.1829 . . . . . . 10 . . . 
'X-RAY DIFFRACTION' 2.0156 2.1419  2767 . 136 2631 100.0000 . . . 0.2000 0.0000 0.1773 . . . . . . 10 . . . 
'X-RAY DIFFRACTION' 2.1419 2.3073  2743 . 138 2605 99.0000  . . . 0.2257 0.0000 0.1735 . . . . . . 10 . . . 
'X-RAY DIFFRACTION' 2.3073 2.5395  2732 . 140 2592 99.0000  . . . 0.2040 0.0000 0.1839 . . . . . . 10 . . . 
'X-RAY DIFFRACTION' 2.5395 2.9069  2725 . 138 2587 99.0000  . . . 0.2337 0.0000 0.1826 . . . . . . 10 . . . 
'X-RAY DIFFRACTION' 2.9069 3.6621  2736 . 134 2602 99.0000  . . . 0.1979 0.0000 0.1686 . . . . . . 10 . . . 
'X-RAY DIFFRACTION' 3.6621 45.1659 2738 . 139 2599 99.0000  . . . 0.1707 0.0000 0.1746 . . . . . . 10 . . . 
# 
_struct.entry_id                     6JX3 
_struct.title                        'Lasso peptide synthetase B1 complexed with the leader peptide' 
_struct.pdbx_model_details           ? 
_struct.pdbx_formula_weight          ? 
_struct.pdbx_formula_weight_method   ? 
_struct.pdbx_model_type_details      ? 
_struct.pdbx_CASP_flag               N 
# 
_struct_keywords.entry_id        6JX3 
_struct_keywords.text            'lasso peptide, RRE, PEPTIDE BINDING PROTEIN' 
_struct_keywords.pdbx_keywords   'PEPTIDE BINDING PROTEIN' 
# 
loop_
_struct_asym.id 
_struct_asym.pdbx_blank_PDB_chainid_flag 
_struct_asym.pdbx_modified 
_struct_asym.entity_id 
_struct_asym.details 
A N N 1 ? 
B N N 2 ? 
C N N 3 ? 
D N N 3 ? 
E N N 3 ? 
F N N 3 ? 
G N N 3 ? 
H N N 3 ? 
I N N 3 ? 
J N N 4 ? 
K N N 4 ? 
# 
loop_
_struct_ref.id 
_struct_ref.db_name 
_struct_ref.db_code 
_struct_ref.pdbx_db_accession 
_struct_ref.pdbx_db_isoform 
_struct_ref.entity_id 
_struct_ref.pdbx_seq_one_letter_code 
_struct_ref.pdbx_align_begin 
1 UNP Q47QT5_THEFY Q47QT5 ? 1 
;ETTGAEFRLRPEISVAQTDYGMVLLDGRSGEYWQLNDTAALIVQRLLDGHSPADVAQFLTSEYEVERTDAERDIAALVTS
LKENGMALP
;
2 
2 PDB 6JX3         6JX3   ? 2 ?                                                                                            1 
# 
loop_
_struct_ref_seq.align_id 
_struct_ref_seq.ref_id 
_struct_ref_seq.pdbx_PDB_id_code 
_struct_ref_seq.pdbx_strand_id 
_struct_ref_seq.seq_align_beg 
_struct_ref_seq.pdbx_seq_align_beg_ins_code 
_struct_ref_seq.seq_align_end 
_struct_ref_seq.pdbx_seq_align_end_ins_code 
_struct_ref_seq.pdbx_db_accession 
_struct_ref_seq.db_align_beg 
_struct_ref_seq.pdbx_db_align_beg_ins_code 
_struct_ref_seq.db_align_end 
_struct_ref_seq.pdbx_db_align_end_ins_code 
_struct_ref_seq.pdbx_auth_seq_align_beg 
_struct_ref_seq.pdbx_auth_seq_align_end 
1 1 6JX3 B 11 ? 99 ? Q47QT5 2   ? 90 ? 2   90 
2 2 6JX3 A 1  ? 22 ? 6JX3   -22 ? -1 ? -22 -1 
# 
loop_
_struct_ref_seq_dif.align_id 
_struct_ref_seq_dif.pdbx_pdb_id_code 
_struct_ref_seq_dif.mon_id 
_struct_ref_seq_dif.pdbx_pdb_strand_id 
_struct_ref_seq_dif.seq_num 
_struct_ref_seq_dif.pdbx_pdb_ins_code 
_struct_ref_seq_dif.pdbx_seq_db_name 
_struct_ref_seq_dif.pdbx_seq_db_accession_code 
_struct_ref_seq_dif.db_mon_id 
_struct_ref_seq_dif.pdbx_seq_db_seq_num 
_struct_ref_seq_dif.details 
_struct_ref_seq_dif.pdbx_auth_seq_num 
_struct_ref_seq_dif.pdbx_ordinal 
1 6JX3 GLY B 1  ? UNP Q47QT5 ? ? 'expression tag' -8 1  
1 6JX3 PRO B 2  ? UNP Q47QT5 ? ? 'expression tag' -7 2  
1 6JX3 VAL B 3  ? UNP Q47QT5 ? ? 'expression tag' -6 3  
1 6JX3 SER B 4  ? UNP Q47QT5 ? ? 'expression tag' -5 4  
1 6JX3 SER B 5  ? UNP Q47QT5 ? ? 'expression tag' -4 5  
1 6JX3 LYS B 6  ? UNP Q47QT5 ? ? 'expression tag' -3 6  
1 6JX3 GLU B 7  ? UNP Q47QT5 ? ? 'expression tag' -2 7  
1 6JX3 GLN B 8  ? UNP Q47QT5 ? ? 'expression tag' -1 8  
1 6JX3 THR B 9  ? UNP Q47QT5 ? ? 'expression tag' 0  9  
1 6JX3 VAL B 10 ? UNP Q47QT5 ? ? 'expression tag' 1  10 
# 
_pdbx_struct_assembly.id                   1 
_pdbx_struct_assembly.details              author_and_software_defined_assembly 
_pdbx_struct_assembly.method_details       PISA 
_pdbx_struct_assembly.oligomeric_details   dimeric 
_pdbx_struct_assembly.oligomeric_count     2 
# 
loop_
_pdbx_struct_assembly_prop.biol_id 
_pdbx_struct_assembly_prop.type 
_pdbx_struct_assembly_prop.value 
_pdbx_struct_assembly_prop.details 
1 'ABSA (A^2)' 2270 ? 
1 MORE         -151 ? 
1 'SSA (A^2)'  6510 ? 
# 
_pdbx_struct_assembly_gen.assembly_id       1 
_pdbx_struct_assembly_gen.oper_expression   1 
_pdbx_struct_assembly_gen.asym_id_list      A,B,C,D,E,F,G,H,I,J,K 
# 
_pdbx_struct_assembly_auth_evidence.id                     1 
_pdbx_struct_assembly_auth_evidence.assembly_id            1 
_pdbx_struct_assembly_auth_evidence.experimental_support   'isothermal titration calorimetry' 
_pdbx_struct_assembly_auth_evidence.details                ? 
# 
_pdbx_struct_oper_list.id                   1 
_pdbx_struct_oper_list.type                 'identity operation' 
_pdbx_struct_oper_list.name                 1_555 
_pdbx_struct_oper_list.symmetry_operation   x,y,z 
_pdbx_struct_oper_list.matrix[1][1]         1.0000000000 
_pdbx_struct_oper_list.matrix[1][2]         0.0000000000 
_pdbx_struct_oper_list.matrix[1][3]         0.0000000000 
_pdbx_struct_oper_list.vector[1]            0.0000000000 
_pdbx_struct_oper_list.matrix[2][1]         0.0000000000 
_pdbx_struct_oper_list.matrix[2][2]         1.0000000000 
_pdbx_struct_oper_list.matrix[2][3]         0.0000000000 
_pdbx_struct_oper_list.vector[2]            0.0000000000 
_pdbx_struct_oper_list.matrix[3][1]         0.0000000000 
_pdbx_struct_oper_list.matrix[3][2]         0.0000000000 
_pdbx_struct_oper_list.matrix[3][3]         1.0000000000 
_pdbx_struct_oper_list.vector[3]            0.0000000000 
# 
loop_
_struct_conf.conf_type_id 
_struct_conf.id 
_struct_conf.pdbx_PDB_helix_id 
_struct_conf.beg_label_comp_id 
_struct_conf.beg_label_asym_id 
_struct_conf.beg_label_seq_id 
_struct_conf.pdbx_beg_PDB_ins_code 
_struct_conf.end_label_comp_id 
_struct_conf.end_label_asym_id 
_struct_conf.end_label_seq_id 
_struct_conf.pdbx_end_PDB_ins_code 
_struct_conf.beg_auth_comp_id 
_struct_conf.beg_auth_asym_id 
_struct_conf.beg_auth_seq_id 
_struct_conf.end_auth_comp_id 
_struct_conf.end_auth_asym_id 
_struct_conf.end_auth_seq_id 
_struct_conf.pdbx_PDB_helix_class 
_struct_conf.details 
_struct_conf.pdbx_PDB_helix_length 
HELX_P HELX_P1 AA1 ASN A 46 ? ASP A 58 ? ASN B 37 ASP B 49 1 ? 13 
HELX_P HELX_P2 AA2 SER A 61 ? TYR A 73 ? SER B 52 TYR B 64 1 ? 13 
HELX_P HELX_P3 AA3 GLU A 76 ? ASN A 94 ? GLU B 67 ASN B 85 1 ? 19 
# 
_struct_conf_type.id          HELX_P 
_struct_conf_type.criteria    ? 
_struct_conf_type.reference   ? 
# 
loop_
_struct_conn.id 
_struct_conn.conn_type_id 
_struct_conn.pdbx_leaving_atom_flag 
_struct_conn.pdbx_PDB_id 
_struct_conn.ptnr1_label_asym_id 
_struct_conn.ptnr1_label_comp_id 
_struct_conn.ptnr1_label_seq_id 
_struct_conn.ptnr1_label_atom_id 
_struct_conn.pdbx_ptnr1_label_alt_id 
_struct_conn.pdbx_ptnr1_PDB_ins_code 
_struct_conn.pdbx_ptnr1_standard_comp_id 
_struct_conn.ptnr1_symmetry 
_struct_conn.ptnr2_label_asym_id 
_struct_conn.ptnr2_label_comp_id 
_struct_conn.ptnr2_label_seq_id 
_struct_conn.ptnr2_label_atom_id 
_struct_conn.pdbx_ptnr2_label_alt_id 
_struct_conn.pdbx_ptnr2_PDB_ins_code 
_struct_conn.ptnr1_auth_asym_id 
_struct_conn.ptnr1_auth_comp_id 
_struct_conn.ptnr1_auth_seq_id 
_struct_conn.ptnr2_auth_asym_id 
_struct_conn.ptnr2_auth_comp_id 
_struct_conn.ptnr2_auth_seq_id 
_struct_conn.ptnr2_symmetry 
_struct_conn.pdbx_ptnr3_label_atom_id 
_struct_conn.pdbx_ptnr3_label_seq_id 
_struct_conn.pdbx_ptnr3_label_comp_id 
_struct_conn.pdbx_ptnr3_label_asym_id 
_struct_conn.pdbx_ptnr3_label_alt_id 
_struct_conn.pdbx_ptnr3_PDB_ins_code 
_struct_conn.details 
_struct_conn.pdbx_dist_value 
_struct_conn.pdbx_value_order 
_struct_conn.pdbx_role 
metalc1  metalc ? ? A GLU 22 OE2 ? ? ? 1_555 C ZN  . ZN ? ? B GLU 13  B ZN  101 1_555 ? ? ? ? ? ? ? 1.941 ? ? 
metalc2  metalc ? ? A ASP 36 OD2 ? ? ? 1_555 C ZN  . ZN ? ? B ASP 27  B ZN  101 1_555 ? ? ? ? ? ? ? 2.011 ? ? 
metalc3  metalc ? ? A ASP 58 OD2 ? ? ? 1_555 D ZN  . ZN ? ? B ASP 49  B ZN  102 1_555 ? ? ? ? ? ? ? 1.805 ? ? 
metalc4  metalc ? ? A HIS 60 NE2 ? ? ? 1_555 D ZN  . ZN ? ? B HIS 51  B ZN  102 3_755 ? ? ? ? ? ? ? 2.016 ? ? 
metalc5  metalc ? ? A ASP 64 OD2 ? ? ? 1_555 E ZN  . ZN ? ? B ASP 55  B ZN  103 1_555 ? ? ? ? ? ? ? 1.939 ? ? 
metalc6  metalc ? ? A GLU 72 OE1 ? ? ? 1_555 H ZN  . ZN ? ? B GLU 63  B ZN  106 1_555 ? ? ? ? ? ? ? 2.655 ? ? 
metalc7  metalc ? ? A GLU 72 OE1 ? ? ? 1_555 H ZN  . ZN ? ? B GLU 63  B ZN  106 3_755 ? ? ? ? ? ? ? 2.410 ? ? 
metalc8  metalc ? ? A GLU 74 OE1 ? ? ? 1_555 F ZN  . ZN ? ? B GLU 65  B ZN  104 4_566 ? ? ? ? ? ? ? 2.590 ? ? 
metalc9  metalc ? ? A GLU 74 OE2 ? ? ? 1_555 F ZN  . ZN ? ? B GLU 65  B ZN  104 4_566 ? ? ? ? ? ? ? 1.922 ? ? 
metalc10 metalc ? ? A GLU 74 OE2 ? ? ? 1_555 G ZN  . ZN ? ? B GLU 65  B ZN  105 4_566 ? ? ? ? ? ? ? 1.897 ? ? 
metalc11 metalc ? ? A GLU 74 OE1 ? ? ? 1_555 I ZN  . ZN ? ? B GLU 65  B ZN  107 4_566 ? ? ? ? ? ? ? 2.006 ? ? 
metalc12 metalc ? ? A THR 78 OG1 B ? ? 1_555 G ZN  . ZN ? ? B THR 69  B ZN  105 1_555 ? ? ? ? ? ? ? 2.691 ? ? 
metalc13 metalc ? ? A ASP 79 OD1 A ? ? 1_555 F ZN  . ZN ? ? B ASP 70  B ZN  104 1_555 ? ? ? ? ? ? ? 2.487 ? ? 
metalc14 metalc ? ? A ASP 79 OD2 A ? ? 1_555 F ZN  . ZN ? ? B ASP 70  B ZN  104 1_555 ? ? ? ? ? ? ? 2.489 ? ? 
metalc15 metalc ? ? A ASP 79 OD2 B ? ? 1_555 F ZN  . ZN ? ? B ASP 70  B ZN  104 1_555 ? ? ? ? ? ? ? 2.076 ? ? 
metalc16 metalc ? ? A ASP 79 OD2 B ? ? 1_555 G ZN  . ZN ? ? B ASP 70  B ZN  105 1_555 ? ? ? ? ? ? ? 2.116 ? ? 
metalc17 metalc ? ? A ASP 79 OD1 A ? ? 1_555 I ZN  . ZN ? ? B ASP 70  B ZN  107 1_555 ? ? ? ? ? ? ? 2.579 ? ? 
metalc18 metalc ? ? A ASP 79 OD1 B ? ? 1_555 I ZN  . ZN ? ? B ASP 70  B ZN  107 1_555 ? ? ? ? ? ? ? 1.951 ? ? 
metalc19 metalc ? ? A ASP 79 OD2 A ? ? 1_555 I ZN  . ZN ? ? B ASP 70  B ZN  107 1_555 ? ? ? ? ? ? ? 2.079 ? ? 
metalc20 metalc ? ? A GLU 81 OE1 ? ? ? 1_555 C ZN  . ZN ? ? B GLU 72  B ZN  101 8_556 ? ? ? ? ? ? ? 1.988 ? ? 
metalc21 metalc ? ? A GLU 93 OE1 ? ? ? 1_555 E ZN  . ZN ? ? B GLU 84  B ZN  103 8_456 ? ? ? ? ? ? ? 2.036 ? ? 
metalc22 metalc ? ? A GLU 93 OE2 ? ? ? 1_555 E ZN  . ZN ? ? B GLU 84  B ZN  103 8_456 ? ? ? ? ? ? ? 2.508 ? ? 
metalc23 metalc ? ? C ZN  .  ZN  ? ? ? 1_555 J HOH . O  ? ? B ZN  101 B HOH 264 1_555 ? ? ? ? ? ? ? 2.116 ? ? 
metalc24 metalc ? ? D ZN  .  ZN  ? ? ? 1_555 J HOH . O  ? ? B ZN  102 B HOH 216 3_755 ? ? ? ? ? ? ? 2.264 ? ? 
metalc25 metalc ? ? D ZN  .  ZN  ? ? ? 1_555 J HOH . O  ? ? B ZN  102 B HOH 242 3_755 ? ? ? ? ? ? ? 2.117 ? ? 
metalc26 metalc ? ? D ZN  .  ZN  ? ? ? 1_555 J HOH . O  ? ? B ZN  102 B HOH 275 1_555 ? ? ? ? ? ? ? 2.214 ? ? 
metalc27 metalc ? ? E ZN  .  ZN  ? ? ? 1_555 J HOH . O  ? ? B ZN  103 B HOH 260 8_556 ? ? ? ? ? ? ? 1.956 ? ? 
metalc28 metalc ? ? E ZN  .  ZN  ? ? ? 1_555 J HOH . O  ? ? B ZN  103 B HOH 270 1_555 ? ? ? ? ? ? ? 2.174 ? ? 
metalc29 metalc ? ? F ZN  .  ZN  ? ? ? 1_555 J HOH . O  ? ? B ZN  104 B HOH 254 1_555 ? ? ? ? ? ? ? 2.408 ? ? 
metalc30 metalc ? ? F ZN  .  ZN  ? ? ? 1_555 J HOH . O  ? ? B ZN  104 B HOH 268 1_555 ? ? ? ? ? ? ? 2.061 ? ? 
metalc31 metalc ? ? G ZN  .  ZN  ? ? ? 1_555 J HOH . O  ? ? B ZN  105 B HOH 254 1_555 ? ? ? ? ? ? ? 1.908 ? ? 
metalc32 metalc ? ? H ZN  .  ZN  ? ? ? 1_555 J HOH . O  ? ? B ZN  106 B HOH 278 1_555 ? ? ? ? ? ? ? 2.566 ? ? 
metalc33 metalc ? ? H ZN  .  ZN  ? ? ? 1_555 J HOH . O  ? ? B ZN  106 B HOH 278 3_755 ? ? ? ? ? ? ? 2.656 ? ? 
metalc34 metalc ? ? I ZN  .  ZN  ? ? ? 1_555 J HOH . O  ? ? B ZN  107 B HOH 268 1_555 ? ? ? ? ? ? ? 1.957 ? ? 
metalc35 metalc ? ? I ZN  .  ZN  ? ? ? 1_555 K HOH . O  ? ? B ZN  107 A HOH 102 4_566 ? ? ? ? ? ? ? 1.944 ? ? 
# 
_struct_conn_type.id          metalc 
_struct_conn_type.criteria    ? 
_struct_conn_type.reference   ? 
# 
loop_
_pdbx_struct_conn_angle.id 
_pdbx_struct_conn_angle.ptnr1_label_atom_id 
_pdbx_struct_conn_angle.ptnr1_label_alt_id 
_pdbx_struct_conn_angle.ptnr1_label_asym_id 
_pdbx_struct_conn_angle.ptnr1_label_comp_id 
_pdbx_struct_conn_angle.ptnr1_label_seq_id 
_pdbx_struct_conn_angle.ptnr1_auth_atom_id 
_pdbx_struct_conn_angle.ptnr1_auth_asym_id 
_pdbx_struct_conn_angle.ptnr1_auth_comp_id 
_pdbx_struct_conn_angle.ptnr1_auth_seq_id 
_pdbx_struct_conn_angle.ptnr1_PDB_ins_code 
_pdbx_struct_conn_angle.ptnr1_symmetry 
_pdbx_struct_conn_angle.ptnr2_label_atom_id 
_pdbx_struct_conn_angle.ptnr2_label_alt_id 
_pdbx_struct_conn_angle.ptnr2_label_asym_id 
_pdbx_struct_conn_angle.ptnr2_label_comp_id 
_pdbx_struct_conn_angle.ptnr2_label_seq_id 
_pdbx_struct_conn_angle.ptnr2_auth_atom_id 
_pdbx_struct_conn_angle.ptnr2_auth_asym_id 
_pdbx_struct_conn_angle.ptnr2_auth_comp_id 
_pdbx_struct_conn_angle.ptnr2_auth_seq_id 
_pdbx_struct_conn_angle.ptnr2_PDB_ins_code 
_pdbx_struct_conn_angle.ptnr2_symmetry 
_pdbx_struct_conn_angle.ptnr3_label_atom_id 
_pdbx_struct_conn_angle.ptnr3_label_alt_id 
_pdbx_struct_conn_angle.ptnr3_label_asym_id 
_pdbx_struct_conn_angle.ptnr3_label_comp_id 
_pdbx_struct_conn_angle.ptnr3_label_seq_id 
_pdbx_struct_conn_angle.ptnr3_auth_atom_id 
_pdbx_struct_conn_angle.ptnr3_auth_asym_id 
_pdbx_struct_conn_angle.ptnr3_auth_comp_id 
_pdbx_struct_conn_angle.ptnr3_auth_seq_id 
_pdbx_struct_conn_angle.ptnr3_PDB_ins_code 
_pdbx_struct_conn_angle.ptnr3_symmetry 
_pdbx_struct_conn_angle.value 
_pdbx_struct_conn_angle.value_esd 
1  OE2 ? A GLU 22 ? B GLU 13  ? 1_555 ZN ? C ZN . ? B ZN 101 ? 1_555 OD2 ? A ASP 36 ? B ASP 27  ? 1_555 112.2 ? 
2  OE2 ? A GLU 22 ? B GLU 13  ? 1_555 ZN ? C ZN . ? B ZN 101 ? 1_555 OE1 ? A GLU 81 ? B GLU 72  ? 1_555 76.3  ? 
3  OD2 ? A ASP 36 ? B ASP 27  ? 1_555 ZN ? C ZN . ? B ZN 101 ? 1_555 OE1 ? A GLU 81 ? B GLU 72  ? 1_555 77.0  ? 
4  OE2 ? A GLU 22 ? B GLU 13  ? 1_555 ZN ? C ZN . ? B ZN 101 ? 1_555 O   ? J HOH .  ? B HOH 264 ? 1_555 103.0 ? 
5  OD2 ? A ASP 36 ? B ASP 27  ? 1_555 ZN ? C ZN . ? B ZN 101 ? 1_555 O   ? J HOH .  ? B HOH 264 ? 1_555 97.7  ? 
6  OE1 ? A GLU 81 ? B GLU 72  ? 1_555 ZN ? C ZN . ? B ZN 101 ? 1_555 O   ? J HOH .  ? B HOH 264 ? 1_555 43.4  ? 
7  OD2 ? A ASP 58 ? B ASP 49  ? 1_555 ZN ? D ZN . ? B ZN 102 ? 1_555 NE2 ? A HIS 60 ? B HIS 51  ? 1_555 34.2  ? 
8  OD2 ? A ASP 58 ? B ASP 49  ? 1_555 ZN ? D ZN . ? B ZN 102 ? 1_555 O   ? J HOH .  ? B HOH 216 ? 3_755 86.8  ? 
9  NE2 ? A HIS 60 ? B HIS 51  ? 1_555 ZN ? D ZN . ? B ZN 102 ? 1_555 O   ? J HOH .  ? B HOH 216 ? 3_755 53.1  ? 
10 OD2 ? A ASP 58 ? B ASP 49  ? 1_555 ZN ? D ZN . ? B ZN 102 ? 1_555 O   ? J HOH .  ? B HOH 242 ? 3_755 106.8 ? 
11 NE2 ? A HIS 60 ? B HIS 51  ? 1_555 ZN ? D ZN . ? B ZN 102 ? 1_555 O   ? J HOH .  ? B HOH 242 ? 3_755 138.7 ? 
12 O   ? J HOH .  ? B HOH 216 ? 3_755 ZN ? D ZN . ? B ZN 102 ? 1_555 O   ? J HOH .  ? B HOH 242 ? 3_755 163.5 ? 
13 OD2 ? A ASP 58 ? B ASP 49  ? 1_555 ZN ? D ZN . ? B ZN 102 ? 1_555 O   ? J HOH .  ? B HOH 275 ? 1_555 117.6 ? 
14 NE2 ? A HIS 60 ? B HIS 51  ? 1_555 ZN ? D ZN . ? B ZN 102 ? 1_555 O   ? J HOH .  ? B HOH 275 ? 1_555 105.8 ? 
15 O   ? J HOH .  ? B HOH 216 ? 3_755 ZN ? D ZN . ? B ZN 102 ? 1_555 O   ? J HOH .  ? B HOH 275 ? 1_555 87.3  ? 
16 O   ? J HOH .  ? B HOH 242 ? 3_755 ZN ? D ZN . ? B ZN 102 ? 1_555 O   ? J HOH .  ? B HOH 275 ? 1_555 78.2  ? 
17 OD2 ? A ASP 64 ? B ASP 55  ? 1_555 ZN ? E ZN . ? B ZN 103 ? 1_555 OE1 ? A GLU 93 ? B GLU 84  ? 1_555 44.2  ? 
18 OD2 ? A ASP 64 ? B ASP 55  ? 1_555 ZN ? E ZN . ? B ZN 103 ? 1_555 OE2 ? A GLU 93 ? B GLU 84  ? 1_555 42.2  ? 
19 OE1 ? A GLU 93 ? B GLU 84  ? 1_555 ZN ? E ZN . ? B ZN 103 ? 1_555 OE2 ? A GLU 93 ? B GLU 84  ? 1_555 3.0   ? 
20 OD2 ? A ASP 64 ? B ASP 55  ? 1_555 ZN ? E ZN . ? B ZN 103 ? 1_555 O   ? J HOH .  ? B HOH 260 ? 8_556 108.5 ? 
21 OE1 ? A GLU 93 ? B GLU 84  ? 1_555 ZN ? E ZN . ? B ZN 103 ? 1_555 O   ? J HOH .  ? B HOH 260 ? 8_556 152.4 ? 
22 OE2 ? A GLU 93 ? B GLU 84  ? 1_555 ZN ? E ZN . ? B ZN 103 ? 1_555 O   ? J HOH .  ? B HOH 260 ? 8_556 150.6 ? 
23 OD2 ? A ASP 64 ? B ASP 55  ? 1_555 ZN ? E ZN . ? B ZN 103 ? 1_555 O   ? J HOH .  ? B HOH 270 ? 1_555 103.4 ? 
24 OE1 ? A GLU 93 ? B GLU 84  ? 1_555 ZN ? E ZN . ? B ZN 103 ? 1_555 O   ? J HOH .  ? B HOH 270 ? 1_555 89.2  ? 
25 OE2 ? A GLU 93 ? B GLU 84  ? 1_555 ZN ? E ZN . ? B ZN 103 ? 1_555 O   ? J HOH .  ? B HOH 270 ? 1_555 87.9  ? 
26 O   ? J HOH .  ? B HOH 260 ? 8_556 ZN ? E ZN . ? B ZN 103 ? 1_555 O   ? J HOH .  ? B HOH 270 ? 1_555 104.6 ? 
27 OE1 ? A GLU 72 ? B GLU 63  ? 1_555 ZN ? H ZN . ? B ZN 106 ? 1_555 OE1 ? A GLU 72 ? B GLU 63  ? 1_555 0.0   ? 
28 OE1 ? A GLU 72 ? B GLU 63  ? 1_555 ZN ? H ZN . ? B ZN 106 ? 1_555 O   ? J HOH .  ? B HOH 278 ? 1_555 84.5  ? 
29 OE1 ? A GLU 72 ? B GLU 63  ? 1_555 ZN ? H ZN . ? B ZN 106 ? 1_555 O   ? J HOH .  ? B HOH 278 ? 1_555 84.5  ? 
30 OE1 ? A GLU 72 ? B GLU 63  ? 1_555 ZN ? H ZN . ? B ZN 106 ? 1_555 O   ? J HOH .  ? B HOH 278 ? 3_755 100.4 ? 
31 OE1 ? A GLU 72 ? B GLU 63  ? 1_555 ZN ? H ZN . ? B ZN 106 ? 1_555 O   ? J HOH .  ? B HOH 278 ? 3_755 100.4 ? 
32 O   ? J HOH .  ? B HOH 278 ? 1_555 ZN ? H ZN . ? B ZN 106 ? 1_555 O   ? J HOH .  ? B HOH 278 ? 3_755 49.7  ? 
33 OE1 ? A GLU 74 ? B GLU 65  ? 1_555 ZN ? F ZN . ? B ZN 104 ? 4_566 OE2 ? A GLU 74 ? B GLU 65  ? 1_555 56.2  ? 
34 OE1 ? A GLU 74 ? B GLU 65  ? 1_555 ZN ? F ZN . ? B ZN 104 ? 4_566 OD1 A A ASP 79 ? B ASP 70  ? 1_555 24.7  ? 
35 OE2 ? A GLU 74 ? B GLU 65  ? 1_555 ZN ? F ZN . ? B ZN 104 ? 4_566 OD1 A A ASP 79 ? B ASP 70  ? 1_555 56.9  ? 
36 OE1 ? A GLU 74 ? B GLU 65  ? 1_555 ZN ? F ZN . ? B ZN 104 ? 4_566 OD2 A A ASP 79 ? B ASP 70  ? 1_555 26.7  ? 
37 OE2 ? A GLU 74 ? B GLU 65  ? 1_555 ZN ? F ZN . ? B ZN 104 ? 4_566 OD2 A A ASP 79 ? B ASP 70  ? 1_555 57.1  ? 
38 OD1 A A ASP 79 ? B ASP 70  ? 1_555 ZN ? F ZN . ? B ZN 104 ? 4_566 OD2 A A ASP 79 ? B ASP 70  ? 1_555 2.0   ? 
39 OE1 ? A GLU 74 ? B GLU 65  ? 1_555 ZN ? F ZN . ? B ZN 104 ? 4_566 OD2 B A ASP 79 ? B ASP 70  ? 1_555 28.3  ? 
40 OE2 ? A GLU 74 ? B GLU 65  ? 1_555 ZN ? F ZN . ? B ZN 104 ? 4_566 OD2 B A ASP 79 ? B ASP 70  ? 1_555 53.0  ? 
41 OD1 A A ASP 79 ? B ASP 70  ? 1_555 ZN ? F ZN . ? B ZN 104 ? 4_566 OD2 B A ASP 79 ? B ASP 70  ? 1_555 5.6   ? 
42 OD2 A A ASP 79 ? B ASP 70  ? 1_555 ZN ? F ZN . ? B ZN 104 ? 4_566 OD2 B A ASP 79 ? B ASP 70  ? 1_555 4.6   ? 
43 OE1 ? A GLU 74 ? B GLU 65  ? 1_555 ZN ? F ZN . ? B ZN 104 ? 4_566 O   ? J HOH .  ? B HOH 254 ? 1_555 34.3  ? 
44 OE2 ? A GLU 74 ? B GLU 65  ? 1_555 ZN ? F ZN . ? B ZN 104 ? 4_566 O   ? J HOH .  ? B HOH 254 ? 1_555 55.0  ? 
45 OD1 A A ASP 79 ? B ASP 70  ? 1_555 ZN ? F ZN . ? B ZN 104 ? 4_566 O   ? J HOH .  ? B HOH 254 ? 1_555 10.3  ? 
46 OD2 A A ASP 79 ? B ASP 70  ? 1_555 ZN ? F ZN . ? B ZN 104 ? 4_566 O   ? J HOH .  ? B HOH 254 ? 1_555 8.4   ? 
47 OD2 B A ASP 79 ? B ASP 70  ? 1_555 ZN ? F ZN . ? B ZN 104 ? 4_566 O   ? J HOH .  ? B HOH 254 ? 1_555 6.1   ? 
48 OE1 ? A GLU 74 ? B GLU 65  ? 1_555 ZN ? F ZN . ? B ZN 104 ? 4_566 O   ? J HOH .  ? B HOH 268 ? 1_555 33.7  ? 
49 OE2 ? A GLU 74 ? B GLU 65  ? 1_555 ZN ? F ZN . ? B ZN 104 ? 4_566 O   ? J HOH .  ? B HOH 268 ? 1_555 64.8  ? 
50 OD1 A A ASP 79 ? B ASP 70  ? 1_555 ZN ? F ZN . ? B ZN 104 ? 4_566 O   ? J HOH .  ? B HOH 268 ? 1_555 10.6  ? 
51 OD2 A A ASP 79 ? B ASP 70  ? 1_555 ZN ? F ZN . ? B ZN 104 ? 4_566 O   ? J HOH .  ? B HOH 268 ? 1_555 9.1   ? 
52 OD2 B A ASP 79 ? B ASP 70  ? 1_555 ZN ? F ZN . ? B ZN 104 ? 4_566 O   ? J HOH .  ? B HOH 268 ? 1_555 12.1  ? 
53 O   ? J HOH .  ? B HOH 254 ? 1_555 ZN ? F ZN . ? B ZN 104 ? 4_566 O   ? J HOH .  ? B HOH 268 ? 1_555 10.5  ? 
54 OE2 ? A GLU 74 ? B GLU 65  ? 1_555 ZN ? G ZN . ? B ZN 105 ? 4_566 OG1 B A THR 78 ? B THR 69  ? 1_555 45.3  ? 
55 OE2 ? A GLU 74 ? B GLU 65  ? 1_555 ZN ? G ZN . ? B ZN 105 ? 4_566 OD2 B A ASP 79 ? B ASP 70  ? 1_555 44.5  ? 
56 OG1 B A THR 78 ? B THR 69  ? 1_555 ZN ? G ZN . ? B ZN 105 ? 4_566 OD2 B A ASP 79 ? B ASP 70  ? 1_555 9.3   ? 
57 OE2 ? A GLU 74 ? B GLU 65  ? 1_555 ZN ? G ZN . ? B ZN 105 ? 4_566 O   ? J HOH .  ? B HOH 254 ? 1_555 50.8  ? 
58 OG1 B A THR 78 ? B THR 69  ? 1_555 ZN ? G ZN . ? B ZN 105 ? 4_566 O   ? J HOH .  ? B HOH 254 ? 1_555 9.4   ? 
59 OD2 B A ASP 79 ? B ASP 70  ? 1_555 ZN ? G ZN . ? B ZN 105 ? 4_566 O   ? J HOH .  ? B HOH 254 ? 1_555 6.7   ? 
60 OE1 ? A GLU 74 ? B GLU 65  ? 1_555 ZN ? I ZN . ? B ZN 107 ? 4_566 OD1 A A ASP 79 ? B ASP 70  ? 1_555 42.3  ? 
61 OE1 ? A GLU 74 ? B GLU 65  ? 1_555 ZN ? I ZN . ? B ZN 107 ? 4_566 OD1 B A ASP 79 ? B ASP 70  ? 1_555 44.7  ? 
62 OD1 A A ASP 79 ? B ASP 70  ? 1_555 ZN ? I ZN . ? B ZN 107 ? 4_566 OD1 B A ASP 79 ? B ASP 70  ? 1_555 2.8   ? 
63 OE1 ? A GLU 74 ? B GLU 65  ? 1_555 ZN ? I ZN . ? B ZN 107 ? 4_566 OD2 A A ASP 79 ? B ASP 70  ? 1_555 42.3  ? 
64 OD1 A A ASP 79 ? B ASP 70  ? 1_555 ZN ? I ZN . ? B ZN 107 ? 4_566 OD2 A A ASP 79 ? B ASP 70  ? 1_555 2.8   ? 
65 OD1 B A ASP 79 ? B ASP 70  ? 1_555 ZN ? I ZN . ? B ZN 107 ? 4_566 OD2 A A ASP 79 ? B ASP 70  ? 1_555 4.8   ? 
66 OE1 ? A GLU 74 ? B GLU 65  ? 1_555 ZN ? I ZN . ? B ZN 107 ? 4_566 O   ? J HOH .  ? B HOH 268 ? 1_555 52.1  ? 
67 OD1 A A ASP 79 ? B ASP 70  ? 1_555 ZN ? I ZN . ? B ZN 107 ? 4_566 O   ? J HOH .  ? B HOH 268 ? 1_555 11.3  ? 
68 OD1 B A ASP 79 ? B ASP 70  ? 1_555 ZN ? I ZN . ? B ZN 107 ? 4_566 O   ? J HOH .  ? B HOH 268 ? 1_555 10.3  ? 
69 OD2 A A ASP 79 ? B ASP 70  ? 1_555 ZN ? I ZN . ? B ZN 107 ? 4_566 O   ? J HOH .  ? B HOH 268 ? 1_555 10.1  ? 
70 OE1 ? A GLU 74 ? B GLU 65  ? 1_555 ZN ? I ZN . ? B ZN 107 ? 4_566 O   ? K HOH .  ? A HOH 102 ? 4_566 55.3  ? 
71 OD1 A A ASP 79 ? B ASP 70  ? 1_555 ZN ? I ZN . ? B ZN 107 ? 4_566 O   ? K HOH .  ? A HOH 102 ? 4_566 13.1  ? 
72 OD1 B A ASP 79 ? B ASP 70  ? 1_555 ZN ? I ZN . ? B ZN 107 ? 4_566 O   ? K HOH .  ? A HOH 102 ? 4_566 10.6  ? 
73 OD2 A A ASP 79 ? B ASP 70  ? 1_555 ZN ? I ZN . ? B ZN 107 ? 4_566 O   ? K HOH .  ? A HOH 102 ? 4_566 13.7  ? 
74 O   ? J HOH .  ? B HOH 268 ? 1_555 ZN ? I ZN . ? B ZN 107 ? 4_566 O   ? K HOH .  ? A HOH 102 ? 4_566 8.3   ? 
# 
_struct_sheet.id               AA1 
_struct_sheet.type             ? 
_struct_sheet.number_strands   4 
_struct_sheet.details          ? 
# 
loop_
_struct_sheet_order.sheet_id 
_struct_sheet_order.range_id_1 
_struct_sheet_order.range_id_2 
_struct_sheet_order.offset 
_struct_sheet_order.sense 
AA1 1 2 ? anti-parallel 
AA1 2 3 ? anti-parallel 
AA1 3 4 ? anti-parallel 
# 
loop_
_struct_sheet_range.sheet_id 
_struct_sheet_range.id 
_struct_sheet_range.beg_label_comp_id 
_struct_sheet_range.beg_label_asym_id 
_struct_sheet_range.beg_label_seq_id 
_struct_sheet_range.pdbx_beg_PDB_ins_code 
_struct_sheet_range.end_label_comp_id 
_struct_sheet_range.end_label_asym_id 
_struct_sheet_range.end_label_seq_id 
_struct_sheet_range.pdbx_end_PDB_ins_code 
_struct_sheet_range.beg_auth_comp_id 
_struct_sheet_range.beg_auth_asym_id 
_struct_sheet_range.beg_auth_seq_id 
_struct_sheet_range.end_auth_comp_id 
_struct_sheet_range.end_auth_asym_id 
_struct_sheet_range.end_auth_seq_id 
AA1 1 ILE A 23 ? GLN A 27 ? ILE B 14  GLN B 18 
AA1 2 MET A 32 ? ASP A 36 ? MET B 23  ASP B 27 
AA1 3 GLU A 41 ? LEU A 45 ? GLU B 32  LEU B 36 
AA1 4 LEU B 11 ? GLU B 16 ? LEU A -12 GLU A -7 
# 
loop_
_pdbx_struct_sheet_hbond.sheet_id 
_pdbx_struct_sheet_hbond.range_id_1 
_pdbx_struct_sheet_hbond.range_id_2 
_pdbx_struct_sheet_hbond.range_1_label_atom_id 
_pdbx_struct_sheet_hbond.range_1_label_comp_id 
_pdbx_struct_sheet_hbond.range_1_label_asym_id 
_pdbx_struct_sheet_hbond.range_1_label_seq_id 
_pdbx_struct_sheet_hbond.range_1_PDB_ins_code 
_pdbx_struct_sheet_hbond.range_1_auth_atom_id 
_pdbx_struct_sheet_hbond.range_1_auth_comp_id 
_pdbx_struct_sheet_hbond.range_1_auth_asym_id 
_pdbx_struct_sheet_hbond.range_1_auth_seq_id 
_pdbx_struct_sheet_hbond.range_2_label_atom_id 
_pdbx_struct_sheet_hbond.range_2_label_comp_id 
_pdbx_struct_sheet_hbond.range_2_label_asym_id 
_pdbx_struct_sheet_hbond.range_2_label_seq_id 
_pdbx_struct_sheet_hbond.range_2_PDB_ins_code 
_pdbx_struct_sheet_hbond.range_2_auth_atom_id 
_pdbx_struct_sheet_hbond.range_2_auth_comp_id 
_pdbx_struct_sheet_hbond.range_2_auth_asym_id 
_pdbx_struct_sheet_hbond.range_2_auth_seq_id 
AA1 1 2 N SER A 24 ? N SER B 15 O LEU A 35 ? O LEU B 26  
AA1 2 3 N ASP A 36 ? N ASP B 27 O GLU A 41 ? O GLU B 32  
AA1 3 4 N GLN A 44 ? N GLN B 35 O ALA B 12 ? O ALA A -11 
# 
loop_
_struct_site.id 
_struct_site.pdbx_evidence_code 
_struct_site.pdbx_auth_asym_id 
_struct_site.pdbx_auth_comp_id 
_struct_site.pdbx_auth_seq_id 
_struct_site.pdbx_auth_ins_code 
_struct_site.pdbx_num_residues 
_struct_site.details 
AC1 Software B ZN 101 ? 4 'binding site for residue ZN B 101' 
AC2 Software B ZN 102 ? 5 'binding site for residue ZN B 102' 
AC3 Software B ZN 103 ? 5 'binding site for residue ZN B 103' 
AC4 Software B ZN 104 ? 8 'binding site for residue ZN B 104' 
AC5 Software B ZN 105 ? 6 'binding site for residue ZN B 105' 
AC6 Software B ZN 106 ? 4 'binding site for residue ZN B 106' 
AC7 Software B ZN 107 ? 6 'binding site for residue ZN B 107' 
# 
loop_
_struct_site_gen.id 
_struct_site_gen.site_id 
_struct_site_gen.pdbx_num_res 
_struct_site_gen.label_comp_id 
_struct_site_gen.label_asym_id 
_struct_site_gen.label_seq_id 
_struct_site_gen.pdbx_auth_ins_code 
_struct_site_gen.auth_comp_id 
_struct_site_gen.auth_asym_id 
_struct_site_gen.auth_seq_id 
_struct_site_gen.label_atom_id 
_struct_site_gen.label_alt_id 
_struct_site_gen.symmetry 
_struct_site_gen.details 
1  AC1 4 GLU A 22 ? GLU B 13  . ? 1_555 ? 
2  AC1 4 ASP A 36 ? ASP B 27  . ? 1_555 ? 
3  AC1 4 GLU A 81 ? GLU B 72  . ? 8_456 ? 
4  AC1 4 HOH J .  ? HOH B 264 . ? 1_555 ? 
5  AC2 5 ASP A 58 ? ASP B 49  . ? 1_555 ? 
6  AC2 5 HIS A 60 ? HIS B 51  . ? 3_755 ? 
7  AC2 5 HOH J .  ? HOH B 216 . ? 3_755 ? 
8  AC2 5 HOH J .  ? HOH B 242 . ? 3_755 ? 
9  AC2 5 HOH J .  ? HOH B 275 . ? 1_555 ? 
10 AC3 5 ASP A 64 ? ASP B 55  . ? 1_555 ? 
11 AC3 5 GLU A 93 ? GLU B 84  . ? 8_556 ? 
12 AC3 5 HOH J .  ? HOH B 260 . ? 8_556 ? 
13 AC3 5 HOH J .  ? HOH B 266 . ? 8_556 ? 
14 AC3 5 HOH J .  ? HOH B 270 . ? 1_555 ? 
15 AC4 8 HOH K .  ? HOH A 106 . ? 4_566 ? 
16 AC4 8 GLU A 74 ? GLU B 65  . ? 4_566 ? 
17 AC4 8 ASP A 79 ? ASP B 70  . ? 1_555 ? 
18 AC4 8 ARG A 82 ? ARG B 73  . ? 1_555 ? 
19 AC4 8 ZN  G .  ? ZN  B 105 . ? 1_555 ? 
20 AC4 8 ZN  I .  ? ZN  B 107 . ? 1_555 ? 
21 AC4 8 HOH J .  ? HOH B 254 . ? 1_555 ? 
22 AC4 8 HOH J .  ? HOH B 268 . ? 1_555 ? 
23 AC5 6 GLU A 74 ? GLU B 65  . ? 4_566 ? 
24 AC5 6 THR A 78 ? THR B 69  . ? 1_555 ? 
25 AC5 6 ASP A 79 ? ASP B 70  . ? 1_555 ? 
26 AC5 6 ZN  F .  ? ZN  B 104 . ? 1_555 ? 
27 AC5 6 ZN  I .  ? ZN  B 107 . ? 1_555 ? 
28 AC5 6 HOH J .  ? HOH B 254 . ? 1_555 ? 
29 AC6 4 GLU A 72 ? GLU B 63  . ? 3_755 ? 
30 AC6 4 GLU A 72 ? GLU B 63  . ? 1_555 ? 
31 AC6 4 HOH J .  ? HOH B 278 . ? 1_555 ? 
32 AC6 4 HOH J .  ? HOH B 278 . ? 3_755 ? 
33 AC7 6 HOH K .  ? HOH A 102 . ? 4_566 ? 
34 AC7 6 GLU A 74 ? GLU B 65  . ? 4_566 ? 
35 AC7 6 ASP A 79 ? ASP B 70  . ? 1_555 ? 
36 AC7 6 ZN  F .  ? ZN  B 104 . ? 1_555 ? 
37 AC7 6 ZN  G .  ? ZN  B 105 . ? 1_555 ? 
38 AC7 6 HOH J .  ? HOH B 268 . ? 1_555 ? 
# 
loop_
_pdbx_validate_close_contact.id 
_pdbx_validate_close_contact.PDB_model_num 
_pdbx_validate_close_contact.auth_atom_id_1 
_pdbx_validate_close_contact.auth_asym_id_1 
_pdbx_validate_close_contact.auth_comp_id_1 
_pdbx_validate_close_contact.auth_seq_id_1 
_pdbx_validate_close_contact.PDB_ins_code_1 
_pdbx_validate_close_contact.label_alt_id_1 
_pdbx_validate_close_contact.auth_atom_id_2 
_pdbx_validate_close_contact.auth_asym_id_2 
_pdbx_validate_close_contact.auth_comp_id_2 
_pdbx_validate_close_contact.auth_seq_id_2 
_pdbx_validate_close_contact.PDB_ins_code_2 
_pdbx_validate_close_contact.label_alt_id_2 
_pdbx_validate_close_contact.dist 
1 1 O   A HOH 131 ? ? O A HOH 132 ? ? 2.12 
2 1 O   A ALA -3  ? ? O A HOH 101 ? ? 2.12 
3 1 OE1 B GLN 58  ? ? O B HOH 201 ? ? 2.15 
# 
_pdbx_validate_symm_contact.id                1 
_pdbx_validate_symm_contact.PDB_model_num     1 
_pdbx_validate_symm_contact.auth_atom_id_1    O 
_pdbx_validate_symm_contact.auth_asym_id_1    B 
_pdbx_validate_symm_contact.auth_comp_id_1    HOH 
_pdbx_validate_symm_contact.auth_seq_id_1     266 
_pdbx_validate_symm_contact.PDB_ins_code_1    ? 
_pdbx_validate_symm_contact.label_alt_id_1    ? 
_pdbx_validate_symm_contact.site_symmetry_1   1_555 
_pdbx_validate_symm_contact.auth_atom_id_2    O 
_pdbx_validate_symm_contact.auth_asym_id_2    B 
_pdbx_validate_symm_contact.auth_comp_id_2    HOH 
_pdbx_validate_symm_contact.auth_seq_id_2     270 
_pdbx_validate_symm_contact.PDB_ins_code_2    ? 
_pdbx_validate_symm_contact.label_alt_id_2    ? 
_pdbx_validate_symm_contact.site_symmetry_2   8_456 
_pdbx_validate_symm_contact.dist              2.06 
# 
_pdbx_struct_special_symmetry.id              1 
_pdbx_struct_special_symmetry.PDB_model_num   1 
_pdbx_struct_special_symmetry.auth_asym_id    B 
_pdbx_struct_special_symmetry.auth_comp_id    ZN 
_pdbx_struct_special_symmetry.auth_seq_id     106 
_pdbx_struct_special_symmetry.PDB_ins_code    ? 
_pdbx_struct_special_symmetry.label_asym_id   H 
_pdbx_struct_special_symmetry.label_comp_id   ZN 
_pdbx_struct_special_symmetry.label_seq_id    . 
# 
_pdbx_distant_solvent_atoms.id                                1 
_pdbx_distant_solvent_atoms.PDB_model_num                     1 
_pdbx_distant_solvent_atoms.auth_atom_id                      O 
_pdbx_distant_solvent_atoms.label_alt_id                      ? 
_pdbx_distant_solvent_atoms.auth_asym_id                      B 
_pdbx_distant_solvent_atoms.auth_comp_id                      HOH 
_pdbx_distant_solvent_atoms.auth_seq_id                       293 
_pdbx_distant_solvent_atoms.PDB_ins_code                      ? 
_pdbx_distant_solvent_atoms.neighbor_macromolecule_distance   6.08 
_pdbx_distant_solvent_atoms.neighbor_ligand_distance          . 
# 
loop_
_pdbx_unobs_or_zero_occ_residues.id 
_pdbx_unobs_or_zero_occ_residues.PDB_model_num 
_pdbx_unobs_or_zero_occ_residues.polymer_flag 
_pdbx_unobs_or_zero_occ_residues.occupancy_flag 
_pdbx_unobs_or_zero_occ_residues.auth_asym_id 
_pdbx_unobs_or_zero_occ_residues.auth_comp_id 
_pdbx_unobs_or_zero_occ_residues.auth_seq_id 
_pdbx_unobs_or_zero_occ_residues.PDB_ins_code 
_pdbx_unobs_or_zero_occ_residues.label_asym_id 
_pdbx_unobs_or_zero_occ_residues.label_comp_id 
_pdbx_unobs_or_zero_occ_residues.label_seq_id 
1  1 Y 1 B GLY -8  ? A GLY 1  
2  1 Y 1 B PRO -7  ? A PRO 2  
3  1 Y 1 B VAL -6  ? A VAL 3  
4  1 Y 1 B SER -5  ? A SER 4  
5  1 Y 1 B SER -4  ? A SER 5  
6  1 Y 1 B LYS -3  ? A LYS 6  
7  1 Y 1 B GLU -2  ? A GLU 7  
8  1 Y 1 B GLN -1  ? A GLN 8  
9  1 Y 1 B THR 0   ? A THR 9  
10 1 Y 1 B VAL 1   ? A VAL 10 
11 1 Y 1 B GLU 2   ? A GLU 11 
12 1 Y 1 B THR 3   ? A THR 12 
13 1 Y 1 B THR 4   ? A THR 13 
14 1 Y 1 B GLY 5   ? A GLY 14 
15 1 Y 1 A MET -22 ? B MET 1  
16 1 Y 1 A GLU -21 ? B GLU 2  
17 1 Y 1 A THR -2  ? B THR 21 
18 1 Y 1 A GLY -1  ? B GLY 22 
# 
loop_
_chem_comp_atom.comp_id 
_chem_comp_atom.atom_id 
_chem_comp_atom.type_symbol 
_chem_comp_atom.pdbx_aromatic_flag 
_chem_comp_atom.pdbx_stereo_config 
_chem_comp_atom.pdbx_ordinal 
ALA N    N  N N 1   
ALA CA   C  N S 2   
ALA C    C  N N 3   
ALA O    O  N N 4   
ALA CB   C  N N 5   
ALA OXT  O  N N 6   
ALA H    H  N N 7   
ALA H2   H  N N 8   
ALA HA   H  N N 9   
ALA HB1  H  N N 10  
ALA HB2  H  N N 11  
ALA HB3  H  N N 12  
ALA HXT  H  N N 13  
ARG N    N  N N 14  
ARG CA   C  N S 15  
ARG C    C  N N 16  
ARG O    O  N N 17  
ARG CB   C  N N 18  
ARG CG   C  N N 19  
ARG CD   C  N N 20  
ARG NE   N  N N 21  
ARG CZ   C  N N 22  
ARG NH1  N  N N 23  
ARG NH2  N  N N 24  
ARG OXT  O  N N 25  
ARG H    H  N N 26  
ARG H2   H  N N 27  
ARG HA   H  N N 28  
ARG HB2  H  N N 29  
ARG HB3  H  N N 30  
ARG HG2  H  N N 31  
ARG HG3  H  N N 32  
ARG HD2  H  N N 33  
ARG HD3  H  N N 34  
ARG HE   H  N N 35  
ARG HH11 H  N N 36  
ARG HH12 H  N N 37  
ARG HH21 H  N N 38  
ARG HH22 H  N N 39  
ARG HXT  H  N N 40  
ASN N    N  N N 41  
ASN CA   C  N S 42  
ASN C    C  N N 43  
ASN O    O  N N 44  
ASN CB   C  N N 45  
ASN CG   C  N N 46  
ASN OD1  O  N N 47  
ASN ND2  N  N N 48  
ASN OXT  O  N N 49  
ASN H    H  N N 50  
ASN H2   H  N N 51  
ASN HA   H  N N 52  
ASN HB2  H  N N 53  
ASN HB3  H  N N 54  
ASN HD21 H  N N 55  
ASN HD22 H  N N 56  
ASN HXT  H  N N 57  
ASP N    N  N N 58  
ASP CA   C  N S 59  
ASP C    C  N N 60  
ASP O    O  N N 61  
ASP CB   C  N N 62  
ASP CG   C  N N 63  
ASP OD1  O  N N 64  
ASP OD2  O  N N 65  
ASP OXT  O  N N 66  
ASP H    H  N N 67  
ASP H2   H  N N 68  
ASP HA   H  N N 69  
ASP HB2  H  N N 70  
ASP HB3  H  N N 71  
ASP HD2  H  N N 72  
ASP HXT  H  N N 73  
GLN N    N  N N 74  
GLN CA   C  N S 75  
GLN C    C  N N 76  
GLN O    O  N N 77  
GLN CB   C  N N 78  
GLN CG   C  N N 79  
GLN CD   C  N N 80  
GLN OE1  O  N N 81  
GLN NE2  N  N N 82  
GLN OXT  O  N N 83  
GLN H    H  N N 84  
GLN H2   H  N N 85  
GLN HA   H  N N 86  
GLN HB2  H  N N 87  
GLN HB3  H  N N 88  
GLN HG2  H  N N 89  
GLN HG3  H  N N 90  
GLN HE21 H  N N 91  
GLN HE22 H  N N 92  
GLN HXT  H  N N 93  
GLU N    N  N N 94  
GLU CA   C  N S 95  
GLU C    C  N N 96  
GLU O    O  N N 97  
GLU CB   C  N N 98  
GLU CG   C  N N 99  
GLU CD   C  N N 100 
GLU OE1  O  N N 101 
GLU OE2  O  N N 102 
GLU OXT  O  N N 103 
GLU H    H  N N 104 
GLU H2   H  N N 105 
GLU HA   H  N N 106 
GLU HB2  H  N N 107 
GLU HB3  H  N N 108 
GLU HG2  H  N N 109 
GLU HG3  H  N N 110 
GLU HE2  H  N N 111 
GLU HXT  H  N N 112 
GLY N    N  N N 113 
GLY CA   C  N N 114 
GLY C    C  N N 115 
GLY O    O  N N 116 
GLY OXT  O  N N 117 
GLY H    H  N N 118 
GLY H2   H  N N 119 
GLY HA2  H  N N 120 
GLY HA3  H  N N 121 
GLY HXT  H  N N 122 
HIS N    N  N N 123 
HIS CA   C  N S 124 
HIS C    C  N N 125 
HIS O    O  N N 126 
HIS CB   C  N N 127 
HIS CG   C  Y N 128 
HIS ND1  N  Y N 129 
HIS CD2  C  Y N 130 
HIS CE1  C  Y N 131 
HIS NE2  N  Y N 132 
HIS OXT  O  N N 133 
HIS H    H  N N 134 
HIS H2   H  N N 135 
HIS HA   H  N N 136 
HIS HB2  H  N N 137 
HIS HB3  H  N N 138 
HIS HD1  H  N N 139 
HIS HD2  H  N N 140 
HIS HE1  H  N N 141 
HIS HE2  H  N N 142 
HIS HXT  H  N N 143 
HOH O    O  N N 144 
HOH H1   H  N N 145 
HOH H2   H  N N 146 
ILE N    N  N N 147 
ILE CA   C  N S 148 
ILE C    C  N N 149 
ILE O    O  N N 150 
ILE CB   C  N S 151 
ILE CG1  C  N N 152 
ILE CG2  C  N N 153 
ILE CD1  C  N N 154 
ILE OXT  O  N N 155 
ILE H    H  N N 156 
ILE H2   H  N N 157 
ILE HA   H  N N 158 
ILE HB   H  N N 159 
ILE HG12 H  N N 160 
ILE HG13 H  N N 161 
ILE HG21 H  N N 162 
ILE HG22 H  N N 163 
ILE HG23 H  N N 164 
ILE HD11 H  N N 165 
ILE HD12 H  N N 166 
ILE HD13 H  N N 167 
ILE HXT  H  N N 168 
LEU N    N  N N 169 
LEU CA   C  N S 170 
LEU C    C  N N 171 
LEU O    O  N N 172 
LEU CB   C  N N 173 
LEU CG   C  N N 174 
LEU CD1  C  N N 175 
LEU CD2  C  N N 176 
LEU OXT  O  N N 177 
LEU H    H  N N 178 
LEU H2   H  N N 179 
LEU HA   H  N N 180 
LEU HB2  H  N N 181 
LEU HB3  H  N N 182 
LEU HG   H  N N 183 
LEU HD11 H  N N 184 
LEU HD12 H  N N 185 
LEU HD13 H  N N 186 
LEU HD21 H  N N 187 
LEU HD22 H  N N 188 
LEU HD23 H  N N 189 
LEU HXT  H  N N 190 
LYS N    N  N N 191 
LYS CA   C  N S 192 
LYS C    C  N N 193 
LYS O    O  N N 194 
LYS CB   C  N N 195 
LYS CG   C  N N 196 
LYS CD   C  N N 197 
LYS CE   C  N N 198 
LYS NZ   N  N N 199 
LYS OXT  O  N N 200 
LYS H    H  N N 201 
LYS H2   H  N N 202 
LYS HA   H  N N 203 
LYS HB2  H  N N 204 
LYS HB3  H  N N 205 
LYS HG2  H  N N 206 
LYS HG3  H  N N 207 
LYS HD2  H  N N 208 
LYS HD3  H  N N 209 
LYS HE2  H  N N 210 
LYS HE3  H  N N 211 
LYS HZ1  H  N N 212 
LYS HZ2  H  N N 213 
LYS HZ3  H  N N 214 
LYS HXT  H  N N 215 
MET N    N  N N 216 
MET CA   C  N S 217 
MET C    C  N N 218 
MET O    O  N N 219 
MET CB   C  N N 220 
MET CG   C  N N 221 
MET SD   S  N N 222 
MET CE   C  N N 223 
MET OXT  O  N N 224 
MET H    H  N N 225 
MET H2   H  N N 226 
MET HA   H  N N 227 
MET HB2  H  N N 228 
MET HB3  H  N N 229 
MET HG2  H  N N 230 
MET HG3  H  N N 231 
MET HE1  H  N N 232 
MET HE2  H  N N 233 
MET HE3  H  N N 234 
MET HXT  H  N N 235 
PHE N    N  N N 236 
PHE CA   C  N S 237 
PHE C    C  N N 238 
PHE O    O  N N 239 
PHE CB   C  N N 240 
PHE CG   C  Y N 241 
PHE CD1  C  Y N 242 
PHE CD2  C  Y N 243 
PHE CE1  C  Y N 244 
PHE CE2  C  Y N 245 
PHE CZ   C  Y N 246 
PHE OXT  O  N N 247 
PHE H    H  N N 248 
PHE H2   H  N N 249 
PHE HA   H  N N 250 
PHE HB2  H  N N 251 
PHE HB3  H  N N 252 
PHE HD1  H  N N 253 
PHE HD2  H  N N 254 
PHE HE1  H  N N 255 
PHE HE2  H  N N 256 
PHE HZ   H  N N 257 
PHE HXT  H  N N 258 
PRO N    N  N N 259 
PRO CA   C  N S 260 
PRO C    C  N N 261 
PRO O    O  N N 262 
PRO CB   C  N N 263 
PRO CG   C  N N 264 
PRO CD   C  N N 265 
PRO OXT  O  N N 266 
PRO H    H  N N 267 
PRO HA   H  N N 268 
PRO HB2  H  N N 269 
PRO HB3  H  N N 270 
PRO HG2  H  N N 271 
PRO HG3  H  N N 272 
PRO HD2  H  N N 273 
PRO HD3  H  N N 274 
PRO HXT  H  N N 275 
SER N    N  N N 276 
SER CA   C  N S 277 
SER C    C  N N 278 
SER O    O  N N 279 
SER CB   C  N N 280 
SER OG   O  N N 281 
SER OXT  O  N N 282 
SER H    H  N N 283 
SER H2   H  N N 284 
SER HA   H  N N 285 
SER HB2  H  N N 286 
SER HB3  H  N N 287 
SER HG   H  N N 288 
SER HXT  H  N N 289 
THR N    N  N N 290 
THR CA   C  N S 291 
THR C    C  N N 292 
THR O    O  N N 293 
THR CB   C  N R 294 
THR OG1  O  N N 295 
THR CG2  C  N N 296 
THR OXT  O  N N 297 
THR H    H  N N 298 
THR H2   H  N N 299 
THR HA   H  N N 300 
THR HB   H  N N 301 
THR HG1  H  N N 302 
THR HG21 H  N N 303 
THR HG22 H  N N 304 
THR HG23 H  N N 305 
THR HXT  H  N N 306 
TRP N    N  N N 307 
TRP CA   C  N S 308 
TRP C    C  N N 309 
TRP O    O  N N 310 
TRP CB   C  N N 311 
TRP CG   C  Y N 312 
TRP CD1  C  Y N 313 
TRP CD2  C  Y N 314 
TRP NE1  N  Y N 315 
TRP CE2  C  Y N 316 
TRP CE3  C  Y N 317 
TRP CZ2  C  Y N 318 
TRP CZ3  C  Y N 319 
TRP CH2  C  Y N 320 
TRP OXT  O  N N 321 
TRP H    H  N N 322 
TRP H2   H  N N 323 
TRP HA   H  N N 324 
TRP HB2  H  N N 325 
TRP HB3  H  N N 326 
TRP HD1  H  N N 327 
TRP HE1  H  N N 328 
TRP HE3  H  N N 329 
TRP HZ2  H  N N 330 
TRP HZ3  H  N N 331 
TRP HH2  H  N N 332 
TRP HXT  H  N N 333 
TYR N    N  N N 334 
TYR CA   C  N S 335 
TYR C    C  N N 336 
TYR O    O  N N 337 
TYR CB   C  N N 338 
TYR CG   C  Y N 339 
TYR CD1  C  Y N 340 
TYR CD2  C  Y N 341 
TYR CE1  C  Y N 342 
TYR CE2  C  Y N 343 
TYR CZ   C  Y N 344 
TYR OH   O  N N 345 
TYR OXT  O  N N 346 
TYR H    H  N N 347 
TYR H2   H  N N 348 
TYR HA   H  N N 349 
TYR HB2  H  N N 350 
TYR HB3  H  N N 351 
TYR HD1  H  N N 352 
TYR HD2  H  N N 353 
TYR HE1  H  N N 354 
TYR HE2  H  N N 355 
TYR HH   H  N N 356 
TYR HXT  H  N N 357 
VAL N    N  N N 358 
VAL CA   C  N S 359 
VAL C    C  N N 360 
VAL O    O  N N 361 
VAL CB   C  N N 362 
VAL CG1  C  N N 363 
VAL CG2  C  N N 364 
VAL OXT  O  N N 365 
VAL H    H  N N 366 
VAL H2   H  N N 367 
VAL HA   H  N N 368 
VAL HB   H  N N 369 
VAL HG11 H  N N 370 
VAL HG12 H  N N 371 
VAL HG13 H  N N 372 
VAL HG21 H  N N 373 
VAL HG22 H  N N 374 
VAL HG23 H  N N 375 
VAL HXT  H  N N 376 
ZN  ZN   ZN N N 377 
# 
loop_
_chem_comp_bond.comp_id 
_chem_comp_bond.atom_id_1 
_chem_comp_bond.atom_id_2 
_chem_comp_bond.value_order 
_chem_comp_bond.pdbx_aromatic_flag 
_chem_comp_bond.pdbx_stereo_config 
_chem_comp_bond.pdbx_ordinal 
ALA N   CA   sing N N 1   
ALA N   H    sing N N 2   
ALA N   H2   sing N N 3   
ALA CA  C    sing N N 4   
ALA CA  CB   sing N N 5   
ALA CA  HA   sing N N 6   
ALA C   O    doub N N 7   
ALA C   OXT  sing N N 8   
ALA CB  HB1  sing N N 9   
ALA CB  HB2  sing N N 10  
ALA CB  HB3  sing N N 11  
ALA OXT HXT  sing N N 12  
ARG N   CA   sing N N 13  
ARG N   H    sing N N 14  
ARG N   H2   sing N N 15  
ARG CA  C    sing N N 16  
ARG CA  CB   sing N N 17  
ARG CA  HA   sing N N 18  
ARG C   O    doub N N 19  
ARG C   OXT  sing N N 20  
ARG CB  CG   sing N N 21  
ARG CB  HB2  sing N N 22  
ARG CB  HB3  sing N N 23  
ARG CG  CD   sing N N 24  
ARG CG  HG2  sing N N 25  
ARG CG  HG3  sing N N 26  
ARG CD  NE   sing N N 27  
ARG CD  HD2  sing N N 28  
ARG CD  HD3  sing N N 29  
ARG NE  CZ   sing N N 30  
ARG NE  HE   sing N N 31  
ARG CZ  NH1  sing N N 32  
ARG CZ  NH2  doub N N 33  
ARG NH1 HH11 sing N N 34  
ARG NH1 HH12 sing N N 35  
ARG NH2 HH21 sing N N 36  
ARG NH2 HH22 sing N N 37  
ARG OXT HXT  sing N N 38  
ASN N   CA   sing N N 39  
ASN N   H    sing N N 40  
ASN N   H2   sing N N 41  
ASN CA  C    sing N N 42  
ASN CA  CB   sing N N 43  
ASN CA  HA   sing N N 44  
ASN C   O    doub N N 45  
ASN C   OXT  sing N N 46  
ASN CB  CG   sing N N 47  
ASN CB  HB2  sing N N 48  
ASN CB  HB3  sing N N 49  
ASN CG  OD1  doub N N 50  
ASN CG  ND2  sing N N 51  
ASN ND2 HD21 sing N N 52  
ASN ND2 HD22 sing N N 53  
ASN OXT HXT  sing N N 54  
ASP N   CA   sing N N 55  
ASP N   H    sing N N 56  
ASP N   H2   sing N N 57  
ASP CA  C    sing N N 58  
ASP CA  CB   sing N N 59  
ASP CA  HA   sing N N 60  
ASP C   O    doub N N 61  
ASP C   OXT  sing N N 62  
ASP CB  CG   sing N N 63  
ASP CB  HB2  sing N N 64  
ASP CB  HB3  sing N N 65  
ASP CG  OD1  doub N N 66  
ASP CG  OD2  sing N N 67  
ASP OD2 HD2  sing N N 68  
ASP OXT HXT  sing N N 69  
GLN N   CA   sing N N 70  
GLN N   H    sing N N 71  
GLN N   H2   sing N N 72  
GLN CA  C    sing N N 73  
GLN CA  CB   sing N N 74  
GLN CA  HA   sing N N 75  
GLN C   O    doub N N 76  
GLN C   OXT  sing N N 77  
GLN CB  CG   sing N N 78  
GLN CB  HB2  sing N N 79  
GLN CB  HB3  sing N N 80  
GLN CG  CD   sing N N 81  
GLN CG  HG2  sing N N 82  
GLN CG  HG3  sing N N 83  
GLN CD  OE1  doub N N 84  
GLN CD  NE2  sing N N 85  
GLN NE2 HE21 sing N N 86  
GLN NE2 HE22 sing N N 87  
GLN OXT HXT  sing N N 88  
GLU N   CA   sing N N 89  
GLU N   H    sing N N 90  
GLU N   H2   sing N N 91  
GLU CA  C    sing N N 92  
GLU CA  CB   sing N N 93  
GLU CA  HA   sing N N 94  
GLU C   O    doub N N 95  
GLU C   OXT  sing N N 96  
GLU CB  CG   sing N N 97  
GLU CB  HB2  sing N N 98  
GLU CB  HB3  sing N N 99  
GLU CG  CD   sing N N 100 
GLU CG  HG2  sing N N 101 
GLU CG  HG3  sing N N 102 
GLU CD  OE1  doub N N 103 
GLU CD  OE2  sing N N 104 
GLU OE2 HE2  sing N N 105 
GLU OXT HXT  sing N N 106 
GLY N   CA   sing N N 107 
GLY N   H    sing N N 108 
GLY N   H2   sing N N 109 
GLY CA  C    sing N N 110 
GLY CA  HA2  sing N N 111 
GLY CA  HA3  sing N N 112 
GLY C   O    doub N N 113 
GLY C   OXT  sing N N 114 
GLY OXT HXT  sing N N 115 
HIS N   CA   sing N N 116 
HIS N   H    sing N N 117 
HIS N   H2   sing N N 118 
HIS CA  C    sing N N 119 
HIS CA  CB   sing N N 120 
HIS CA  HA   sing N N 121 
HIS C   O    doub N N 122 
HIS C   OXT  sing N N 123 
HIS CB  CG   sing N N 124 
HIS CB  HB2  sing N N 125 
HIS CB  HB3  sing N N 126 
HIS CG  ND1  sing Y N 127 
HIS CG  CD2  doub Y N 128 
HIS ND1 CE1  doub Y N 129 
HIS ND1 HD1  sing N N 130 
HIS CD2 NE2  sing Y N 131 
HIS CD2 HD2  sing N N 132 
HIS CE1 NE2  sing Y N 133 
HIS CE1 HE1  sing N N 134 
HIS NE2 HE2  sing N N 135 
HIS OXT HXT  sing N N 136 
HOH O   H1   sing N N 137 
HOH O   H2   sing N N 138 
ILE N   CA   sing N N 139 
ILE N   H    sing N N 140 
ILE N   H2   sing N N 141 
ILE CA  C    sing N N 142 
ILE CA  CB   sing N N 143 
ILE CA  HA   sing N N 144 
ILE C   O    doub N N 145 
ILE C   OXT  sing N N 146 
ILE CB  CG1  sing N N 147 
ILE CB  CG2  sing N N 148 
ILE CB  HB   sing N N 149 
ILE CG1 CD1  sing N N 150 
ILE CG1 HG12 sing N N 151 
ILE CG1 HG13 sing N N 152 
ILE CG2 HG21 sing N N 153 
ILE CG2 HG22 sing N N 154 
ILE CG2 HG23 sing N N 155 
ILE CD1 HD11 sing N N 156 
ILE CD1 HD12 sing N N 157 
ILE CD1 HD13 sing N N 158 
ILE OXT HXT  sing N N 159 
LEU N   CA   sing N N 160 
LEU N   H    sing N N 161 
LEU N   H2   sing N N 162 
LEU CA  C    sing N N 163 
LEU CA  CB   sing N N 164 
LEU CA  HA   sing N N 165 
LEU C   O    doub N N 166 
LEU C   OXT  sing N N 167 
LEU CB  CG   sing N N 168 
LEU CB  HB2  sing N N 169 
LEU CB  HB3  sing N N 170 
LEU CG  CD1  sing N N 171 
LEU CG  CD2  sing N N 172 
LEU CG  HG   sing N N 173 
LEU CD1 HD11 sing N N 174 
LEU CD1 HD12 sing N N 175 
LEU CD1 HD13 sing N N 176 
LEU CD2 HD21 sing N N 177 
LEU CD2 HD22 sing N N 178 
LEU CD2 HD23 sing N N 179 
LEU OXT HXT  sing N N 180 
LYS N   CA   sing N N 181 
LYS N   H    sing N N 182 
LYS N   H2   sing N N 183 
LYS CA  C    sing N N 184 
LYS CA  CB   sing N N 185 
LYS CA  HA   sing N N 186 
LYS C   O    doub N N 187 
LYS C   OXT  sing N N 188 
LYS CB  CG   sing N N 189 
LYS CB  HB2  sing N N 190 
LYS CB  HB3  sing N N 191 
LYS CG  CD   sing N N 192 
LYS CG  HG2  sing N N 193 
LYS CG  HG3  sing N N 194 
LYS CD  CE   sing N N 195 
LYS CD  HD2  sing N N 196 
LYS CD  HD3  sing N N 197 
LYS CE  NZ   sing N N 198 
LYS CE  HE2  sing N N 199 
LYS CE  HE3  sing N N 200 
LYS NZ  HZ1  sing N N 201 
LYS NZ  HZ2  sing N N 202 
LYS NZ  HZ3  sing N N 203 
LYS OXT HXT  sing N N 204 
MET N   CA   sing N N 205 
MET N   H    sing N N 206 
MET N   H2   sing N N 207 
MET CA  C    sing N N 208 
MET CA  CB   sing N N 209 
MET CA  HA   sing N N 210 
MET C   O    doub N N 211 
MET C   OXT  sing N N 212 
MET CB  CG   sing N N 213 
MET CB  HB2  sing N N 214 
MET CB  HB3  sing N N 215 
MET CG  SD   sing N N 216 
MET CG  HG2  sing N N 217 
MET CG  HG3  sing N N 218 
MET SD  CE   sing N N 219 
MET CE  HE1  sing N N 220 
MET CE  HE2  sing N N 221 
MET CE  HE3  sing N N 222 
MET OXT HXT  sing N N 223 
PHE N   CA   sing N N 224 
PHE N   H    sing N N 225 
PHE N   H2   sing N N 226 
PHE CA  C    sing N N 227 
PHE CA  CB   sing N N 228 
PHE CA  HA   sing N N 229 
PHE C   O    doub N N 230 
PHE C   OXT  sing N N 231 
PHE CB  CG   sing N N 232 
PHE CB  HB2  sing N N 233 
PHE CB  HB3  sing N N 234 
PHE CG  CD1  doub Y N 235 
PHE CG  CD2  sing Y N 236 
PHE CD1 CE1  sing Y N 237 
PHE CD1 HD1  sing N N 238 
PHE CD2 CE2  doub Y N 239 
PHE CD2 HD2  sing N N 240 
PHE CE1 CZ   doub Y N 241 
PHE CE1 HE1  sing N N 242 
PHE CE2 CZ   sing Y N 243 
PHE CE2 HE2  sing N N 244 
PHE CZ  HZ   sing N N 245 
PHE OXT HXT  sing N N 246 
PRO N   CA   sing N N 247 
PRO N   CD   sing N N 248 
PRO N   H    sing N N 249 
PRO CA  C    sing N N 250 
PRO CA  CB   sing N N 251 
PRO CA  HA   sing N N 252 
PRO C   O    doub N N 253 
PRO C   OXT  sing N N 254 
PRO CB  CG   sing N N 255 
PRO CB  HB2  sing N N 256 
PRO CB  HB3  sing N N 257 
PRO CG  CD   sing N N 258 
PRO CG  HG2  sing N N 259 
PRO CG  HG3  sing N N 260 
PRO CD  HD2  sing N N 261 
PRO CD  HD3  sing N N 262 
PRO OXT HXT  sing N N 263 
SER N   CA   sing N N 264 
SER N   H    sing N N 265 
SER N   H2   sing N N 266 
SER CA  C    sing N N 267 
SER CA  CB   sing N N 268 
SER CA  HA   sing N N 269 
SER C   O    doub N N 270 
SER C   OXT  sing N N 271 
SER CB  OG   sing N N 272 
SER CB  HB2  sing N N 273 
SER CB  HB3  sing N N 274 
SER OG  HG   sing N N 275 
SER OXT HXT  sing N N 276 
THR N   CA   sing N N 277 
THR N   H    sing N N 278 
THR N   H2   sing N N 279 
THR CA  C    sing N N 280 
THR CA  CB   sing N N 281 
THR CA  HA   sing N N 282 
THR C   O    doub N N 283 
THR C   OXT  sing N N 284 
THR CB  OG1  sing N N 285 
THR CB  CG2  sing N N 286 
THR CB  HB   sing N N 287 
THR OG1 HG1  sing N N 288 
THR CG2 HG21 sing N N 289 
THR CG2 HG22 sing N N 290 
THR CG2 HG23 sing N N 291 
THR OXT HXT  sing N N 292 
TRP N   CA   sing N N 293 
TRP N   H    sing N N 294 
TRP N   H2   sing N N 295 
TRP CA  C    sing N N 296 
TRP CA  CB   sing N N 297 
TRP CA  HA   sing N N 298 
TRP C   O    doub N N 299 
TRP C   OXT  sing N N 300 
TRP CB  CG   sing N N 301 
TRP CB  HB2  sing N N 302 
TRP CB  HB3  sing N N 303 
TRP CG  CD1  doub Y N 304 
TRP CG  CD2  sing Y N 305 
TRP CD1 NE1  sing Y N 306 
TRP CD1 HD1  sing N N 307 
TRP CD2 CE2  doub Y N 308 
TRP CD2 CE3  sing Y N 309 
TRP NE1 CE2  sing Y N 310 
TRP NE1 HE1  sing N N 311 
TRP CE2 CZ2  sing Y N 312 
TRP CE3 CZ3  doub Y N 313 
TRP CE3 HE3  sing N N 314 
TRP CZ2 CH2  doub Y N 315 
TRP CZ2 HZ2  sing N N 316 
TRP CZ3 CH2  sing Y N 317 
TRP CZ3 HZ3  sing N N 318 
TRP CH2 HH2  sing N N 319 
TRP OXT HXT  sing N N 320 
TYR N   CA   sing N N 321 
TYR N   H    sing N N 322 
TYR N   H2   sing N N 323 
TYR CA  C    sing N N 324 
TYR CA  CB   sing N N 325 
TYR CA  HA   sing N N 326 
TYR C   O    doub N N 327 
TYR C   OXT  sing N N 328 
TYR CB  CG   sing N N 329 
TYR CB  HB2  sing N N 330 
TYR CB  HB3  sing N N 331 
TYR CG  CD1  doub Y N 332 
TYR CG  CD2  sing Y N 333 
TYR CD1 CE1  sing Y N 334 
TYR CD1 HD1  sing N N 335 
TYR CD2 CE2  doub Y N 336 
TYR CD2 HD2  sing N N 337 
TYR CE1 CZ   doub Y N 338 
TYR CE1 HE1  sing N N 339 
TYR CE2 CZ   sing Y N 340 
TYR CE2 HE2  sing N N 341 
TYR CZ  OH   sing N N 342 
TYR OH  HH   sing N N 343 
TYR OXT HXT  sing N N 344 
VAL N   CA   sing N N 345 
VAL N   H    sing N N 346 
VAL N   H2   sing N N 347 
VAL CA  C    sing N N 348 
VAL CA  CB   sing N N 349 
VAL CA  HA   sing N N 350 
VAL C   O    doub N N 351 
VAL C   OXT  sing N N 352 
VAL CB  CG1  sing N N 353 
VAL CB  CG2  sing N N 354 
VAL CB  HB   sing N N 355 
VAL CG1 HG11 sing N N 356 
VAL CG1 HG12 sing N N 357 
VAL CG1 HG13 sing N N 358 
VAL CG2 HG21 sing N N 359 
VAL CG2 HG22 sing N N 360 
VAL CG2 HG23 sing N N 361 
VAL OXT HXT  sing N N 362 
# 
_pdbx_audit_support.funding_organization   'Other private' 
_pdbx_audit_support.country                Japan 
_pdbx_audit_support.grant_number           ? 
_pdbx_audit_support.ordinal                1 
# 
_atom_sites.entry_id                    6JX3 
_atom_sites.fract_transf_matrix[1][1]   -0.02031417 
_atom_sites.fract_transf_matrix[1][2]   0.00205622 
_atom_sites.fract_transf_matrix[1][3]   -0.00053584 
_atom_sites.fract_transf_matrix[2][1]   -0.00040396 
_atom_sites.fract_transf_matrix[2][2]   -0.00112182 
_atom_sites.fract_transf_matrix[2][3]   0.01100962 
_atom_sites.fract_transf_matrix[3][1]   0.00166886 
_atom_sites.fract_transf_matrix[3][2]   0.01695341 
_atom_sites.fract_transf_matrix[3][3]   0.00178870 
_atom_sites.fract_transf_vector[1]      0.779190 
_atom_sites.fract_transf_vector[2]      0.311201 
_atom_sites.fract_transf_vector[3]      0.394988 
# 
loop_
_atom_type.symbol 
C  
N  
O  
S  
ZN 
# 
loop_
_atom_site.group_PDB 
_atom_site.id 
_atom_site.type_symbol 
_atom_site.label_atom_id 
_atom_site.label_alt_id 
_atom_site.label_comp_id 
_atom_site.label_asym_id 
_atom_site.label_entity_id 
_atom_site.label_seq_id 
_atom_site.pdbx_PDB_ins_code 
_atom_site.Cartn_x 
_atom_site.Cartn_y 
_atom_site.Cartn_z 
_atom_site.occupancy 
_atom_site.B_iso_or_equiv 
_atom_site.pdbx_formal_charge 
_atom_site.auth_seq_id 
_atom_site.auth_comp_id 
_atom_site.auth_asym_id 
_atom_site.auth_atom_id 
_atom_site.pdbx_PDB_model_num 
ATOM   1   N  N   . ALA A 1 15 ? -9.194  7.884   -12.075 1.00 39.43 ? 6   ALA B N   1 
ATOM   2   C  CA  . ALA A 1 15 ? -9.502  7.493   -10.703 1.00 46.43 ? 6   ALA B CA  1 
ATOM   3   C  C   . ALA A 1 15 ? -9.018  6.077   -10.349 1.00 45.67 ? 6   ALA B C   1 
ATOM   4   O  O   . ALA A 1 15 ? -9.095  5.671   -9.191  1.00 47.72 ? 6   ALA B O   1 
ATOM   5   C  CB  . ALA A 1 15 ? -11.001 7.603   -10.452 1.00 38.70 ? 6   ALA B CB  1 
ATOM   6   N  N   . GLU A 1 16 ? -8.523  5.320   -11.328 1.00 37.44 ? 7   GLU B N   1 
ATOM   7   C  CA  . GLU A 1 16 ? -8.127  3.940   -11.069 1.00 33.97 ? 7   GLU B CA  1 
ATOM   8   C  C   . GLU A 1 16 ? -6.690  3.882   -10.562 1.00 31.37 ? 7   GLU B C   1 
ATOM   9   O  O   . GLU A 1 16 ? -5.773  4.432   -11.181 1.00 32.96 ? 7   GLU B O   1 
ATOM   10  C  CB  . GLU A 1 16 ? -8.300  3.060   -12.313 1.00 42.45 ? 7   GLU B CB  1 
ATOM   11  C  CG  . GLU A 1 16 ? -7.477  3.438   -13.541 1.00 55.60 ? 7   GLU B CG  1 
ATOM   12  C  CD  . GLU A 1 16 ? -7.363  2.292   -14.543 1.00 68.67 ? 7   GLU B CD  1 
ATOM   13  O  OE1 . GLU A 1 16 ? -6.725  2.482   -15.602 1.00 69.67 ? 7   GLU B OE1 1 
ATOM   14  O  OE2 . GLU A 1 16 ? -7.914  1.201   -14.274 1.00 67.87 ? 7   GLU B OE2 1 
ATOM   15  N  N   . PHE A 1 17 ? -6.503  3.230   -9.423  1.00 24.17 ? 8   PHE B N   1 
ATOM   16  C  CA  . PHE A 1 17 ? -5.162  3.010   -8.894  1.00 20.02 ? 8   PHE B CA  1 
ATOM   17  C  C   . PHE A 1 17 ? -4.489  1.911   -9.705  1.00 17.28 ? 8   PHE B C   1 
ATOM   18  O  O   . PHE A 1 17 ? -5.069  0.843   -9.922  1.00 19.50 ? 8   PHE B O   1 
ATOM   19  C  CB  . PHE A 1 17 ? -5.250  2.623   -7.420  1.00 21.90 ? 8   PHE B CB  1 
ATOM   20  C  CG  . PHE A 1 17 ? -3.931  2.265   -6.805  1.00 14.77 ? 8   PHE B CG  1 
ATOM   21  C  CD1 . PHE A 1 17 ? -3.099  3.254   -6.318  1.00 17.07 ? 8   PHE B CD1 1 
ATOM   22  C  CD2 . PHE A 1 17 ? -3.535  0.947   -6.706  1.00 18.68 ? 8   PHE B CD2 1 
ATOM   23  C  CE1 . PHE A 1 17 ? -1.887  2.940   -5.739  1.00 19.61 ? 8   PHE B CE1 1 
ATOM   24  C  CE2 . PHE A 1 17 ? -2.327  0.620   -6.133  1.00 17.69 ? 8   PHE B CE2 1 
ATOM   25  C  CZ  . PHE A 1 17 ? -1.503  1.620   -5.644  1.00 16.42 ? 8   PHE B CZ  1 
ATOM   26  N  N   . ARG A 1 18 ? -3.261  2.167   -10.161 1.00 17.87 ? 9   ARG B N   1 
ATOM   27  C  CA  . ARG A 1 18 ? -2.548  1.181   -10.956 1.00 16.25 ? 9   ARG B CA  1 
ATOM   28  C  C   . ARG A 1 18 ? -1.099  1.154   -10.507 1.00 17.11 ? 9   ARG B C   1 
ATOM   29  O  O   . ARG A 1 18 ? -0.514  2.205   -10.230 1.00 17.74 ? 9   ARG B O   1 
ATOM   30  C  CB  . ARG A 1 18 ? -2.597  1.500   -12.457 1.00 23.11 ? 9   ARG B CB  1 
ATOM   31  C  CG  . ARG A 1 18 ? -3.966  1.329   -13.095 1.00 38.65 ? 9   ARG B CG  1 
ATOM   32  C  CD  . ARG A 1 18 ? -3.896  1.542   -14.602 1.00 47.31 ? 9   ARG B CD  1 
ATOM   33  N  NE  . ARG A 1 18 ? -3.509  2.909   -14.945 1.00 61.44 ? 9   ARG B NE  1 
ATOM   34  C  CZ  . ARG A 1 18 ? -2.915  3.254   -16.083 1.00 61.28 ? 9   ARG B CZ  1 
ATOM   35  N  NH1 . ARG A 1 18 ? -2.632  2.330   -16.995 1.00 58.22 ? 9   ARG B NH1 1 
ATOM   36  N  NH2 . ARG A 1 18 ? -2.600  4.523   -16.310 1.00 56.59 ? 9   ARG B NH2 1 
ATOM   37  N  N   . LEU A 1 19 ? -0.534  -0.046  -10.439 1.00 18.56 ? 10  LEU B N   1 
ATOM   38  C  CA  . LEU A 1 19 ? 0.901   -0.169  -10.248 1.00 17.51 ? 10  LEU B CA  1 
ATOM   39  C  C   . LEU A 1 19 ? 1.627   0.096   -11.560 1.00 20.23 ? 10  LEU B C   1 
ATOM   40  O  O   . LEU A 1 19 ? 1.091   -0.131  -12.647 1.00 20.61 ? 10  LEU B O   1 
ATOM   41  C  CB  . LEU A 1 19 ? 1.262   -1.559  -9.730  1.00 17.43 ? 10  LEU B CB  1 
ATOM   42  C  CG  . LEU A 1 19 ? 0.787   -1.911  -8.320  1.00 20.27 ? 10  LEU B CG  1 
ATOM   43  C  CD1 . LEU A 1 19 ? 1.282   -3.310  -7.929  1.00 20.49 ? 10  LEU B CD1 1 
ATOM   44  C  CD2 . LEU A 1 19 ? 1.219   -0.871  -7.285  1.00 19.14 ? 10  LEU B CD2 1 
ATOM   45  N  N   . ARG A 1 20 ? 2.863   0.573   -11.450 1.00 12.39 ? 11  ARG B N   1 
ATOM   46  C  CA  . ARG A 1 20 ? 3.676   0.749   -12.636 1.00 12.88 ? 11  ARG B CA  1 
ATOM   47  C  C   . ARG A 1 20 ? 3.932   -0.619  -13.269 1.00 15.97 ? 11  ARG B C   1 
ATOM   48  O  O   . ARG A 1 20 ? 3.876   -1.649  -12.586 1.00 18.17 ? 11  ARG B O   1 
ATOM   49  C  CB  . ARG A 1 20 ? 4.986   1.461   -12.289 1.00 15.67 ? 11  ARG B CB  1 
ATOM   50  C  CG  . ARG A 1 20 ? 4.846   2.989   -11.992 1.00 18.60 ? 11  ARG B CG  1 
ATOM   51  C  CD  . ARG A 1 20 ? 6.192   3.733   -12.129 1.00 17.21 ? 11  ARG B CD  1 
ATOM   52  N  NE  . ARG A 1 20 ? 6.893   3.255   -13.315 1.00 22.83 ? 11  ARG B NE  1 
ATOM   53  C  CZ  . ARG A 1 20 ? 6.737   3.756   -14.537 1.00 24.22 ? 11  ARG B CZ  1 
ATOM   54  N  NH1 . ARG A 1 20 ? 5.941   4.802   -14.743 1.00 21.63 ? 11  ARG B NH1 1 
ATOM   55  N  NH2 . ARG A 1 20 ? 7.384   3.207   -15.557 1.00 28.57 ? 11  ARG B NH2 1 
ATOM   56  N  N   . PRO A 1 21 ? 4.170   -0.665  -14.582 1.00 18.35 ? 12  PRO B N   1 
ATOM   57  C  CA  . PRO A 1 21 ? 4.227   -1.966  -15.273 1.00 18.35 ? 12  PRO B CA  1 
ATOM   58  C  C   . PRO A 1 21 ? 5.341   -2.873  -14.793 1.00 17.97 ? 12  PRO B C   1 
ATOM   59  O  O   . PRO A 1 21 ? 5.208   -4.102  -14.892 1.00 22.11 ? 12  PRO B O   1 
ATOM   60  C  CB  . PRO A 1 21 ? 4.432   -1.578  -16.745 1.00 23.27 ? 12  PRO B CB  1 
ATOM   61  C  CG  . PRO A 1 21 ? 4.074   -0.146  -16.837 1.00 32.12 ? 12  PRO B CG  1 
ATOM   62  C  CD  . PRO A 1 21 ? 4.317   0.469   -15.505 1.00 22.23 ? 12  PRO B CD  1 
ATOM   63  N  N   . GLU A 1 22 ? 6.438   -2.311  -14.294 1.00 19.51 ? 13  GLU B N   1 
ATOM   64  C  CA  . GLU A 1 22 ? 7.599   -3.095  -13.892 1.00 17.76 ? 13  GLU B CA  1 
ATOM   65  C  C   . GLU A 1 22 ? 7.521   -3.590  -12.450 1.00 16.04 ? 13  GLU B C   1 
ATOM   66  O  O   . GLU A 1 22 ? 8.485   -4.193  -11.957 1.00 15.63 ? 13  GLU B O   1 
ATOM   67  C  CB  . GLU A 1 22 ? 8.878   -2.274  -14.097 1.00 15.07 ? 13  GLU B CB  1 
ATOM   68  C  CG  . GLU A 1 22 ? 9.087   -1.145  -13.089 1.00 16.31 ? 13  GLU B CG  1 
ATOM   69  C  CD  . GLU A 1 22 ? 8.407   0.172   -13.468 1.00 18.98 ? 13  GLU B CD  1 
ATOM   70  O  OE1 . GLU A 1 22 ? 7.511   0.199   -14.340 1.00 19.45 ? 13  GLU B OE1 1 
ATOM   71  O  OE2 . GLU A 1 22 ? 8.766   1.208   -12.880 1.00 17.90 ? 13  GLU B OE2 1 
ATOM   72  N  N   . ILE A 1 23 ? 6.392   -3.384  -11.778 1.00 14.62 ? 14  ILE B N   1 
ATOM   73  C  CA  . ILE A 1 23 ? 6.248   -3.744  -10.373 1.00 13.83 ? 14  ILE B CA  1 
ATOM   74  C  C   . ILE A 1 23 ? 5.716   -5.164  -10.260 1.00 15.50 ? 14  ILE B C   1 
ATOM   75  O  O   . ILE A 1 23 ? 4.714   -5.516  -10.891 1.00 17.31 ? 14  ILE B O   1 
ATOM   76  C  CB  . ILE A 1 23 ? 5.313   -2.762  -9.650  1.00 14.39 ? 14  ILE B CB  1 
ATOM   77  C  CG1 . ILE A 1 23 ? 5.823   -1.325  -9.776  1.00 15.08 ? 14  ILE B CG1 1 
ATOM   78  C  CG2 . ILE A 1 23 ? 5.141   -3.192  -8.196  1.00 15.34 ? 14  ILE B CG2 1 
ATOM   79  C  CD1 . ILE A 1 23 ? 7.273   -1.131  -9.294  1.00 17.74 ? 14  ILE B CD1 1 
ATOM   80  N  N   . SER A 1 24 ? 6.388   -5.988  -9.461  1.00 16.14 ? 15  SER B N   1 
ATOM   81  C  CA  A SER A 1 24 ? 5.918   -7.319  -9.106  0.60 16.81 ? 15  SER B CA  1 
ATOM   82  C  CA  B SER A 1 24 ? 5.857   -7.296  -9.117  0.40 16.79 ? 15  SER B CA  1 
ATOM   83  C  C   . SER A 1 24 ? 5.594   -7.351  -7.621  1.00 15.83 ? 15  SER B C   1 
ATOM   84  O  O   . SER A 1 24 ? 6.106   -6.548  -6.840  1.00 17.16 ? 15  SER B O   1 
ATOM   85  C  CB  A SER A 1 24 ? 6.968   -8.392  -9.437  0.60 15.94 ? 15  SER B CB  1 
ATOM   86  C  CB  B SER A 1 24 ? 6.802   -8.431  -9.536  0.40 16.26 ? 15  SER B CB  1 
ATOM   87  O  OG  A SER A 1 24 ? 7.192   -8.469  -10.833 0.60 19.09 ? 15  SER B OG  1 
ATOM   88  O  OG  B SER A 1 24 ? 8.062   -8.279  -8.932  0.40 16.29 ? 15  SER B OG  1 
ATOM   89  N  N   . VAL A 1 25 ? 4.750   -8.303  -7.232  1.00 15.61 ? 16  VAL B N   1 
ATOM   90  C  CA  . VAL A 1 25 ? 4.307   -8.444  -5.854  1.00 15.86 ? 16  VAL B CA  1 
ATOM   91  C  C   . VAL A 1 25 ? 4.606   -9.849  -5.366  1.00 15.76 ? 16  VAL B C   1 
ATOM   92  O  O   . VAL A 1 25 ? 4.464   -10.820 -6.116  1.00 17.75 ? 16  VAL B O   1 
ATOM   93  C  CB  . VAL A 1 25 ? 2.795   -8.174  -5.730  1.00 18.96 ? 16  VAL B CB  1 
ATOM   94  C  CG1 . VAL A 1 25 ? 2.375   -8.150  -4.263  1.00 27.12 ? 16  VAL B CG1 1 
ATOM   95  C  CG2 . VAL A 1 25 ? 2.410   -6.884  -6.474  1.00 25.53 ? 16  VAL B CG2 1 
ATOM   96  N  N   . ALA A 1 26 ? 4.976   -9.968  -4.099  1.00 19.92 ? 17  ALA B N   1 
ATOM   97  C  CA  . ALA A 1 26 ? 5.078   -11.276 -3.469  1.00 22.95 ? 17  ALA B CA  1 
ATOM   98  C  C   . ALA A 1 26 ? 4.431   -11.217 -2.094  1.00 26.47 ? 17  ALA B C   1 
ATOM   99  O  O   . ALA A 1 26 ? 4.518   -10.199 -1.401  1.00 23.74 ? 17  ALA B O   1 
ATOM   100 C  CB  . ALA A 1 26 ? 6.538   -11.728 -3.345  1.00 21.27 ? 17  ALA B CB  1 
ATOM   101 N  N   . GLN A 1 27 ? 3.763   -12.300 -1.706  1.00 26.80 ? 18  GLN B N   1 
ATOM   102 C  CA  . GLN A 1 27 ? 3.329   -12.486 -0.325  1.00 33.63 ? 18  GLN B CA  1 
ATOM   103 C  C   . GLN A 1 27 ? 4.358   -13.357 0.388   1.00 31.85 ? 18  GLN B C   1 
ATOM   104 O  O   . GLN A 1 27 ? 4.616   -14.487 -0.037  1.00 46.92 ? 18  GLN B O   1 
ATOM   105 C  CB  . GLN A 1 27 ? 1.943   -13.126 -0.263  1.00 32.99 ? 18  GLN B CB  1 
ATOM   106 C  CG  . GLN A 1 27 ? 0.888   -12.388 -1.070  1.00 36.58 ? 18  GLN B CG  1 
ATOM   107 C  CD  . GLN A 1 27 ? 0.538   -11.036 -0.476  1.00 38.97 ? 18  GLN B CD  1 
ATOM   108 O  OE1 . GLN A 1 27 ? 0.773   -10.784 0.706   1.00 47.52 ? 18  GLN B OE1 1 
ATOM   109 N  NE2 . GLN A 1 27 ? -0.034  -10.163 -1.293  1.00 45.30 ? 18  GLN B NE2 1 
ATOM   110 N  N   . THR A 1 28 ? 4.946   -12.833 1.463   1.00 35.82 ? 19  THR B N   1 
ATOM   111 C  CA  . THR A 1 28 ? 6.001   -13.528 2.196   1.00 38.18 ? 19  THR B CA  1 
ATOM   112 C  C   . THR A 1 28 ? 5.643   -13.622 3.674   1.00 47.50 ? 19  THR B C   1 
ATOM   113 O  O   . THR A 1 28 ? 4.604   -13.124 4.122   1.00 42.98 ? 19  THR B O   1 
ATOM   114 C  CB  . THR A 1 28 ? 7.354   -12.827 2.038   1.00 39.80 ? 19  THR B CB  1 
ATOM   115 O  OG1 . THR A 1 28 ? 7.428   -11.710 2.935   1.00 34.73 ? 19  THR B OG1 1 
ATOM   116 C  CG2 . THR A 1 28 ? 7.498   -12.333 0.635   1.00 36.22 ? 19  THR B CG2 1 
ATOM   117 N  N   . ASP A 1 29 ? 6.536   -14.265 4.436   1.00 42.68 ? 20  ASP B N   1 
ATOM   118 C  CA  . ASP A 1 29 ? 6.363   -14.361 5.880   1.00 48.36 ? 20  ASP B CA  1 
ATOM   119 C  C   . ASP A 1 29 ? 6.535   -13.010 6.564   1.00 51.90 ? 20  ASP B C   1 
ATOM   120 O  O   . ASP A 1 29 ? 6.025   -12.818 7.672   1.00 55.28 ? 20  ASP B O   1 
ATOM   121 C  CB  . ASP A 1 29 ? 7.351   -15.375 6.464   1.00 54.62 ? 20  ASP B CB  1 
ATOM   122 C  CG  . ASP A 1 29 ? 7.081   -16.800 5.995   1.00 59.80 ? 20  ASP B CG  1 
ATOM   123 O  OD1 . ASP A 1 29 ? 5.955   -17.078 5.523   1.00 55.40 ? 20  ASP B OD1 1 
ATOM   124 O  OD2 . ASP A 1 29 ? 7.994   -17.645 6.098   1.00 63.79 ? 20  ASP B OD2 1 
ATOM   125 N  N   . TYR A 1 30 ? 7.244   -12.071 5.930   1.00 52.66 ? 21  TYR B N   1 
ATOM   126 C  CA  . TYR A 1 30 ? 7.345   -10.715 6.454   1.00 57.45 ? 21  TYR B CA  1 
ATOM   127 C  C   . TYR A 1 30 ? 6.150   -9.851  6.069   1.00 57.10 ? 21  TYR B C   1 
ATOM   128 O  O   . TYR A 1 30 ? 5.920   -8.817  6.708   1.00 60.02 ? 21  TYR B O   1 
ATOM   129 C  CB  . TYR A 1 30 ? 8.637   -10.051 5.967   1.00 62.80 ? 21  TYR B CB  1 
ATOM   130 C  CG  . TYR A 1 30 ? 9.864   -10.932 6.063   1.00 65.31 ? 21  TYR B CG  1 
ATOM   131 C  CD1 . TYR A 1 30 ? 10.522  -11.365 4.916   1.00 68.03 ? 21  TYR B CD1 1 
ATOM   132 C  CD2 . TYR A 1 30 ? 10.366  -11.327 7.297   1.00 68.16 ? 21  TYR B CD2 1 
ATOM   133 C  CE1 . TYR A 1 30 ? 11.646  -12.171 4.996   1.00 71.44 ? 21  TYR B CE1 1 
ATOM   134 C  CE2 . TYR A 1 30 ? 11.490  -12.133 7.388   1.00 72.01 ? 21  TYR B CE2 1 
ATOM   135 C  CZ  . TYR A 1 30 ? 12.126  -12.551 6.234   1.00 75.74 ? 21  TYR B CZ  1 
ATOM   136 O  OH  . TYR A 1 30 ? 13.243  -13.352 6.320   1.00 78.31 ? 21  TYR B OH  1 
ATOM   137 N  N   . GLY A 1 31 ? 5.386   -10.248 5.043   1.00 35.76 ? 22  GLY B N   1 
ATOM   138 C  CA  . GLY A 1 31 ? 4.238   -9.520  4.552   1.00 28.75 ? 22  GLY B CA  1 
ATOM   139 C  C   . GLY A 1 31 ? 4.341   -9.309  3.056   1.00 33.07 ? 22  GLY B C   1 
ATOM   140 O  O   . GLY A 1 31 ? 5.103   -9.996  2.364   1.00 31.86 ? 22  GLY B O   1 
ATOM   141 N  N   . MET A 1 32 ? 3.565   -8.340  2.559   1.00 29.16 ? 23  MET B N   1 
ATOM   142 C  CA  . MET A 1 32 ? 3.521   -8.040  1.132   1.00 22.26 ? 23  MET B CA  1 
ATOM   143 C  C   . MET A 1 32 ? 4.739   -7.227  0.727   1.00 23.21 ? 23  MET B C   1 
ATOM   144 O  O   . MET A 1 32 ? 5.096   -6.246  1.391   1.00 20.10 ? 23  MET B O   1 
ATOM   145 C  CB  . MET A 1 32 ? 2.247   -7.277  0.775   1.00 22.57 ? 23  MET B CB  1 
ATOM   146 C  CG  . MET A 1 32 ? 2.171   -6.813  -0.671  1.00 24.99 ? 23  MET B CG  1 
ATOM   147 S  SD  . MET A 1 32 ? 0.510   -6.219  -1.076  1.00 34.71 ? 23  MET B SD  1 
ATOM   148 C  CE  . MET A 1 32 ? 0.747   -5.479  -2.680  1.00 32.23 ? 23  MET B CE  1 
ATOM   149 N  N   . VAL A 1 33 ? 5.376   -7.638  -0.365  1.00 16.48 ? 24  VAL B N   1 
ATOM   150 C  CA  A VAL A 1 33 ? 6.576   -6.998  -0.886  0.55 17.33 ? 24  VAL B CA  1 
ATOM   151 C  CA  B VAL A 1 33 ? 6.552   -6.947  -0.873  0.45 17.33 ? 24  VAL B CA  1 
ATOM   152 C  C   . VAL A 1 33 ? 6.322   -6.593  -2.332  1.00 15.34 ? 24  VAL B C   1 
ATOM   153 O  O   . VAL A 1 33 ? 5.680   -7.339  -3.083  1.00 18.40 ? 24  VAL B O   1 
ATOM   154 C  CB  A VAL A 1 33 ? 7.786   -7.949  -0.777  0.55 17.18 ? 24  VAL B CB  1 
ATOM   155 C  CB  B VAL A 1 33 ? 7.844   -7.775  -0.707  0.45 17.24 ? 24  VAL B CB  1 
ATOM   156 C  CG1 A VAL A 1 33 ? 9.028   -7.317  -1.366  0.55 16.06 ? 24  VAL B CG1 1 
ATOM   157 C  CG1 B VAL A 1 33 ? 8.314   -7.754  0.755   0.45 16.85 ? 24  VAL B CG1 1 
ATOM   158 C  CG2 A VAL A 1 33 ? 8.008   -8.350  0.680   0.55 18.92 ? 24  VAL B CG2 1 
ATOM   159 C  CG2 B VAL A 1 33 ? 7.631   -9.184  -1.191  0.45 18.62 ? 24  VAL B CG2 1 
ATOM   160 N  N   . LEU A 1 34 ? 6.815   -5.413  -2.720  1.00 13.43 ? 25  LEU B N   1 
ATOM   161 C  CA  . LEU A 1 34 ? 6.713   -4.899  -4.076  1.00 14.54 ? 25  LEU B CA  1 
ATOM   162 C  C   . LEU A 1 34 ? 8.122   -4.736  -4.611  1.00 15.68 ? 25  LEU B C   1 
ATOM   163 O  O   . LEU A 1 34 ? 8.977   -4.166  -3.931  1.00 20.40 ? 25  LEU B O   1 
ATOM   164 C  CB  . LEU A 1 34 ? 5.997   -3.546  -4.127  1.00 14.82 ? 25  LEU B CB  1 
ATOM   165 C  CG  . LEU A 1 34 ? 4.513   -3.497  -3.746  1.00 23.11 ? 25  LEU B CG  1 
ATOM   166 C  CD1 . LEU A 1 34 ? 3.966   -2.080  -3.876  1.00 26.19 ? 25  LEU B CD1 1 
ATOM   167 C  CD2 . LEU A 1 34 ? 3.753   -4.405  -4.632  1.00 28.18 ? 25  LEU B CD2 1 
ATOM   168 N  N   . LEU A 1 35 ? 8.357   -5.240  -5.812  1.00 14.92 ? 26  LEU B N   1 
ATOM   169 C  CA  . LEU A 1 35 ? 9.674   -5.217  -6.426  1.00 16.43 ? 26  LEU B CA  1 
ATOM   170 C  C   . LEU A 1 35 ? 9.602   -4.404  -7.701  1.00 15.88 ? 26  LEU B C   1 
ATOM   171 O  O   . LEU A 1 35 ? 8.736   -4.652  -8.545  1.00 15.63 ? 26  LEU B O   1 
ATOM   172 C  CB  . LEU A 1 35 ? 10.155  -6.637  -6.738  1.00 16.74 ? 26  LEU B CB  1 
ATOM   173 C  CG  . LEU A 1 35 ? 11.308  -6.723  -7.732  1.00 20.38 ? 26  LEU B CG  1 
ATOM   174 C  CD1 . LEU A 1 35 ? 12.599  -6.202  -7.080  1.00 20.18 ? 26  LEU B CD1 1 
ATOM   175 C  CD2 . LEU A 1 35 ? 11.457  -8.165  -8.201  1.00 20.60 ? 26  LEU B CD2 1 
ATOM   176 N  N   . ASP A 1 36 ? 10.514  -3.447  -7.850  1.00 13.27 ? 27  ASP B N   1 
ATOM   177 C  CA  . ASP A 1 36 ? 10.651  -2.718  -9.102  1.00 16.25 ? 27  ASP B CA  1 
ATOM   178 C  C   . ASP A 1 36 ? 11.693  -3.424  -9.956  1.00 16.56 ? 27  ASP B C   1 
ATOM   179 O  O   . ASP A 1 36 ? 12.883  -3.407  -9.632  1.00 17.64 ? 27  ASP B O   1 
ATOM   180 C  CB  . ASP A 1 36 ? 11.047  -1.272  -8.842  1.00 15.10 ? 27  ASP B CB  1 
ATOM   181 C  CG  . ASP A 1 36 ? 11.012  -0.437  -10.097 1.00 16.26 ? 27  ASP B CG  1 
ATOM   182 O  OD1 . ASP A 1 36 ? 11.620  -0.827  -11.113 1.00 15.03 ? 27  ASP B OD1 1 
ATOM   183 O  OD2 . ASP A 1 36 ? 10.357  0.619   -10.072 1.00 18.36 ? 27  ASP B OD2 1 
ATOM   184 N  N   . GLY A 1 37 ? 11.242  -4.033  -11.053 1.00 15.97 ? 28  GLY B N   1 
ATOM   185 C  CA  . GLY A 1 37 ? 12.106  -4.862  -11.875 1.00 18.99 ? 28  GLY B CA  1 
ATOM   186 C  C   . GLY A 1 37 ? 13.134  -4.096  -12.668 1.00 22.01 ? 28  GLY B C   1 
ATOM   187 O  O   . GLY A 1 37 ? 14.065  -4.709  -13.202 1.00 22.86 ? 28  GLY B O   1 
ATOM   188 N  N   . ARG A 1 38 ? 12.986  -2.779  -12.764 1.00 16.78 ? 29  ARG B N   1 
ATOM   189 C  CA  . ARG A 1 38 ? 13.957  -1.971  -13.494 1.00 14.51 ? 29  ARG B CA  1 
ATOM   190 C  C   . ARG A 1 38 ? 15.033  -1.450  -12.547 1.00 24.05 ? 29  ARG B C   1 
ATOM   191 O  O   . ARG A 1 38 ? 16.232  -1.642  -12.771 1.00 40.28 ? 29  ARG B O   1 
ATOM   192 C  CB  . ARG A 1 38 ? 13.229  -0.811  -14.182 1.00 16.93 ? 29  ARG B CB  1 
ATOM   193 C  CG  . ARG A 1 38 ? 12.242  -1.237  -15.250 0.98 21.08 ? 29  ARG B CG  1 
ATOM   194 C  CD  . ARG A 1 38 ? 11.421  -0.026  -15.663 0.69 22.41 ? 29  ARG B CD  1 
ATOM   195 N  NE  . ARG A 1 38 ? 10.331  -0.350  -16.575 0.81 23.63 ? 29  ARG B NE  1 
ATOM   196 C  CZ  . ARG A 1 38 ? 9.508   0.562   -17.082 0.71 25.98 ? 29  ARG B CZ  1 
ATOM   197 N  NH1 . ARG A 1 38 ? 9.669   1.843   -16.771 0.67 27.62 ? 29  ARG B NH1 1 
ATOM   198 N  NH2 . ARG A 1 38 ? 8.540   0.201   -17.911 0.91 34.86 ? 29  ARG B NH2 1 
ATOM   199 N  N   . SER A 1 39 ? 14.601  -0.792  -11.470 1.00 18.95 ? 30  SER B N   1 
ATOM   200 C  CA  . SER A 1 39 ? 15.538  -0.171  -10.540 1.00 21.18 ? 30  SER B CA  1 
ATOM   201 C  C   . SER A 1 39 ? 16.102  -1.176  -9.562  1.00 22.52 ? 30  SER B C   1 
ATOM   202 O  O   . SER A 1 39 ? 17.167  -0.944  -8.982  1.00 22.66 ? 30  SER B O   1 
ATOM   203 C  CB  . SER A 1 39 ? 14.844  0.924   -9.749  1.00 18.16 ? 30  SER B CB  1 
ATOM   204 O  OG  . SER A 1 39 ? 13.889  0.333   -8.872  1.00 20.68 ? 30  SER B OG  1 
ATOM   205 N  N   . GLY A 1 40 ? 15.393  -2.274  -9.354  1.00 16.60 ? 31  GLY B N   1 
ATOM   206 C  CA  . GLY A 1 40 ? 15.788  -3.235  -8.371  1.00 16.05 ? 31  GLY B CA  1 
ATOM   207 C  C   . GLY A 1 40 ? 15.366  -2.895  -6.968  1.00 17.42 ? 31  GLY B C   1 
ATOM   208 O  O   . GLY A 1 40 ? 15.617  -3.693  -6.051  1.00 14.83 ? 31  GLY B O   1 
ATOM   209 N  N   . GLU A 1 41 ? 14.735  -1.745  -6.754  1.00 15.35 ? 32  GLU B N   1 
ATOM   210 C  CA  . GLU A 1 41 ? 14.279  -1.407  -5.413  1.00 15.05 ? 32  GLU B CA  1 
ATOM   211 C  C   . GLU A 1 41 ? 13.163  -2.351  -4.999  1.00 14.92 ? 32  GLU B C   1 
ATOM   212 O  O   . GLU A 1 41 ? 12.286  -2.690  -5.798  1.00 16.59 ? 32  GLU B O   1 
ATOM   213 C  CB  . GLU A 1 41 ? 13.790  0.046   -5.357  0.99 18.27 ? 32  GLU B CB  1 
ATOM   214 C  CG  . GLU A 1 41 ? 14.927  1.062   -5.585  0.74 15.68 ? 32  GLU B CG  1 
ATOM   215 C  CD  . GLU A 1 41 ? 14.554  2.509   -5.247  0.67 25.91 ? 32  GLU B CD  1 
ATOM   216 O  OE1 . GLU A 1 41 ? 13.902  3.177   -6.071  1.00 25.46 ? 32  GLU B OE1 1 
ATOM   217 O  OE2 . GLU A 1 41 ? 14.932  2.990   -4.156  0.70 30.95 ? 32  GLU B OE2 1 
ATOM   218 N  N   . TYR A 1 42 ? 13.175  -2.778  -3.744  1.00 15.75 ? 33  TYR B N   1 
ATOM   219 C  CA  . TYR A 1 42 ? 11.985  -3.473  -3.294  1.00 18.73 ? 33  TYR B CA  1 
ATOM   220 C  C   . TYR A 1 42 ? 11.623  -3.065  -1.878  1.00 21.20 ? 33  TYR B C   1 
ATOM   221 O  O   . TYR A 1 42 ? 12.468  -2.695  -1.061  1.00 17.58 ? 33  TYR B O   1 
ATOM   222 C  CB  . TYR A 1 42 ? 12.092  -4.982  -3.433  1.00 22.14 ? 33  TYR B CB  1 
ATOM   223 C  CG  . TYR A 1 42 ? 13.049  -5.693  -2.531  1.00 21.54 ? 33  TYR B CG  1 
ATOM   224 C  CD1 . TYR A 1 42 ? 14.410  -5.449  -2.592  1.00 21.82 ? 33  TYR B CD1 1 
ATOM   225 C  CD2 . TYR A 1 42 ? 12.587  -6.672  -1.679  1.00 25.61 ? 33  TYR B CD2 1 
ATOM   226 C  CE1 . TYR A 1 42 ? 15.284  -6.156  -1.778  1.00 30.14 ? 33  TYR B CE1 1 
ATOM   227 C  CE2 . TYR A 1 42 ? 13.437  -7.378  -0.879  1.00 26.42 ? 33  TYR B CE2 1 
ATOM   228 C  CZ  . TYR A 1 42 ? 14.774  -7.118  -0.933  1.00 30.54 ? 33  TYR B CZ  1 
ATOM   229 O  OH  . TYR A 1 42 ? 15.595  -7.839  -0.120  1.00 38.80 ? 33  TYR B OH  1 
ATOM   230 N  N   . TRP A 1 43 ? 10.330  -3.130  -1.627  1.00 18.51 ? 34  TRP B N   1 
ATOM   231 C  CA  . TRP A 1 43 ? 9.686   -2.462  -0.517  1.00 19.17 ? 34  TRP B CA  1 
ATOM   232 C  C   . TRP A 1 43 ? 8.810   -3.458  0.207   1.00 18.23 ? 34  TRP B C   1 
ATOM   233 O  O   . TRP A 1 43 ? 8.238   -4.358  -0.416  1.00 18.88 ? 34  TRP B O   1 
ATOM   234 C  CB  . TRP A 1 43 ? 8.810   -1.312  -1.007  1.00 22.11 ? 34  TRP B CB  1 
ATOM   235 C  CG  . TRP A 1 43 ? 9.487   -0.420  -1.982  1.00 27.64 ? 34  TRP B CG  1 
ATOM   236 C  CD1 . TRP A 1 43 ? 9.669   -0.645  -3.319  1.00 28.46 ? 34  TRP B CD1 1 
ATOM   237 C  CD2 . TRP A 1 43 ? 10.078  0.839   -1.700  1.00 29.01 ? 34  TRP B CD2 1 
ATOM   238 N  NE1 . TRP A 1 43 ? 10.333  0.408   -3.887  1.00 30.26 ? 34  TRP B NE1 1 
ATOM   239 C  CE2 . TRP A 1 43 ? 10.603  1.333   -2.912  1.00 31.93 ? 34  TRP B CE2 1 
ATOM   240 C  CE3 . TRP A 1 43 ? 10.220  1.602   -0.539  1.00 24.33 ? 34  TRP B CE3 1 
ATOM   241 C  CZ2 . TRP A 1 43 ? 11.257  2.554   -2.994  1.00 30.63 ? 34  TRP B CZ2 1 
ATOM   242 C  CZ3 . TRP A 1 43 ? 10.867  2.823   -0.626  1.00 36.04 ? 34  TRP B CZ3 1 
ATOM   243 C  CH2 . TRP A 1 43 ? 11.378  3.284   -1.842  1.00 37.41 ? 34  TRP B CH2 1 
ATOM   244 N  N   . GLN A 1 44 ? 8.702   -3.287  1.520   1.00 17.79 ? 35  GLN B N   1 
ATOM   245 C  CA  . GLN A 1 44 ? 7.779   -4.075  2.322   1.00 16.14 ? 35  GLN B CA  1 
ATOM   246 C  C   . GLN A 1 44 ? 6.631   -3.184  2.769   1.00 17.64 ? 35  GLN B C   1 
ATOM   247 O  O   . GLN A 1 44 ? 6.839   -2.035  3.171   1.00 20.41 ? 35  GLN B O   1 
ATOM   248 C  CB  . GLN A 1 44 ? 8.464   -4.691  3.540   1.00 21.54 ? 35  GLN B CB  1 
ATOM   249 C  CG  . GLN A 1 44 ? 7.646   -5.791  4.200   1.00 34.29 ? 35  GLN B CG  1 
ATOM   250 C  CD  . GLN A 1 44 ? 7.219   -5.440  5.610   1.00 58.21 ? 35  GLN B CD  1 
ATOM   251 O  OE1 . GLN A 1 44 ? 7.986   -4.853  6.376   1.00 65.78 ? 35  GLN B OE1 1 
ATOM   252 N  NE2 . GLN A 1 44 ? 5.988   -5.804  5.964   1.00 48.19 ? 35  GLN B NE2 1 
ATOM   253 N  N   . LEU A 1 45 ? 5.423   -3.719  2.664   1.00 16.36 ? 36  LEU B N   1 
ATOM   254 C  CA  . LEU A 1 45 ? 4.221   -3.039  3.109   1.00 16.73 ? 36  LEU B CA  1 
ATOM   255 C  C   . LEU A 1 45 ? 3.742   -3.701  4.391   1.00 15.83 ? 36  LEU B C   1 
ATOM   256 O  O   . LEU A 1 45 ? 3.710   -4.930  4.480   1.00 18.78 ? 36  LEU B O   1 
ATOM   257 C  CB  . LEU A 1 45 ? 3.130   -3.105  2.038   1.00 16.24 ? 36  LEU B CB  1 
ATOM   258 C  CG  . LEU A 1 45 ? 3.240   -2.167  0.832   1.00 25.10 ? 36  LEU B CG  1 
ATOM   259 C  CD1 . LEU A 1 45 ? 4.500   -2.415  0.000   1.00 32.31 ? 36  LEU B CD1 1 
ATOM   260 C  CD2 . LEU A 1 45 ? 1.996   -2.296  -0.037  1.00 23.34 ? 36  LEU B CD2 1 
ATOM   261 N  N   . ASN A 1 46 ? 3.369   -2.897  5.389   1.00 16.05 ? 37  ASN B N   1 
ATOM   262 C  CA  . ASN A 1 46 ? 2.830   -3.521  6.586   1.00 18.24 ? 37  ASN B CA  1 
ATOM   263 C  C   . ASN A 1 46 ? 1.401   -3.984  6.300   1.00 19.27 ? 37  ASN B C   1 
ATOM   264 O  O   . ASN A 1 46 ? 0.901   -3.868  5.180   1.00 17.58 ? 37  ASN B O   1 
ATOM   265 C  CB  . ASN A 1 46 ? 2.957   -2.587  7.792   1.00 18.13 ? 37  ASN B CB  1 
ATOM   266 C  CG  . ASN A 1 46 ? 1.980   -1.413  7.771   1.00 22.07 ? 37  ASN B CG  1 
ATOM   267 O  OD1 . ASN A 1 46 ? 1.357   -1.106  6.761   1.00 18.17 ? 37  ASN B OD1 1 
ATOM   268 N  ND2 . ASN A 1 46 ? 1.862   -0.744  8.910   1.00 21.47 ? 37  ASN B ND2 1 
ATOM   269 N  N   . ASP A 1 47 ? 0.736   -4.550  7.310   1.00 18.81 ? 38  ASP B N   1 
ATOM   270 C  CA  . ASP A 1 47 ? -0.534  -5.224  7.048   1.00 19.18 ? 38  ASP B CA  1 
ATOM   271 C  C   . ASP A 1 47 ? -1.583  -4.252  6.524   1.00 18.37 ? 38  ASP B C   1 
ATOM   272 O  O   . ASP A 1 47 ? -2.298  -4.560  5.564   1.00 18.62 ? 38  ASP B O   1 
ATOM   273 C  CB  . ASP A 1 47 ? -1.036  -5.920  8.315   1.00 27.70 ? 38  ASP B CB  1 
ATOM   274 C  CG  . ASP A 1 47 ? -0.318  -7.231  8.583   1.00 43.96 ? 38  ASP B CG  1 
ATOM   275 O  OD1 . ASP A 1 47 ? 0.389   -7.717  7.673   1.00 47.92 ? 38  ASP B OD1 1 
ATOM   276 O  OD2 . ASP A 1 47 ? -0.460  -7.774  9.701   1.00 56.48 ? 38  ASP B OD2 1 
ATOM   277 N  N   . THR A 1 48 ? -1.680  -3.070  7.127   1.00 18.54 ? 39  THR B N   1 
ATOM   278 C  CA  A THR A 1 48 ? -2.710  -2.144  6.677   0.48 18.08 ? 39  THR B CA  1 
ATOM   279 C  CA  B THR A 1 48 ? -2.681  -2.096  6.702   0.52 18.04 ? 39  THR B CA  1 
ATOM   280 C  C   . THR A 1 48 ? -2.376  -1.573  5.307   1.00 15.34 ? 39  THR B C   1 
ATOM   281 O  O   . THR A 1 48 ? -3.271  -1.436  4.471   1.00 17.65 ? 39  THR B O   1 
ATOM   282 C  CB  A THR A 1 48 ? -2.938  -1.035  7.701   0.48 21.29 ? 39  THR B CB  1 
ATOM   283 C  CB  B THR A 1 48 ? -2.732  -0.943  7.699   0.52 21.22 ? 39  THR B CB  1 
ATOM   284 O  OG1 A THR A 1 48 ? -1.715  -0.338  7.966   0.48 19.25 ? 39  THR B OG1 1 
ATOM   285 O  OG1 B THR A 1 48 ? -2.903  -1.469  9.021   0.52 21.15 ? 39  THR B OG1 1 
ATOM   286 C  CG2 A THR A 1 48 ? -3.487  -1.640  8.987   0.48 21.30 ? 39  THR B CG2 1 
ATOM   287 C  CG2 B THR A 1 48 ? -3.877  -0.002  7.366   0.52 18.17 ? 39  THR B CG2 1 
ATOM   288 N  N   . ALA A 1 49 ? -1.104  -1.260  5.045   1.00 15.59 ? 40  ALA B N   1 
ATOM   289 C  CA  . ALA A 1 49 ? -0.739  -0.801  3.708   1.00 14.31 ? 40  ALA B CA  1 
ATOM   290 C  C   . ALA A 1 49 ? -1.057  -1.862  2.664   1.00 16.01 ? 40  ALA B C   1 
ATOM   291 O  O   . ALA A 1 49 ? -1.575  -1.552  1.585   1.00 15.20 ? 40  ALA B O   1 
ATOM   292 C  CB  . ALA A 1 49 ? 0.749   -0.430  3.656   1.00 13.44 ? 40  ALA B CB  1 
ATOM   293 N  N   . ALA A 1 50 ? -0.779  -3.129  2.980   1.00 14.31 ? 41  ALA B N   1 
ATOM   294 C  CA  . ALA A 1 50 ? -1.058  -4.204  2.030   1.00 15.32 ? 41  ALA B CA  1 
ATOM   295 C  C   . ALA A 1 50 ? -2.548  -4.320  1.767   1.00 15.50 ? 41  ALA B C   1 
ATOM   296 O  O   . ALA A 1 50 ? -2.971  -4.517  0.623   1.00 17.45 ? 41  ALA B O   1 
ATOM   297 C  CB  . ALA A 1 50 ? -0.507  -5.525  2.560   1.00 17.32 ? 41  ALA B CB  1 
ATOM   298 N  N   . LEU A 1 51 ? -3.354  -4.203  2.825   1.00 15.60 ? 42  LEU B N   1 
ATOM   299 C  CA  . LEU A 1 51 ? -4.803  -4.283  2.698   1.00 18.93 ? 42  LEU B CA  1 
ATOM   300 C  C   . LEU A 1 51 ? -5.332  -3.165  1.814   1.00 16.93 ? 42  LEU B C   1 
ATOM   301 O  O   . LEU A 1 51 ? -6.182  -3.393  0.944   1.00 17.58 ? 42  LEU B O   1 
ATOM   302 C  CB  . LEU A 1 51 ? -5.411  -4.205  4.095   1.00 22.04 ? 42  LEU B CB  1 
ATOM   303 C  CG  . LEU A 1 51 ? -6.891  -4.360  4.398   1.00 39.54 ? 42  LEU B CG  1 
ATOM   304 C  CD1 . LEU A 1 51 ? -7.514  -5.490  3.598   1.00 39.42 ? 42  LEU B CD1 1 
ATOM   305 C  CD2 . LEU A 1 51 ? -7.006  -4.624  5.890   1.00 40.10 ? 42  LEU B CD2 1 
ATOM   306 N  N   . ILE A 1 52 ? -4.815  -1.952  2.007   1.00 15.31 ? 43  ILE B N   1 
ATOM   307 C  CA  . ILE A 1 52 ? -5.247  -0.822  1.196   1.00 11.99 ? 43  ILE B CA  1 
ATOM   308 C  C   . ILE A 1 52 ? -4.882  -1.043  -0.262  1.00 13.21 ? 43  ILE B C   1 
ATOM   309 O  O   . ILE A 1 52 ? -5.712  -0.860  -1.162  1.00 15.18 ? 43  ILE B O   1 
ATOM   310 C  CB  . ILE A 1 52 ? -4.635  0.485   1.728   1.00 13.06 ? 43  ILE B CB  1 
ATOM   311 C  CG1 . ILE A 1 52 ? -5.181  0.799   3.123   1.00 16.15 ? 43  ILE B CG1 1 
ATOM   312 C  CG2 . ILE A 1 52 ? -4.915  1.630   0.752   1.00 14.24 ? 43  ILE B CG2 1 
ATOM   313 C  CD1 . ILE A 1 52 ? -4.402  1.885   3.855   1.00 17.97 ? 43  ILE B CD1 1 
ATOM   314 N  N   . VAL A 1 53 ? -3.625  -1.421  -0.522  1.00 12.69 ? 44  VAL B N   1 
ATOM   315 C  CA  . VAL A 1 53 ? -3.193  -1.598  -1.904  1.00 12.94 ? 44  VAL B CA  1 
ATOM   316 C  C   . VAL A 1 53 ? -4.000  -2.706  -2.576  1.00 13.55 ? 44  VAL B C   1 
ATOM   317 O  O   . VAL A 1 53 ? -4.429  -2.566  -3.727  1.00 15.40 ? 44  VAL B O   1 
ATOM   318 C  CB  . VAL A 1 53 ? -1.687  -1.882  -1.972  1.00 13.17 ? 44  VAL B CB  1 
ATOM   319 C  CG1 . VAL A 1 53 ? -1.295  -2.305  -3.387  1.00 16.90 ? 44  VAL B CG1 1 
ATOM   320 C  CG2 . VAL A 1 53 ? -0.907  -0.630  -1.554  1.00 12.78 ? 44  VAL B CG2 1 
ATOM   321 N  N   . GLN A 1 54 ? -4.208  -3.822  -1.873  1.00 13.27 ? 45  GLN B N   1 
ATOM   322 C  CA  . GLN A 1 54 ? -4.988  -4.912  -2.455  1.00 15.32 ? 45  GLN B CA  1 
ATOM   323 C  C   . GLN A 1 54 ? -6.396  -4.454  -2.821  1.00 14.27 ? 45  GLN B C   1 
ATOM   324 O  O   . GLN A 1 54 ? -6.906  -4.795  -3.890  1.00 17.94 ? 45  GLN B O   1 
ATOM   325 C  CB  . GLN A 1 54 ? -5.043  -6.097  -1.490  1.00 21.81 ? 45  GLN B CB  1 
ATOM   326 C  CG  . GLN A 1 54 ? -3.735  -6.868  -1.427  1.00 24.17 ? 45  GLN B CG  1 
ATOM   327 C  CD  . GLN A 1 54 ? -3.556  -7.608  -0.114  1.00 42.03 ? 45  GLN B CD  1 
ATOM   328 O  OE1 . GLN A 1 54 ? -4.462  -7.642  0.724   1.00 40.09 ? 45  GLN B OE1 1 
ATOM   329 N  NE2 . GLN A 1 54 ? -2.380  -8.198  0.076   1.00 36.82 ? 45  GLN B NE2 1 
ATOM   330 N  N   . ARG A 1 55 ? -7.034  -3.655  -1.960  1.00 14.39 ? 46  ARG B N   1 
ATOM   331 C  CA  . ARG A 1 55 ? -8.394  -3.226  -2.273  0.96 11.29 ? 46  ARG B CA  1 
ATOM   332 C  C   . ARG A 1 55 ? -8.405  -2.192  -3.389  1.00 16.82 ? 46  ARG B C   1 
ATOM   333 O  O   . ARG A 1 55 ? -9.307  -2.200  -4.234  1.00 17.15 ? 46  ARG B O   1 
ATOM   334 C  CB  . ARG A 1 55 ? -9.074  -2.683  -1.020  1.00 15.68 ? 46  ARG B CB  1 
ATOM   335 C  CG  . ARG A 1 55 ? -9.493  -3.787  -0.055  1.00 24.17 ? 46  ARG B CG  1 
ATOM   336 C  CD  . ARG A 1 55 ? -10.377 -3.245  1.050   0.73 24.15 ? 46  ARG B CD  1 
ATOM   337 N  NE  . ARG A 1 55 ? -11.451 -2.431  0.492   0.20 25.17 ? 46  ARG B NE  1 
ATOM   338 C  CZ  . ARG A 1 55 ? -12.732 -2.781  0.484   0.46 31.47 ? 46  ARG B CZ  1 
ATOM   339 N  NH1 . ARG A 1 55 ? -13.119 -3.938  1.013   0.95 35.40 ? 46  ARG B NH1 1 
ATOM   340 N  NH2 . ARG A 1 55 ? -13.624 -1.969  -0.059  1.00 33.24 ? 46  ARG B NH2 1 
ATOM   341 N  N   . LEU A 1 56 ? -7.398  -1.313  -3.435  1.00 14.20 ? 47  LEU B N   1 
ATOM   342 C  CA  . LEU A 1 56 ? -7.315  -0.384  -4.559  1.00 15.85 ? 47  LEU B CA  1 
ATOM   343 C  C   . LEU A 1 56 ? -7.108  -1.128  -5.875  1.00 17.26 ? 47  LEU B C   1 
ATOM   344 O  O   . LEU A 1 56 ? -7.707  -0.774  -6.897  1.00 16.36 ? 47  LEU B O   1 
ATOM   345 C  CB  . LEU A 1 56 ? -6.198  0.632   -4.325  1.00 16.23 ? 47  LEU B CB  1 
ATOM   346 C  CG  . LEU A 1 56 ? -6.464  1.627   -3.194  1.00 13.98 ? 47  LEU B CG  1 
ATOM   347 C  CD1 . LEU A 1 56 ? -5.252  2.536   -3.024  1.00 14.51 ? 47  LEU B CD1 1 
ATOM   348 C  CD2 . LEU A 1 56 ? -7.715  2.462   -3.445  1.00 16.46 ? 47  LEU B CD2 1 
ATOM   349 N  N   . LEU A 1 57 ? -6.267  -2.166  -5.868  1.00 14.81 ? 48  LEU B N   1 
ATOM   350 C  CA  . LEU A 1 57 ? -6.026  -2.920  -7.092  1.00 18.25 ? 48  LEU B CA  1 
ATOM   351 C  C   . LEU A 1 57 ? -7.264  -3.690  -7.520  1.00 20.17 ? 48  LEU B C   1 
ATOM   352 O  O   . LEU A 1 57 ? -7.447  -3.941  -8.717  1.00 20.47 ? 48  LEU B O   1 
ATOM   353 C  CB  . LEU A 1 57 ? -4.846  -3.874  -6.907  1.00 16.95 ? 48  LEU B CB  1 
ATOM   354 C  CG  . LEU A 1 57 ? -3.496  -3.159  -6.818  1.00 18.53 ? 48  LEU B CG  1 
ATOM   355 C  CD1 . LEU A 1 57 ? -2.381  -4.157  -6.565  1.00 21.97 ? 48  LEU B CD1 1 
ATOM   356 C  CD2 . LEU A 1 57 ? -3.251  -2.344  -8.090  1.00 21.42 ? 48  LEU B CD2 1 
ATOM   357 N  N   . ASP A 1 58 ? -8.128  -4.048  -6.570  1.00 18.08 ? 49  ASP B N   1 
ATOM   358 C  CA  . ASP A 1 58 ? -9.414  -4.664  -6.899  1.00 21.01 ? 49  ASP B CA  1 
ATOM   359 C  C   . ASP A 1 58 ? -10.347 -3.723  -7.643  1.00 28.83 ? 49  ASP B C   1 
ATOM   360 O  O   . ASP A 1 58 ? -11.389 -4.168  -8.137  1.00 28.70 ? 49  ASP B O   1 
ATOM   361 C  CB  . ASP A 1 58 ? -10.125 -5.129  -5.634  1.00 18.49 ? 49  ASP B CB  1 
ATOM   362 C  CG  . ASP A 1 58 ? -9.516  -6.364  -5.033  1.00 24.00 ? 49  ASP B CG  1 
ATOM   363 O  OD1 . ASP A 1 58 ? -8.751  -7.088  -5.715  1.00 26.78 ? 49  ASP B OD1 1 
ATOM   364 O  OD2 . ASP A 1 58 ? -9.810  -6.598  -3.851  1.00 27.49 ? 49  ASP B OD2 1 
ATOM   365 N  N   . GLY A 1 59 ? -10.020 -2.438  -7.711  1.00 18.85 ? 50  GLY B N   1 
ATOM   366 C  CA  . GLY A 1 59 ? -10.889 -1.452  -8.309  1.00 22.92 ? 50  GLY B CA  1 
ATOM   367 C  C   . GLY A 1 59 ? -11.735 -0.670  -7.327  1.00 23.41 ? 50  GLY B C   1 
ATOM   368 O  O   . GLY A 1 59 ? -12.586 0.110   -7.761  1.00 24.23 ? 50  GLY B O   1 
ATOM   369 N  N   . HIS A 1 60 ? -11.543 -0.854  -6.025  1.00 15.72 ? 51  HIS B N   1 
ATOM   370 C  CA  . HIS A 1 60 ? -12.278 -0.048  -5.067  1.00 15.38 ? 51  HIS B CA  1 
ATOM   371 C  C   . HIS A 1 60 ? -11.680 1.344   -4.985  1.00 17.47 ? 51  HIS B C   1 
ATOM   372 O  O   . HIS A 1 60 ? -10.474 1.532   -5.143  1.00 17.34 ? 51  HIS B O   1 
ATOM   373 C  CB  . HIS A 1 60 ? -12.247 -0.686  -3.695  1.00 15.55 ? 51  HIS B CB  1 
ATOM   374 C  CG  . HIS A 1 60 ? -12.928 -2.005  -3.663  1.00 21.58 ? 51  HIS B CG  1 
ATOM   375 N  ND1 . HIS A 1 60 ? -14.248 -2.151  -4.021  1.00 33.83 ? 51  HIS B ND1 1 
ATOM   376 C  CD2 . HIS A 1 60 ? -12.467 -3.244  -3.389  1.00 25.78 ? 51  HIS B CD2 1 
ATOM   377 C  CE1 . HIS A 1 60 ? -14.582 -3.422  -3.935  1.00 34.60 ? 51  HIS B CE1 1 
ATOM   378 N  NE2 . HIS A 1 60 ? -13.520 -4.107  -3.555  1.00 24.40 ? 51  HIS B NE2 1 
ATOM   379 N  N   . SER A 1 61 ? -12.540 2.313   -4.712  1.00 14.20 ? 52  SER B N   1 
ATOM   380 C  CA  . SER A 1 61 ? -12.122 3.688   -4.557  1.00 14.96 ? 52  SER B CA  1 
ATOM   381 C  C   . SER A 1 61 ? -11.437 3.875   -3.211  1.00 15.60 ? 52  SER B C   1 
ATOM   382 O  O   . SER A 1 61 ? -11.664 3.104   -2.282  1.00 14.38 ? 52  SER B O   1 
ATOM   383 C  CB  . SER A 1 61 ? -13.335 4.595   -4.633  1.00 14.81 ? 52  SER B CB  1 
ATOM   384 O  OG  . SER A 1 61 ? -14.181 4.319   -3.528  1.00 15.24 ? 52  SER B OG  1 
ATOM   385 N  N   . PRO A 1 62 ? -10.601 4.901   -3.073  1.00 13.74 ? 53  PRO B N   1 
ATOM   386 C  CA  . PRO A 1 62 ? -10.103 5.234   -1.730  1.00 12.68 ? 53  PRO B CA  1 
ATOM   387 C  C   . PRO A 1 62 ? -11.228 5.437   -0.741  1.00 12.45 ? 53  PRO B C   1 
ATOM   388 O  O   . PRO A 1 62 ? -11.079 5.122   0.443   1.00 15.52 ? 53  PRO B O   1 
ATOM   389 C  CB  . PRO A 1 62 ? -9.303  6.526   -1.968  1.00 17.69 ? 53  PRO B CB  1 
ATOM   390 C  CG  . PRO A 1 62 ? -8.802  6.360   -3.382  1.00 19.19 ? 53  PRO B CG  1 
ATOM   391 C  CD  . PRO A 1 62 ? -9.951  5.709   -4.119  1.00 16.31 ? 53  PRO B CD  1 
ATOM   392 N  N   . ALA A 1 63 ? -12.369 5.961   -1.194  1.00 14.00 ? 54  ALA B N   1 
ATOM   393 C  CA  . ALA A 1 63 ? -13.494 6.150   -0.290  1.00 16.25 ? 54  ALA B CA  1 
ATOM   394 C  C   . ALA A 1 63 ? -14.028 4.813   0.209   1.00 16.02 ? 54  ALA B C   1 
ATOM   395 O  O   . ALA A 1 63 ? -14.351 4.671   1.395   1.00 14.80 ? 54  ALA B O   1 
ATOM   396 C  CB  . ALA A 1 63 ? -14.594 6.932   -0.999  1.00 17.05 ? 54  ALA B CB  1 
ATOM   397 N  N   . ASP A 1 64 ? -14.155 3.834   -0.692  1.00 14.58 ? 55  ASP B N   1 
ATOM   398 C  CA  . ASP A 1 64 ? -14.497 2.471   -0.295  1.00 14.43 ? 55  ASP B CA  1 
ATOM   399 C  C   . ASP A 1 64 ? -13.536 1.954   0.765   1.00 14.80 ? 55  ASP B C   1 
ATOM   400 O  O   . ASP A 1 64 ? -13.942 1.309   1.736   1.00 16.29 ? 55  ASP B O   1 
ATOM   401 C  CB  . ASP A 1 64 ? -14.394 1.528   -1.484  1.00 14.97 ? 55  ASP B CB  1 
ATOM   402 C  CG  . ASP A 1 64 ? -15.512 1.660   -2.467  1.00 21.78 ? 55  ASP B CG  1 
ATOM   403 O  OD1 . ASP A 1 64 ? -16.543 2.324   -2.198  1.00 20.82 ? 55  ASP B OD1 1 
ATOM   404 O  OD2 . ASP A 1 64 ? -15.310 1.064   -3.544  1.00 22.16 ? 55  ASP B OD2 1 
ATOM   405 N  N   . VAL A 1 65 ? -12.237 2.146   0.528   1.00 13.83 ? 56  VAL B N   1 
ATOM   406 C  CA  . VAL A 1 65 ? -11.240 1.598   1.434   1.00 13.40 ? 56  VAL B CA  1 
ATOM   407 C  C   . VAL A 1 65 ? -11.320 2.292   2.781   1.00 15.82 ? 56  VAL B C   1 
ATOM   408 O  O   . VAL A 1 65 ? -11.158 1.657   3.826   1.00 15.64 ? 56  VAL B O   1 
ATOM   409 C  CB  . VAL A 1 65 ? -9.836  1.699   0.819   1.00 12.65 ? 56  VAL B CB  1 
ATOM   410 C  CG1 . VAL A 1 65 ? -8.781  1.120   1.787   1.00 16.61 ? 56  VAL B CG1 1 
ATOM   411 C  CG2 . VAL A 1 65 ? -9.815  0.979   -0.519  1.00 16.17 ? 56  VAL B CG2 1 
ATOM   412 N  N   . ALA A 1 66 ? -11.581 3.603   2.785   1.00 13.69 ? 57  ALA B N   1 
ATOM   413 C  CA  . ALA A 1 66 ? -11.745 4.294   4.059   1.00 16.13 ? 57  ALA B CA  1 
ATOM   414 C  C   . ALA A 1 66 ? -12.920 3.716   4.836   1.00 17.64 ? 57  ALA B C   1 
ATOM   415 O  O   . ALA A 1 66 ? -12.826 3.498   6.050   1.00 16.84 ? 57  ALA B O   1 
ATOM   416 C  CB  . ALA A 1 66 ? -11.934 5.796   3.833   1.00 15.08 ? 57  ALA B CB  1 
ATOM   417 N  N   . GLN A 1 67 ? -14.027 3.445   4.141   1.00 18.18 ? 58  GLN B N   1 
ATOM   418 C  CA  . GLN A 1 67 ? -15.197 2.860   4.794   1.00 19.58 ? 58  GLN B CA  1 
ATOM   419 C  C   . GLN A 1 67 ? -14.864 1.496   5.369   1.00 20.78 ? 58  GLN B C   1 
ATOM   420 O  O   . GLN A 1 67 ? -15.264 1.165   6.491   1.00 21.35 ? 58  GLN B O   1 
ATOM   421 C  CB  . GLN A 1 67 ? -16.347 2.749   3.793   1.00 19.28 ? 58  GLN B CB  1 
ATOM   422 C  CG  . GLN A 1 67 ? -17.681 2.312   4.402   1.00 25.48 ? 58  GLN B CG  1 
ATOM   423 C  CD  . GLN A 1 67 ? -18.084 3.145   5.605   1.00 41.22 ? 58  GLN B CD  1 
ATOM   424 O  OE1 . GLN A 1 67 ? -18.013 4.376   5.578   1.00 47.10 ? 58  GLN B OE1 1 
ATOM   425 N  NE2 . GLN A 1 67 ? -18.499 2.475   6.677   1.00 50.53 ? 58  GLN B NE2 1 
ATOM   426 N  N   . PHE A 1 68 ? -14.125 0.692   4.609   1.00 16.22 ? 59  PHE B N   1 
ATOM   427 C  CA  . PHE A 1 68 ? -13.689 -0.604  5.106   1.00 20.51 ? 59  PHE B CA  1 
ATOM   428 C  C   . PHE A 1 68 ? -12.832 -0.442  6.352   1.00 21.43 ? 59  PHE B C   1 
ATOM   429 O  O   . PHE A 1 68 ? -13.078 -1.088  7.379   1.00 21.87 ? 59  PHE B O   1 
ATOM   430 C  CB  . PHE A 1 68 ? -12.921 -1.344  4.014   1.00 19.11 ? 59  PHE B CB  1 
ATOM   431 C  CG  . PHE A 1 68 ? -12.085 -2.470  4.530   1.00 26.38 ? 59  PHE B CG  1 
ATOM   432 C  CD1 . PHE A 1 68 ? -12.647 -3.699  4.807   1.00 41.55 ? 59  PHE B CD1 1 
ATOM   433 C  CD2 . PHE A 1 68 ? -10.738 -2.288  4.749   1.00 29.35 ? 59  PHE B CD2 1 
ATOM   434 C  CE1 . PHE A 1 68 ? -11.871 -4.728  5.292   1.00 37.79 ? 59  PHE B CE1 1 
ATOM   435 C  CE2 . PHE A 1 68 ? -9.969  -3.302  5.244   1.00 35.80 ? 59  PHE B CE2 1 
ATOM   436 C  CZ  . PHE A 1 68 ? -10.532 -4.524  5.514   1.00 33.43 ? 59  PHE B CZ  1 
ATOM   437 N  N   . LEU A 1 69 ? -11.828 0.440   6.291   1.00 17.91 ? 60  LEU B N   1 
ATOM   438 C  CA  . LEU A 1 69 ? -10.926 0.577   7.429   1.00 16.01 ? 60  LEU B CA  1 
ATOM   439 C  C   . LEU A 1 69 ? -11.683 0.979   8.688   1.00 17.21 ? 60  LEU B C   1 
ATOM   440 O  O   . LEU A 1 69 ? -11.422 0.440   9.764   1.00 19.79 ? 60  LEU B O   1 
ATOM   441 C  CB  . LEU A 1 69 ? -9.822  1.590   7.124   1.00 17.22 ? 60  LEU B CB  1 
ATOM   442 C  CG  . LEU A 1 69 ? -8.777  1.154   6.097   1.00 15.16 ? 60  LEU B CG  1 
ATOM   443 C  CD1 . LEU A 1 69 ? -7.790  2.274   5.907   1.00 17.59 ? 60  LEU B CD1 1 
ATOM   444 C  CD2 . LEU A 1 69 ? -8.052  -0.112  6.569   1.00 21.09 ? 60  LEU B CD2 1 
ATOM   445 N  N   . THR A 1 70 ? -12.620 1.926   8.578   1.00 18.65 ? 61  THR B N   1 
ATOM   446 C  CA  A THR A 1 70 ? -13.340 2.359   9.771   0.63 23.36 ? 61  THR B CA  1 
ATOM   447 C  CA  B THR A 1 70 ? -13.354 2.372   9.757   0.37 23.35 ? 61  THR B CA  1 
ATOM   448 C  C   . THR A 1 70 ? -14.265 1.275   10.294  1.00 26.02 ? 61  THR B C   1 
ATOM   449 O  O   . THR A 1 70 ? -14.512 1.207   11.504  1.00 27.20 ? 61  THR B O   1 
ATOM   450 C  CB  A THR A 1 70 ? -14.136 3.634   9.501   0.63 23.50 ? 61  THR B CB  1 
ATOM   451 C  CB  B THR A 1 70 ? -14.163 3.630   9.427   0.37 23.47 ? 61  THR B CB  1 
ATOM   452 O  OG1 A THR A 1 70 ? -15.213 3.366   8.587   0.63 21.74 ? 61  THR B OG1 1 
ATOM   453 O  OG1 B THR A 1 70 ? -13.341 4.549   8.701   0.37 24.21 ? 61  THR B OG1 1 
ATOM   454 C  CG2 A THR A 1 70 ? -13.229 4.655   8.916   0.63 24.12 ? 61  THR B CG2 1 
ATOM   455 C  CG2 B THR A 1 70 ? -14.644 4.309   10.691  0.37 20.71 ? 61  THR B CG2 1 
ATOM   456 N  N   . SER A 1 71 ? -14.769 0.412   9.415   1.00 24.72 ? 62  SER B N   1 
ATOM   457 C  CA  . SER A 1 71 ? -15.664 -0.640  9.870   1.00 26.85 ? 62  SER B CA  1 
ATOM   458 C  C   . SER A 1 71 ? -14.911 -1.808  10.482  1.00 28.55 ? 62  SER B C   1 
ATOM   459 O  O   . SER A 1 71 ? -15.490 -2.557  11.278  1.00 33.21 ? 62  SER B O   1 
ATOM   460 C  CB  . SER A 1 71 ? -16.534 -1.121  8.708   1.00 28.44 ? 62  SER B CB  1 
ATOM   461 O  OG  . SER A 1 71 ? -15.795 -1.963  7.843   1.00 30.86 ? 62  SER B OG  1 
ATOM   462 N  N   . GLU A 1 72 ? -13.629 -1.965  10.154  1.00 24.06 ? 63  GLU B N   1 
ATOM   463 C  CA  . GLU A 1 72 ? -12.845 -3.109  10.587  1.00 25.99 ? 63  GLU B CA  1 
ATOM   464 C  C   . GLU A 1 72 ? -11.829 -2.782  11.662  1.00 27.10 ? 63  GLU B C   1 
ATOM   465 O  O   . GLU A 1 72 ? -11.442 -3.680  12.418  1.00 24.36 ? 63  GLU B O   1 
ATOM   466 C  CB  . GLU A 1 72 ? -12.108 -3.720  9.394   1.00 29.25 ? 63  GLU B CB  1 
ATOM   467 C  CG  . GLU A 1 72 ? -13.048 -4.368  8.404   1.00 39.81 ? 63  GLU B CG  1 
ATOM   468 C  CD  . GLU A 1 72 ? -13.933 -5.404  9.060   1.00 42.41 ? 63  GLU B CD  1 
ATOM   469 O  OE1 . GLU A 1 72 ? -13.383 -6.312  9.717   1.00 39.06 ? 63  GLU B OE1 1 
ATOM   470 O  OE2 . GLU A 1 72 ? -15.173 -5.302  8.924   1.00 46.89 ? 63  GLU B OE2 1 
ATOM   471 N  N   . TYR A 1 73 ? -11.385 -1.531  11.736  1.00 19.97 ? 64  TYR B N   1 
ATOM   472 C  CA  . TYR A 1 73 ? -10.303 -1.138  12.622  1.00 16.84 ? 64  TYR B CA  1 
ATOM   473 C  C   . TYR A 1 73 ? -10.719 0.055   13.462  1.00 16.83 ? 64  TYR B C   1 
ATOM   474 O  O   . TYR A 1 73 ? -11.642 0.801   13.125  1.00 19.17 ? 64  TYR B O   1 
ATOM   475 C  CB  . TYR A 1 73 ? -9.032  -0.757  11.861  1.00 17.96 ? 64  TYR B CB  1 
ATOM   476 C  CG  . TYR A 1 73 ? -8.424  -1.888  11.091  1.00 20.78 ? 64  TYR B CG  1 
ATOM   477 C  CD1 . TYR A 1 73 ? -8.901  -2.233  9.835   1.00 26.94 ? 64  TYR B CD1 1 
ATOM   478 C  CD2 . TYR A 1 73 ? -7.386  -2.620  11.625  1.00 24.08 ? 64  TYR B CD2 1 
ATOM   479 C  CE1 . TYR A 1 73 ? -8.346  -3.282  9.134   1.00 28.62 ? 64  TYR B CE1 1 
ATOM   480 C  CE2 . TYR A 1 73 ? -6.820  -3.664  10.932  1.00 30.04 ? 64  TYR B CE2 1 
ATOM   481 C  CZ  . TYR A 1 73 ? -7.302  -3.992  9.692   1.00 34.38 ? 64  TYR B CZ  1 
ATOM   482 O  OH  . TYR A 1 73 ? -6.730  -5.041  9.015   1.00 37.35 ? 64  TYR B OH  1 
ATOM   483 N  N   . GLU A 1 74 ? -9.984  0.243   14.555  1.00 19.76 ? 65  GLU B N   1 
ATOM   484 C  CA  . GLU A 1 74 ? -10.210 1.375   15.446  1.00 19.67 ? 65  GLU B CA  1 
ATOM   485 C  C   . GLU A 1 74 ? -9.535  2.613   14.862  1.00 16.82 ? 65  GLU B C   1 
ATOM   486 O  O   . GLU A 1 74 ? -8.467  3.056   15.294  1.00 21.11 ? 65  GLU B O   1 
ATOM   487 C  CB  . GLU A 1 74 ? -9.696  1.044   16.834  1.00 22.95 ? 65  GLU B CB  1 
ATOM   488 C  CG  . GLU A 1 74 ? -10.483 -0.083  17.430  1.00 19.59 ? 65  GLU B CG  1 
ATOM   489 C  CD  . GLU A 1 74 ? -9.864  -0.590  18.700  1.00 28.04 ? 65  GLU B CD  1 
ATOM   490 O  OE1 . GLU A 1 74 ? -8.637  -0.409  18.874  1.00 31.57 ? 65  GLU B OE1 1 
ATOM   491 O  OE2 . GLU A 1 74 ? -10.609 -1.175  19.503  1.00 29.79 ? 65  GLU B OE2 1 
ATOM   492 N  N   . VAL A 1 75 ? -10.191 3.191   13.866  1.00 18.99 ? 66  VAL B N   1 
ATOM   493 C  CA  . VAL A 1 75 ? -9.681  4.380   13.198  1.00 17.82 ? 66  VAL B CA  1 
ATOM   494 C  C   . VAL A 1 75 ? -10.869 5.212   12.743  1.00 15.41 ? 66  VAL B C   1 
ATOM   495 O  O   . VAL A 1 75 ? -11.883 4.675   12.285  1.00 20.40 ? 66  VAL B O   1 
ATOM   496 C  CB  . VAL A 1 75 ? -8.749  4.008   12.024  1.00 17.42 ? 66  VAL B CB  1 
ATOM   497 C  CG1 . VAL A 1 75 ? -9.509  3.177   10.987  1.00 16.93 ? 66  VAL B CG1 1 
ATOM   498 C  CG2 . VAL A 1 75 ? -8.168  5.263   11.390  1.00 18.51 ? 66  VAL B CG2 1 
ATOM   499 N  N   . GLU A 1 76 ? -10.756 6.522   12.930  1.00 17.96 ? 67  GLU B N   1 
ATOM   500 C  CA  . GLU A 1 76 ? -11.775 7.446   12.462  1.00 22.64 ? 67  GLU B CA  1 
ATOM   501 C  C   . GLU A 1 76 ? -11.734 7.538   10.945  1.00 20.16 ? 67  GLU B C   1 
ATOM   502 O  O   . GLU A 1 76 ? -10.677 7.409   10.325  1.00 20.74 ? 67  GLU B O   1 
ATOM   503 C  CB  . GLU A 1 76 ? -11.555 8.830   13.068  1.00 23.91 ? 67  GLU B CB  1 
ATOM   504 C  CG  . GLU A 1 76 ? -11.676 8.862   14.578  1.00 28.48 ? 67  GLU B CG  1 
ATOM   505 C  CD  . GLU A 1 76 ? -13.118 8.928   15.041  1.00 39.24 ? 67  GLU B CD  1 
ATOM   506 O  OE1 . GLU A 1 76 ? -14.010 9.132   14.191  1.00 44.93 ? 67  GLU B OE1 1 
ATOM   507 O  OE2 . GLU A 1 76 ? -13.358 8.764   16.256  1.00 41.75 ? 67  GLU B OE2 1 
ATOM   508 N  N   . ARG A 1 77 ? -12.901 7.781   10.352  1.00 20.93 ? 68  ARG B N   1 
ATOM   509 C  CA  . ARG A 1 77 ? -12.977 7.944   8.901   1.00 21.78 ? 68  ARG B CA  1 
ATOM   510 C  C   . ARG A 1 77 ? -12.008 9.006   8.391   1.00 22.52 ? 68  ARG B C   1 
ATOM   511 O  O   . ARG A 1 77 ? -11.320 8.799   7.381   1.00 18.99 ? 68  ARG B O   1 
ATOM   512 C  CB  . ARG A 1 77 ? -14.409 8.273   8.501   1.00 26.29 ? 68  ARG B CB  1 
ATOM   513 C  CG  . ARG A 1 77 ? -14.526 8.803   7.104   1.00 30.82 ? 68  ARG B CG  1 
ATOM   514 C  CD  . ARG A 1 77 ? -14.743 7.675   6.142   1.00 27.33 ? 68  ARG B CD  1 
ATOM   515 N  NE  . ARG A 1 77 ? -14.909 8.166   4.779   1.00 24.32 ? 68  ARG B NE  1 
ATOM   516 C  CZ  . ARG A 1 77 ? -15.730 7.623   3.890   1.00 24.70 ? 68  ARG B CZ  1 
ATOM   517 N  NH1 . ARG A 1 77 ? -16.472 6.575   4.231   1.00 26.33 ? 68  ARG B NH1 1 
ATOM   518 N  NH2 . ARG A 1 77 ? -15.809 8.126   2.663   1.00 18.84 ? 68  ARG B NH2 1 
ATOM   519 N  N   . THR A 1 78 ? -11.944 10.158  9.073   1.00 21.52 ? 69  THR B N   1 
ATOM   520 C  CA  A THR A 1 78 ? -11.047 11.215  8.628   0.52 19.20 ? 69  THR B CA  1 
ATOM   521 C  CA  B THR A 1 78 ? -11.026 11.234  8.684   0.48 19.32 ? 69  THR B CA  1 
ATOM   522 C  C   . THR A 1 78 ? -9.602  10.726  8.596   1.00 21.44 ? 69  THR B C   1 
ATOM   523 O  O   . THR A 1 78 ? -8.881  10.970  7.622   1.00 19.96 ? 69  THR B O   1 
ATOM   524 C  CB  A THR A 1 78 ? -11.219 12.440  9.530   0.52 24.26 ? 69  THR B CB  1 
ATOM   525 C  CB  B THR A 1 78 ? -11.059 12.388  9.699   0.48 24.27 ? 69  THR B CB  1 
ATOM   526 O  OG1 A THR A 1 78 ? -12.612 12.737  9.638   0.52 31.03 ? 69  THR B OG1 1 
ATOM   527 O  OG1 B THR A 1 78 ? -10.831 11.880  11.021  0.48 22.05 ? 69  THR B OG1 1 
ATOM   528 C  CG2 A THR A 1 78 ? -10.558 13.648  8.926   0.52 24.33 ? 69  THR B CG2 1 
ATOM   529 C  CG2 B THR A 1 78 ? -12.358 13.160  9.661   0.48 23.44 ? 69  THR B CG2 1 
ATOM   530 N  N   . ASP A 1 79 ? -9.160  10.030  9.641   1.00 19.28 ? 70  ASP B N   1 
ATOM   531 C  CA  A ASP A 1 79 ? -7.794  9.525   9.672   0.52 22.00 ? 70  ASP B CA  1 
ATOM   532 C  CA  B ASP A 1 79 ? -7.794  9.524   9.671   0.48 22.00 ? 70  ASP B CA  1 
ATOM   533 C  C   . ASP A 1 79 ? -7.570  8.486   8.583   1.00 14.96 ? 70  ASP B C   1 
ATOM   534 O  O   . ASP A 1 79 ? -6.501  8.444   7.968   1.00 15.81 ? 70  ASP B O   1 
ATOM   535 C  CB  A ASP A 1 79 ? -7.486  8.926   11.040  0.52 18.15 ? 70  ASP B CB  1 
ATOM   536 C  CB  B ASP A 1 79 ? -7.490  8.921   11.037  0.48 18.16 ? 70  ASP B CB  1 
ATOM   537 C  CG  A ASP A 1 79 ? -7.218  9.983   12.090  0.52 27.33 ? 70  ASP B CG  1 
ATOM   538 C  CG  B ASP A 1 79 ? -7.379  9.971   12.111  0.48 27.40 ? 70  ASP B CG  1 
ATOM   539 O  OD1 A ASP A 1 79 ? -6.826  11.108  11.716  0.52 27.02 ? 70  ASP B OD1 1 
ATOM   540 O  OD1 B ASP A 1 79 ? -6.248  10.260  12.550  0.48 31.96 ? 70  ASP B OD1 1 
ATOM   541 O  OD2 A ASP A 1 79 ? -7.411  9.686   13.286  0.52 25.71 ? 70  ASP B OD2 1 
ATOM   542 O  OD2 B ASP A 1 79 ? -8.434  10.521  12.481  0.48 23.82 ? 70  ASP B OD2 1 
ATOM   543 N  N   . ALA A 1 80 ? -8.570  7.632   8.349   1.00 14.26 ? 71  ALA B N   1 
ATOM   544 C  CA  . ALA A 1 80 ? -8.442  6.620   7.308   1.00 15.92 ? 71  ALA B CA  1 
ATOM   545 C  C   . ALA A 1 80 ? -8.262  7.263   5.947   1.00 15.83 ? 71  ALA B C   1 
ATOM   546 O  O   . ALA A 1 80 ? -7.395  6.846   5.173   1.00 13.29 ? 71  ALA B O   1 
ATOM   547 C  CB  . ALA A 1 80 ? -9.665  5.706   7.295   1.00 15.82 ? 71  ALA B CB  1 
ATOM   548 N  N   . GLU A 1 81 ? -9.062  8.292   5.641   1.00 13.72 ? 72  GLU B N   1 
ATOM   549 C  CA  . GLU A 1 81 ? -8.908  8.962   4.354   1.00 14.56 ? 72  GLU B CA  1 
ATOM   550 C  C   . GLU A 1 81 ? -7.529  9.594   4.215   1.00 14.81 ? 72  GLU B C   1 
ATOM   551 O  O   . GLU A 1 81 ? -6.919  9.521   3.145   1.00 14.65 ? 72  GLU B O   1 
ATOM   552 C  CB  . GLU A 1 81 ? -9.987  10.025  4.168   1.00 16.34 ? 72  GLU B CB  1 
ATOM   553 C  CG  . GLU A 1 81 ? -11.385 9.451   4.093   1.00 14.49 ? 72  GLU B CG  1 
ATOM   554 C  CD  . GLU A 1 81 ? -12.392 10.455  3.607   1.00 20.91 ? 72  GLU B CD  1 
ATOM   555 O  OE1 . GLU A 1 81 ? -12.014 11.286  2.765   1.00 16.84 ? 72  GLU B OE1 1 
ATOM   556 O  OE2 . GLU A 1 81 ? -13.553 10.391  4.055   1.00 24.39 ? 72  GLU B OE2 1 
ATOM   557 N  N   . ARG A 1 82 ? -7.032  10.238  5.272   1.00 13.03 ? 73  ARG B N   1 
ATOM   558 C  CA  . ARG A 1 82 ? -5.710  10.852  5.182   1.00 13.67 ? 73  ARG B CA  1 
ATOM   559 C  C   . ARG A 1 82 ? -4.629  9.804   5.038   1.00 14.76 ? 73  ARG B C   1 
ATOM   560 O  O   . ARG A 1 82 ? -3.674  9.994   4.280   1.00 16.58 ? 73  ARG B O   1 
ATOM   561 C  CB  . ARG A 1 82 ? -5.417  11.693  6.414   1.00 18.09 ? 73  ARG B CB  1 
ATOM   562 C  CG  . ARG A 1 82 ? -6.322  12.836  6.654   1.00 28.69 ? 73  ARG B CG  1 
ATOM   563 C  CD  . ARG A 1 82 ? -5.485  13.873  7.357   1.00 49.28 ? 73  ARG B CD  1 
ATOM   564 N  NE  . ARG A 1 82 ? -5.462  13.590  8.790   1.00 54.65 ? 73  ARG B NE  1 
ATOM   565 C  CZ  . ARG A 1 82 ? -6.492  13.783  9.604   1.00 52.39 ? 73  ARG B CZ  1 
ATOM   566 N  NH1 . ARG A 1 82 ? -6.389  13.484  10.894  1.00 45.41 ? 73  ARG B NH1 1 
ATOM   567 N  NH2 . ARG A 1 82 ? -7.605  14.323  9.137   1.00 48.61 ? 73  ARG B NH2 1 
ATOM   568 N  N   . ASP A 1 83 ? -4.754  8.700   5.776   1.00 15.88 ? 74  ASP B N   1 
ATOM   569 C  CA  . ASP A 1 83 ? -3.730  7.668   5.718   1.00 13.91 ? 74  ASP B CA  1 
ATOM   570 C  C   . ASP A 1 83 ? -3.702  6.996   4.354   1.00 16.41 ? 74  ASP B C   1 
ATOM   571 O  O   . ASP A 1 83 ? -2.625  6.659   3.844   1.00 15.36 ? 74  ASP B O   1 
ATOM   572 C  CB  . ASP A 1 83 ? -3.967  6.633   6.812   1.00 18.44 ? 74  ASP B CB  1 
ATOM   573 C  CG  . ASP A 1 83 ? -3.587  7.136   8.190   1.00 21.23 ? 74  ASP B CG  1 
ATOM   574 O  OD1 . ASP A 1 83 ? -3.841  6.390   9.163   1.00 22.68 ? 74  ASP B OD1 1 
ATOM   575 O  OD2 . ASP A 1 83 ? -3.061  8.268   8.304   1.00 23.47 ? 74  ASP B OD2 1 
ATOM   576 N  N   . ILE A 1 84 ? -4.877  6.735   3.776   1.00 12.66 ? 75  ILE B N   1 
ATOM   577 C  CA  . ILE A 1 84 ? -4.914  6.144   2.440   1.00 11.05 ? 75  ILE B CA  1 
ATOM   578 C  C   . ILE A 1 84 ? -4.266  7.082   1.442   1.00 14.31 ? 75  ILE B C   1 
ATOM   579 O  O   . ILE A 1 84 ? -3.475  6.664   0.590   1.00 13.72 ? 75  ILE B O   1 
ATOM   580 C  CB  . ILE A 1 84 ? -6.361  5.828   2.038   1.00 11.34 ? 75  ILE B CB  1 
ATOM   581 C  CG1 . ILE A 1 84 ? -6.885  4.667   2.873   1.00 13.25 ? 75  ILE B CG1 1 
ATOM   582 C  CG2 . ILE A 1 84 ? -6.455  5.526   0.541   1.00 14.61 ? 75  ILE B CG2 1 
ATOM   583 C  CD1 . ILE A 1 84 ? -8.417  4.600   2.854   1.00 13.62 ? 75  ILE B CD1 1 
ATOM   584 N  N   . ALA A 1 85 ? -4.594  8.367   1.540   1.00 12.39 ? 76  ALA B N   1 
ATOM   585 C  CA  . ALA A 1 85 ? -4.053  9.351   0.612   1.00 13.96 ? 76  ALA B CA  1 
ATOM   586 C  C   . ALA A 1 85 ? -2.546  9.451   0.744   1.00 12.49 ? 76  ALA B C   1 
ATOM   587 O  O   . ALA A 1 85 ? -1.829  9.531   -0.264  1.00 14.41 ? 76  ALA B O   1 
ATOM   588 C  CB  . ALA A 1 85 ? -4.700  10.708  0.863   1.00 15.66 ? 76  ALA B CB  1 
ATOM   589 N  N   . ALA A 1 86 ? -2.045  9.439   1.982   1.00 14.58 ? 77  ALA B N   1 
ATOM   590 C  CA  . ALA A 1 86 ? -0.601  9.509   2.190   1.00 13.66 ? 77  ALA B CA  1 
ATOM   591 C  C   . ALA A 1 86 ? 0.102   8.276   1.639   1.00 13.50 ? 77  ALA B C   1 
ATOM   592 O  O   . ALA A 1 86 ? 1.196   8.383   1.081   1.00 15.04 ? 77  ALA B O   1 
ATOM   593 C  CB  . ALA A 1 86 ? -0.291  9.672   3.675   1.00 16.69 ? 77  ALA B CB  1 
ATOM   594 N  N   . LEU A 1 87 ? -0.507  7.099   1.805   1.00 13.24 ? 78  LEU B N   1 
ATOM   595 C  CA  . LEU A 1 87 ? 0.097   5.879   1.281   1.00 11.57 ? 78  LEU B CA  1 
ATOM   596 C  C   . LEU A 1 87 ? 0.153   5.917   -0.238  1.00 14.16 ? 78  LEU B C   1 
ATOM   597 O  O   . LEU A 1 87 ? 1.186   5.606   -0.842  1.00 14.38 ? 78  LEU B O   1 
ATOM   598 C  CB  . LEU A 1 87 ? -0.684  4.656   1.769   1.00 11.62 ? 78  LEU B CB  1 
ATOM   599 C  CG  . LEU A 1 87 ? -0.198  3.334   1.156   1.00 13.97 ? 78  LEU B CG  1 
ATOM   600 C  CD1 . LEU A 1 87 ? 1.243   3.039   1.564   1.00 14.97 ? 78  LEU B CD1 1 
ATOM   601 C  CD2 . LEU A 1 87 ? -1.117  2.194   1.567   1.00 14.32 ? 78  LEU B CD2 1 
ATOM   602 N  N   . VAL A 1 88 ? -0.953  6.314   -0.873  1.00 13.15 ? 79  VAL B N   1 
ATOM   603 C  CA  . VAL A 1 88 ? -0.994  6.380   -2.331  1.00 12.31 ? 79  VAL B CA  1 
ATOM   604 C  C   . VAL A 1 88 ? 0.016   7.389   -2.838  1.00 14.89 ? 79  VAL B C   1 
ATOM   605 O  O   . VAL A 1 88 ? 0.738   7.139   -3.815  1.00 15.74 ? 79  VAL B O   1 
ATOM   606 C  CB  . VAL A 1 88 ? -2.417  6.716   -2.796  1.00 13.59 ? 79  VAL B CB  1 
ATOM   607 C  CG1 . VAL A 1 88 ? -2.422  7.223   -4.240  1.00 18.95 ? 79  VAL B CG1 1 
ATOM   608 C  CG2 . VAL A 1 88 ? -3.276  5.490   -2.651  1.00 14.71 ? 79  VAL B CG2 1 
ATOM   609 N  N   . THR A 1 89 ? 0.109   8.530   -2.161  1.00 13.34 ? 80  THR B N   1 
ATOM   610 C  CA  . THR A 1 89 ? 1.122   9.508   -2.524  1.00 15.02 ? 80  THR B CA  1 
ATOM   611 C  C   . THR A 1 89 ? 2.520   8.919   -2.398  1.00 15.39 ? 80  THR B C   1 
ATOM   612 O  O   . THR A 1 89 ? 3.373   9.130   -3.274  1.00 16.57 ? 80  THR B O   1 
ATOM   613 C  CB  . THR A 1 89 ? 0.966   10.754  -1.650  1.00 18.21 ? 80  THR B CB  1 
ATOM   614 O  OG1 . THR A 1 89 ? -0.249  11.427  -2.015  1.00 16.71 ? 80  THR B OG1 1 
ATOM   615 C  CG2 . THR A 1 89 ? 2.165   11.698  -1.815  1.00 22.06 ? 80  THR B CG2 1 
ATOM   616 N  N   . SER A 1 90 ? 2.762   8.137   -1.336  1.00 14.46 ? 81  SER B N   1 
ATOM   617 C  CA  . SER A 1 90 ? 4.090   7.553   -1.150  1.00 16.14 ? 81  SER B CA  1 
ATOM   618 C  C   . SER A 1 90 ? 4.367   6.486   -2.202  1.00 17.78 ? 81  SER B C   1 
ATOM   619 O  O   . SER A 1 90 ? 5.499   6.360   -2.693  1.00 18.67 ? 81  SER B O   1 
ATOM   620 C  CB  . SER A 1 90 ? 4.220   6.970   0.254   1.00 17.79 ? 81  SER B CB  1 
ATOM   621 O  OG  . SER A 1 90 ? 5.524   6.439   0.463   1.00 23.44 ? 81  SER B OG  1 
ATOM   622 N  N   . LEU A 1 91 ? 3.343   5.715   -2.568  1.00 13.00 ? 82  LEU B N   1 
ATOM   623 C  CA  . LEU A 1 91 ? 3.527   4.722   -3.620  1.00 14.33 ? 82  LEU B CA  1 
ATOM   624 C  C   . LEU A 1 91 ? 3.849   5.382   -4.950  1.00 16.76 ? 82  LEU B C   1 
ATOM   625 O  O   . LEU A 1 91 ? 4.657   4.859   -5.725  1.00 16.91 ? 82  LEU B O   1 
ATOM   626 C  CB  . LEU A 1 91 ? 2.285   3.848   -3.739  1.00 14.09 ? 82  LEU B CB  1 
ATOM   627 C  CG  . LEU A 1 91 ? 2.095   2.955   -2.514  1.00 15.04 ? 82  LEU B CG  1 
ATOM   628 C  CD1 . LEU A 1 91 ? 0.702   2.341   -2.565  1.00 15.60 ? 82  LEU B CD1 1 
ATOM   629 C  CD2 . LEU A 1 91 ? 3.166   1.875   -2.486  1.00 21.64 ? 82  LEU B CD2 1 
ATOM   630 N  N   . LYS A 1 92 ? 3.238   6.538   -5.233  1.00 14.78 ? 83  LYS B N   1 
ATOM   631 C  CA  . LYS A 1 92 ? 3.580   7.252   -6.458  1.00 14.88 ? 83  LYS B CA  1 
ATOM   632 C  C   . LYS A 1 92 ? 4.961   7.884   -6.352  1.00 18.28 ? 83  LYS B C   1 
ATOM   633 O  O   . LYS A 1 92 ? 5.762   7.801   -7.295  1.00 20.03 ? 83  LYS B O   1 
ATOM   634 C  CB  . LYS A 1 92 ? 2.519   8.308   -6.762  1.00 15.40 ? 83  LYS B CB  1 
ATOM   635 C  CG  . LYS A 1 92 ? 1.192   7.701   -7.142  1.00 14.14 ? 83  LYS B CG  1 
ATOM   636 C  CD  . LYS A 1 92 ? 0.055   8.730   -7.116  1.00 20.30 ? 83  LYS B CD  1 
ATOM   637 C  CE  . LYS A 1 92 ? -1.250  8.076   -7.574  1.00 20.05 ? 83  LYS B CE  1 
ATOM   638 N  NZ  . LYS A 1 92 ? -2.410  9.021   -7.475  1.00 25.16 ? 83  LYS B NZ  1 
ATOM   639 N  N   . GLU A 1 93 ? 5.255   8.503   -5.204  1.00 14.50 ? 84  GLU B N   1 
ATOM   640 C  CA  . GLU A 1 93 ? 6.552   9.134   -4.973  1.00 18.23 ? 84  GLU B CA  1 
ATOM   641 C  C   . GLU A 1 93 ? 7.685   8.151   -5.220  1.00 21.38 ? 84  GLU B C   1 
ATOM   642 O  O   . GLU A 1 93 ? 8.694   8.478   -5.865  1.00 20.85 ? 84  GLU B O   1 
ATOM   643 C  CB  . GLU A 1 93 ? 6.616   9.663   -3.534  1.00 19.44 ? 84  GLU B CB  1 
ATOM   644 C  CG  . GLU A 1 93 ? 8.031   9.977   -3.042  1.00 24.41 ? 84  GLU B CG  1 
ATOM   645 C  CD  . GLU A 1 93 ? 8.630   11.162  -3.772  1.00 21.99 ? 84  GLU B CD  1 
ATOM   646 O  OE1 . GLU A 1 93 ? 7.851   11.904  -4.408  1.00 23.02 ? 84  GLU B OE1 1 
ATOM   647 O  OE2 . GLU A 1 93 ? 9.874   11.350  -3.705  1.00 23.41 ? 84  GLU B OE2 1 
ATOM   648 N  N   . ASN A 1 94 ? 7.533   6.941   -4.712  1.00 17.77 ? 85  ASN B N   1 
ATOM   649 C  CA  . ASN A 1 94 ? 8.614   5.971   -4.722  1.00 16.87 ? 85  ASN B CA  1 
ATOM   650 C  C   . ASN A 1 94 ? 8.584   5.070   -5.947  1.00 18.64 ? 85  ASN B C   1 
ATOM   651 O  O   . ASN A 1 94 ? 9.360   4.110   -6.015  1.00 24.73 ? 85  ASN B O   1 
ATOM   652 C  CB  . ASN A 1 94 ? 8.575   5.164   -3.433  1.00 18.91 ? 85  ASN B CB  1 
ATOM   653 C  CG  . ASN A 1 94 ? 8.943   6.003   -2.236  1.00 33.07 ? 85  ASN B CG  1 
ATOM   654 O  OD1 . ASN A 1 94 ? 8.096   6.346   -1.409  1.00 32.80 ? 85  ASN B OD1 1 
ATOM   655 N  ND2 . ASN A 1 94 ? 10.212  6.383   -2.159  1.00 27.69 ? 85  ASN B ND2 1 
ATOM   656 N  N   . GLY A 1 95 ? 7.735   5.376   -6.920  1.00 17.08 ? 86  GLY B N   1 
ATOM   657 C  CA  . GLY A 1 95 ? 7.803   4.702   -8.204  1.00 18.37 ? 86  GLY B CA  1 
ATOM   658 C  C   . GLY A 1 95 ? 7.095   3.375   -8.280  1.00 19.46 ? 86  GLY B C   1 
ATOM   659 O  O   . GLY A 1 95 ? 7.367   2.600   -9.198  1.00 18.18 ? 86  GLY B O   1 
ATOM   660 N  N   . MET A 1 96 ? 6.187   3.087   -7.350  1.00 12.03 ? 87  MET B N   1 
ATOM   661 C  CA  . MET A 1 96 ? 5.441   1.842   -7.427  1.00 13.39 ? 87  MET B CA  1 
ATOM   662 C  C   . MET A 1 96 ? 4.092   2.003   -8.106  1.00 14.96 ? 87  MET B C   1 
ATOM   663 O  O   . MET A 1 96 ? 3.605   1.055   -8.725  1.00 15.99 ? 87  MET B O   1 
ATOM   664 C  CB  . MET A 1 96 ? 5.245   1.267   -6.024  1.00 15.64 ? 87  MET B CB  1 
ATOM   665 C  CG  . MET A 1 96 ? 6.493   0.560   -5.524  1.00 17.90 ? 87  MET B CG  1 
ATOM   666 S  SD  . MET A 1 96 ? 6.437   0.328   -3.752  1.00 26.15 ? 87  MET B SD  1 
ATOM   667 C  CE  . MET A 1 96 ? 6.894   1.969   -3.204  1.00 22.25 ? 87  MET B CE  1 
ATOM   668 N  N   . ALA A 1 97 ? 3.492   3.182   -8.011  1.00 14.19 ? 88  ALA B N   1 
ATOM   669 C  CA  . ALA A 1 97 ? 2.171   3.438   -8.565  1.00 17.29 ? 88  ALA B CA  1 
ATOM   670 C  C   . ALA A 1 97 ? 2.242   4.517   -9.638  1.00 16.67 ? 88  ALA B C   1 
ATOM   671 O  O   . ALA A 1 97 ? 3.011   5.479   -9.520  1.00 18.38 ? 88  ALA B O   1 
ATOM   672 C  CB  . ALA A 1 97 ? 1.186   3.879   -7.480  1.00 16.26 ? 88  ALA B CB  1 
ATOM   673 N  N   . LEU A 1 98 ? 1.404   4.361   -10.662 1.00 16.61 ? 89  LEU B N   1 
ATOM   674 C  CA  . LEU A 1 98 ? 1.309   5.353   -11.724 1.00 17.21 ? 89  LEU B CA  1 
ATOM   675 C  C   . LEU A 1 98 ? 0.587   6.599   -11.213 1.00 23.12 ? 89  LEU B C   1 
ATOM   676 O  O   . LEU A 1 98 ? -0.302  6.503   -10.366 1.00 22.19 ? 89  LEU B O   1 
ATOM   677 C  CB  . LEU A 1 98 ? 0.552   4.772   -12.910 1.00 19.75 ? 89  LEU B CB  1 
ATOM   678 C  CG  . LEU A 1 98 ? 1.307   3.755   -13.767 1.00 20.45 ? 89  LEU B CG  1 
ATOM   679 C  CD1 . LEU A 1 98 ? 0.323   3.077   -14.703 1.00 24.01 ? 89  LEU B CD1 1 
ATOM   680 C  CD2 . LEU A 1 98 ? 2.408   4.447   -14.558 1.00 18.66 ? 89  LEU B CD2 1 
ATOM   681 N  N   . PRO A 1 99 ? 0.951   7.790   -11.716 1.00 29.72 ? 90  PRO B N   1 
ATOM   682 C  CA  . PRO A 1 99 ? 0.315   9.038   -11.273 1.00 31.23 ? 90  PRO B CA  1 
ATOM   683 C  C   . PRO A 1 99 ? -1.167  9.128   -11.648 1.00 36.06 ? 90  PRO B C   1 
ATOM   684 O  O   . PRO A 1 99 ? -1.635  8.364   -12.496 1.00 40.42 ? 90  PRO B O   1 
ATOM   685 C  CB  . PRO A 1 99 ? 1.123   10.120  -12.000 1.00 38.10 ? 90  PRO B CB  1 
ATOM   686 C  CG  . PRO A 1 99 ? 1.728   9.422   -13.168 1.00 36.34 ? 90  PRO B CG  1 
ATOM   687 C  CD  . PRO A 1 99 ? 2.046   8.043   -12.667 1.00 34.31 ? 90  PRO B CD  1 
ATOM   688 N  N   . LYS B 2 3  ? -13.476 -3.878  17.346  1.00 29.54 ? -20 LYS A N   1 
ATOM   689 C  CA  . LYS B 2 3  ? -12.727 -3.734  16.099  1.00 27.29 ? -20 LYS A CA  1 
ATOM   690 C  C   . LYS B 2 3  ? -11.235 -3.977  16.307  1.00 28.91 ? -20 LYS A C   1 
ATOM   691 O  O   . LYS B 2 3  ? -10.737 -3.938  17.434  1.00 29.88 ? -20 LYS A O   1 
ATOM   692 C  CB  . LYS B 2 3  ? -12.962 -2.341  15.498  1.00 25.21 ? -20 LYS A CB  1 
ATOM   693 C  CG  . LYS B 2 3  ? -14.397 -2.105  15.067  1.00 29.61 ? -20 LYS A CG  1 
ATOM   694 C  CD  . LYS B 2 3  ? -14.553 -0.846  14.226  1.00 26.48 ? -20 LYS A CD  1 
ATOM   695 C  CE  . LYS B 2 3  ? -14.388 0.409   15.048  1.00 30.72 ? -20 LYS A CE  1 
ATOM   696 N  NZ  . LYS B 2 3  ? -14.239 1.614   14.167  1.00 32.24 ? -20 LYS A NZ  1 
ATOM   697 N  N   . LYS B 2 4  ? -10.528 -4.231  15.210  1.00 22.07 ? -19 LYS A N   1 
ATOM   698 C  CA  . LYS B 2 4  ? -9.105  -4.510  15.272  1.00 24.59 ? -19 LYS A CA  1 
ATOM   699 C  C   . LYS B 2 4  ? -8.307  -3.256  15.603  1.00 22.89 ? -19 LYS A C   1 
ATOM   700 O  O   . LYS B 2 4  ? -8.656  -2.140  15.205  1.00 21.64 ? -19 LYS A O   1 
ATOM   701 C  CB  . LYS B 2 4  ? -8.615  -5.086  13.944  0.85 27.25 ? -19 LYS A CB  1 
ATOM   702 C  CG  . LYS B 2 4  ? -9.233  -6.428  13.570  0.80 27.22 ? -19 LYS A CG  1 
ATOM   703 C  CD  . LYS B 2 4  ? -8.521  -7.024  12.361  1.00 30.39 ? -19 LYS A CD  1 
ATOM   704 C  CE  . LYS B 2 4  ? -9.202  -8.303  11.886  0.93 36.25 ? -19 LYS A CE  1 
ATOM   705 N  NZ  . LYS B 2 4  ? -8.459  -8.913  10.746  1.00 33.79 ? -19 LYS A NZ  1 
ATOM   706 N  N   . LYS B 2 5  ? -7.219  -3.457  16.344  1.00 24.02 ? -18 LYS A N   1 
ATOM   707 C  CA  . LYS B 2 5  ? -6.249  -2.395  16.574  1.00 23.62 ? -18 LYS A CA  1 
ATOM   708 C  C   . LYS B 2 5  ? -5.715  -1.864  15.247  1.00 22.77 ? -18 LYS A C   1 
ATOM   709 O  O   . LYS B 2 5  ? -5.342  -2.633  14.355  1.00 27.34 ? -18 LYS A O   1 
ATOM   710 C  CB  . LYS B 2 5  ? -5.097  -2.917  17.431  1.00 30.17 ? -18 LYS A CB  1 
ATOM   711 C  CG  . LYS B 2 5  ? -3.922  -1.960  17.566  1.00 33.49 ? -18 LYS A CG  1 
ATOM   712 C  CD  . LYS B 2 5  ? -2.878  -2.497  18.543  1.00 43.52 ? -18 LYS A CD  1 
ATOM   713 C  CE  . LYS B 2 5  ? -2.518  -1.463  19.607  1.00 57.61 ? -18 LYS A CE  1 
ATOM   714 N  NZ  . LYS B 2 5  ? -3.507  -1.424  20.727  1.00 56.34 ? -18 LYS A NZ  1 
ATOM   715 N  N   . TYR B 2 6  ? -5.665  -0.542  15.122  1.00 19.62 ? -17 TYR A N   1 
ATOM   716 C  CA  . TYR B 2 6  ? -5.232  0.100   13.891  1.00 19.59 ? -17 TYR A CA  1 
ATOM   717 C  C   . TYR B 2 6  ? -3.760  0.459   13.974  1.00 25.33 ? -17 TYR A C   1 
ATOM   718 O  O   . TYR B 2 6  ? -3.323  1.113   14.925  1.00 24.26 ? -17 TYR A O   1 
ATOM   719 C  CB  . TYR B 2 6  ? -6.050  1.354   13.617  1.00 18.63 ? -17 TYR A CB  1 
ATOM   720 C  CG  . TYR B 2 6  ? -5.708  2.043   12.319  1.00 20.18 ? -17 TYR A CG  1 
ATOM   721 C  CD1 . TYR B 2 6  ? -6.079  1.484   11.100  1.00 22.68 ? -17 TYR A CD1 1 
ATOM   722 C  CD2 . TYR B 2 6  ? -5.049  3.260   12.311  1.00 21.30 ? -17 TYR A CD2 1 
ATOM   723 C  CE1 . TYR B 2 6  ? -5.787  2.121   9.907   1.00 18.86 ? -17 TYR A CE1 1 
ATOM   724 C  CE2 . TYR B 2 6  ? -4.754  3.903   11.127  1.00 18.47 ? -17 TYR A CE2 1 
ATOM   725 C  CZ  . TYR B 2 6  ? -5.124  3.322   9.929   1.00 21.17 ? -17 TYR A CZ  1 
ATOM   726 O  OH  . TYR B 2 6  ? -4.841  3.961   8.755   1.00 18.44 ? -17 TYR A OH  1 
ATOM   727 N  N   . THR B 2 7  ? -3.003  0.042   12.966  1.00 24.68 ? -16 THR A N   1 
ATOM   728 C  CA  . THR B 2 7  ? -1.647  0.514   12.746  1.00 23.12 ? -16 THR A CA  1 
ATOM   729 C  C   . THR B 2 7  ? -1.647  1.265   11.425  1.00 22.10 ? -16 THR A C   1 
ATOM   730 O  O   . THR B 2 7  ? -2.092  0.719   10.413  1.00 22.89 ? -16 THR A O   1 
ATOM   731 C  CB  . THR B 2 7  ? -0.660  -0.660  12.707  1.00 30.46 ? -16 THR A CB  1 
ATOM   732 O  OG1 . THR B 2 7  ? -0.736  -1.388  13.942  1.00 36.18 ? -16 THR A OG1 1 
ATOM   733 C  CG2 . THR B 2 7  ? 0.755   -0.172  12.503  1.00 32.39 ? -16 THR A CG2 1 
ATOM   734 N  N   . ALA B 2 8  ? -1.176  2.508   11.433  1.00 21.41 ? -15 ALA A N   1 
ATOM   735 C  CA  . ALA B 2 8  ? -1.191  3.292   10.209  1.00 22.83 ? -15 ALA A CA  1 
ATOM   736 C  C   . ALA B 2 8  ? -0.367  2.585   9.133   1.00 19.27 ? -15 ALA A C   1 
ATOM   737 O  O   . ALA B 2 8  ? 0.611   1.902   9.443   1.00 19.96 ? -15 ALA A O   1 
ATOM   738 C  CB  . ALA B 2 8  ? -0.640  4.694   10.454  1.00 28.16 ? -15 ALA A CB  1 
ATOM   739 N  N   . PRO B 2 9  ? -0.756  2.710   7.866   1.00 18.34 ? -14 PRO A N   1 
ATOM   740 C  CA  . PRO B 2 9  ? 0.010   2.064   6.795   1.00 18.87 ? -14 PRO A CA  1 
ATOM   741 C  C   . PRO B 2 9  ? 1.456   2.538   6.784   1.00 20.20 ? -14 PRO A C   1 
ATOM   742 O  O   . PRO B 2 9  ? 1.749   3.719   6.987   1.00 21.51 ? -14 PRO A O   1 
ATOM   743 C  CB  . PRO B 2 9  ? -0.729  2.485   5.517   1.00 19.14 ? -14 PRO A CB  1 
ATOM   744 C  CG  . PRO B 2 9  ? -1.682  3.596   5.939   1.00 22.05 ? -14 PRO A CG  1 
ATOM   745 C  CD  . PRO B 2 9  ? -2.001  3.322   7.372   1.00 21.52 ? -14 PRO A CD  1 
ATOM   746 N  N   . GLN B 2 10 ? 2.363   1.601   6.544   1.00 17.35 ? -13 GLN A N   1 
ATOM   747 C  CA  . GLN B 2 10 ? 3.776   1.920   6.466   1.00 20.01 ? -13 GLN A CA  1 
ATOM   748 C  C   . GLN B 2 10 ? 4.394   1.188   5.286   1.00 20.78 ? -13 GLN A C   1 
ATOM   749 O  O   . GLN B 2 10 ? 4.037   0.048   4.985   1.00 18.35 ? -13 GLN A O   1 
ATOM   750 C  CB  . GLN B 2 10 ? 4.520   1.542   7.757   1.00 24.12 ? -13 GLN A CB  1 
ATOM   751 C  CG  . GLN B 2 10 ? 4.014   2.284   8.987   1.00 34.36 ? -13 GLN A CG  1 
ATOM   752 C  CD  . GLN B 2 10 ? 5.138   2.781   9.876   1.00 48.05 ? -13 GLN A CD  1 
ATOM   753 O  OE1 . GLN B 2 10 ? 5.764   3.804   9.590   1.00 60.46 ? -13 GLN A OE1 1 
ATOM   754 N  NE2 . GLN B 2 10 ? 5.395   2.062   10.962  1.00 51.60 ? -13 GLN A NE2 1 
ATOM   755 N  N   . LEU B 2 11 ? 5.345   1.854   4.649   1.00 21.31 ? -12 LEU A N   1 
ATOM   756 C  CA  . LEU B 2 11 ? 6.102   1.313   3.534   1.00 23.44 ? -12 LEU A CA  1 
ATOM   757 C  C   . LEU B 2 11 ? 7.571   1.449   3.904   1.00 24.47 ? -12 LEU A C   1 
ATOM   758 O  O   . LEU B 2 11 ? 7.995   2.508   4.374   1.00 27.88 ? -12 LEU A O   1 
ATOM   759 C  CB  . LEU B 2 11 ? 5.765   2.081   2.250   1.00 26.98 ? -12 LEU A CB  1 
ATOM   760 C  CG  . LEU B 2 11 ? 6.668   2.036   1.027   1.00 34.23 ? -12 LEU A CG  1 
ATOM   761 C  CD1 . LEU B 2 11 ? 6.271   0.843   0.193   1.00 36.66 ? -12 LEU A CD1 1 
ATOM   762 C  CD2 . LEU B 2 11 ? 6.522   3.319   0.233   1.00 45.12 ? -12 LEU A CD2 1 
ATOM   763 N  N   . ALA B 2 12 ? 8.332   0.377   3.753   1.00 19.49 ? -11 ALA A N   1 
ATOM   764 C  CA  . ALA B 2 12 ? 9.741   0.404   4.113   1.00 21.40 ? -11 ALA A CA  1 
ATOM   765 C  C   . ALA B 2 12 ? 10.550  -0.149  2.956   1.00 20.18 ? -11 ALA A C   1 
ATOM   766 O  O   . ALA B 2 12 ? 10.213  -1.200  2.404   1.00 21.78 ? -11 ALA A O   1 
ATOM   767 C  CB  . ALA B 2 12 ? 10.018  -0.412  5.381   1.00 29.11 ? -11 ALA A CB  1 
ATOM   768 N  N   . LYS B 2 13 ? 11.613  0.553   2.587   1.00 20.19 ? -10 LYS A N   1 
ATOM   769 C  CA  . LYS B 2 13 ? 12.508  -0.005  1.586   1.00 20.38 ? -10 LYS A CA  1 
ATOM   770 C  C   . LYS B 2 13 ? 13.324  -1.135  2.205   1.00 23.71 ? -10 LYS A C   1 
ATOM   771 O  O   . LYS B 2 13 ? 13.962  -0.950  3.245   1.00 28.79 ? -10 LYS A O   1 
ATOM   772 C  CB  . LYS B 2 13 ? 13.420  1.082   1.033   1.00 22.95 ? -10 LYS A CB  1 
ATOM   773 C  CG  . LYS B 2 13 ? 14.200  0.646   -0.195  1.00 21.44 ? -10 LYS A CG  1 
ATOM   774 C  CD  . LYS B 2 13 ? 14.995  1.816   -0.750  1.00 27.73 ? -10 LYS A CD  1 
ATOM   775 C  CE  . LYS B 2 13 ? 15.983  1.331   -1.785  1.00 34.48 ? -10 LYS A CE  1 
ATOM   776 N  NZ  . LYS B 2 13 ? 16.899  2.424   -2.224  1.00 27.65 ? -10 LYS A NZ  1 
ATOM   777 N  N   . VAL B 2 14 ? 13.296  -2.306  1.574   1.00 18.84 ? -9  VAL A N   1 
ATOM   778 C  CA  . VAL B 2 14 ? 14.028  -3.472  2.084   1.00 19.22 ? -9  VAL A CA  1 
ATOM   779 C  C   . VAL B 2 14 ? 15.436  -3.507  1.529   1.00 20.44 ? -9  VAL A C   1 
ATOM   780 O  O   . VAL B 2 14 ? 16.373  -3.931  2.208   1.00 26.25 ? -9  VAL A O   1 
ATOM   781 C  CB  . VAL B 2 14 ? 13.285  -4.781  1.749   1.00 21.36 ? -9  VAL A CB  1 
ATOM   782 C  CG1 . VAL B 2 14 ? 14.055  -6.003  2.302   1.00 23.76 ? -9  VAL A CG1 1 
ATOM   783 C  CG2 . VAL B 2 14 ? 11.887  -4.747  2.294   1.00 22.63 ? -9  VAL A CG2 1 
ATOM   784 N  N   . GLY B 2 15 ? 15.602  -3.087  0.288   1.00 18.67 ? -8  GLY A N   1 
ATOM   785 C  CA  . GLY B 2 15 ? 16.893  -3.235  -0.342  1.00 22.29 ? -8  GLY A CA  1 
ATOM   786 C  C   . GLY B 2 15 ? 16.816  -2.886  -1.807  1.00 19.04 ? -8  GLY A C   1 
ATOM   787 O  O   . GLY B 2 15 ? 15.798  -2.395  -2.312  1.00 21.67 ? -8  GLY A O   1 
ATOM   788 N  N   . GLU B 2 16 ? 17.943  -3.119  -2.476  1.00 17.02 ? -7  GLU A N   1 
ATOM   789 C  CA  . GLU B 2 16 ? 18.098  -2.856  -3.895  1.00 16.72 ? -7  GLU A CA  1 
ATOM   790 C  C   . GLU B 2 16 ? 18.783  -4.069  -4.491  1.00 18.72 ? -7  GLU A C   1 
ATOM   791 O  O   . GLU B 2 16 ? 19.913  -4.390  -4.104  1.00 22.34 ? -7  GLU A O   1 
ATOM   792 C  CB  . GLU B 2 16 ? 18.948  -1.606  -4.158  1.00 22.07 ? -7  GLU A CB  1 
ATOM   793 C  CG  . GLU B 2 16 ? 18.544  -0.387  -3.367  1.00 30.77 ? -7  GLU A CG  1 
ATOM   794 C  CD  . GLU B 2 16 ? 19.407  0.835   -3.657  1.00 36.00 ? -7  GLU A CD  1 
ATOM   795 O  OE1 . GLU B 2 16 ? 20.631  0.691   -3.926  1.00 30.08 ? -7  GLU A OE1 1 
ATOM   796 O  OE2 . GLU B 2 16 ? 18.846  1.949   -3.617  1.00 33.65 ? -7  GLU A OE2 1 
ATOM   797 N  N   . PHE B 2 17 ? 18.109  -4.737  -5.423  1.00 14.50 ? -6  PHE A N   1 
ATOM   798 C  CA  . PHE B 2 17 ? 18.731  -5.834  -6.147  1.00 17.66 ? -6  PHE A CA  1 
ATOM   799 C  C   . PHE B 2 17 ? 19.673  -5.297  -7.213  1.00 23.20 ? -6  PHE A C   1 
ATOM   800 O  O   . PHE B 2 17 ? 19.321  -4.383  -7.964  1.00 23.08 ? -6  PHE A O   1 
ATOM   801 C  CB  . PHE B 2 17 ? 17.663  -6.717  -6.783  1.00 18.64 ? -6  PHE A CB  1 
ATOM   802 C  CG  . PHE B 2 17 ? 17.007  -7.632  -5.809  1.00 18.70 ? -6  PHE A CG  1 
ATOM   803 C  CD1 . PHE B 2 17 ? 17.651  -8.780  -5.386  1.00 16.82 ? -6  PHE A CD1 1 
ATOM   804 C  CD2 . PHE B 2 17 ? 15.755  -7.339  -5.296  1.00 19.16 ? -6  PHE A CD2 1 
ATOM   805 C  CE1 . PHE B 2 17 ? 17.055  -9.629  -4.475  1.00 17.23 ? -6  PHE A CE1 1 
ATOM   806 C  CE2 . PHE B 2 17 ? 15.153  -8.192  -4.388  1.00 21.02 ? -6  PHE A CE2 1 
ATOM   807 C  CZ  . PHE B 2 17 ? 15.809  -9.334  -3.972  1.00 18.83 ? -6  PHE A CZ  1 
ATOM   808 N  N   . LYS B 2 18 ? 20.869  -5.878  -7.285  1.00 19.39 ? -5  LYS A N   1 
ATOM   809 C  CA  . LYS B 2 18 ? 21.877  -5.472  -8.253  1.00 23.33 ? -5  LYS A CA  1 
ATOM   810 C  C   . LYS B 2 18 ? 22.492  -6.715  -8.882  1.00 27.27 ? -5  LYS A C   1 
ATOM   811 O  O   . LYS B 2 18 ? 22.296  -7.837  -8.411  1.00 22.40 ? -5  LYS A O   1 
ATOM   812 C  CB  . LYS B 2 18 ? 22.979  -4.640  -7.595  1.00 24.65 ? -5  LYS A CB  1 
ATOM   813 C  CG  . LYS B 2 18 ? 23.640  -5.350  -6.424  1.00 25.47 ? -5  LYS A CG  1 
ATOM   814 C  CD  . LYS B 2 18 ? 24.860  -4.601  -5.904  1.00 38.40 ? -5  LYS A CD  1 
ATOM   815 C  CE  . LYS B 2 18 ? 24.978  -4.743  -4.394  1.00 47.90 ? -5  LYS A CE  1 
ATOM   816 N  NZ  . LYS B 2 18 ? 26.301  -4.286  -3.874  1.00 50.70 ? -5  LYS A NZ  1 
ATOM   817 N  N   . GLU B 2 19 ? 23.276  -6.503  -9.937  1.00 34.19 ? -4  GLU A N   1 
ATOM   818 C  CA  . GLU B 2 19 ? 24.088  -7.590  -10.468 1.00 35.63 ? -4  GLU A CA  1 
ATOM   819 C  C   . GLU B 2 19 ? 25.136  -8.008  -9.441  1.00 34.57 ? -4  GLU A C   1 
ATOM   820 O  O   . GLU B 2 19 ? 25.623  -7.196  -8.652  1.00 34.58 ? -4  GLU A O   1 
ATOM   821 C  CB  . GLU B 2 19 ? 24.768  -7.166  -11.772 1.00 48.41 ? -4  GLU A CB  1 
ATOM   822 C  CG  . GLU B 2 19 ? 23.814  -6.962  -12.943 1.00 59.29 ? -4  GLU A CG  1 
ATOM   823 C  CD  . GLU B 2 19 ? 22.720  -8.018  -13.008 1.00 68.27 ? -4  GLU A CD  1 
ATOM   824 O  OE1 . GLU B 2 19 ? 22.956  -9.080  -13.626 1.00 65.09 ? -4  GLU A OE1 1 
ATOM   825 O  OE2 . GLU B 2 19 ? 21.624  -7.781  -12.456 1.00 57.89 ? -4  GLU A OE2 1 
ATOM   826 N  N   . ALA B 2 20 ? 25.484  -9.289  -9.451  1.00 39.80 ? -3  ALA A N   1 
ATOM   827 C  CA  . ALA B 2 20 ? 26.519  -9.782  -8.548  1.00 42.77 ? -3  ALA A CA  1 
ATOM   828 C  C   . ALA B 2 20 ? 27.902  -9.379  -9.054  1.00 46.45 ? -3  ALA A C   1 
ATOM   829 O  O   . ALA B 2 20 ? 28.423  -8.328  -8.678  1.00 53.30 ? -3  ALA A O   1 
ATOM   830 C  CB  . ALA B 2 20 ? 26.427  -11.288 -8.395  1.00 33.47 ? -3  ALA A CB  1 
HETATM 831 ZN ZN  . ZN  C 3 .  ? 10.283  1.693   -11.771 1.00 17.05 ? 101 ZN  B ZN  1 
HETATM 832 ZN ZN  . ZN  D 3 .  ? -9.312  -8.152  -3.078  0.82 27.34 ? 102 ZN  B ZN  1 
HETATM 833 ZN ZN  . ZN  E 3 .  ? -16.724 0.873   -4.858  0.84 22.27 ? 103 ZN  B ZN  1 
HETATM 834 ZN ZN  . ZN  F 3 .  ? -7.899  12.085  13.736  0.42 23.71 ? 104 ZN  B ZN  1 
HETATM 835 ZN ZN  . ZN  G 3 .  ? -9.444  12.187  13.306  0.38 31.70 ? 105 ZN  B ZN  1 
HETATM 836 ZN ZN  . ZN  H 3 .  ? -12.030 -8.550  9.256   0.42 47.93 ? 106 ZN  B ZN  1 
HETATM 837 ZN ZN  . ZN  I 3 .  ? -6.371  11.205  14.253  0.32 24.52 ? 107 ZN  B ZN  1 
HETATM 838 O  O   . HOH J 4 .  ? -16.995 5.492   7.115   1.00 36.41 ? 201 HOH B O   1 
HETATM 839 O  O   . HOH J 4 .  ? 12.602  2.221   -7.644  1.00 26.00 ? 202 HOH B O   1 
HETATM 840 O  O   . HOH J 4 .  ? 11.111  7.786   -0.624  1.00 44.08 ? 203 HOH B O   1 
HETATM 841 O  O   . HOH J 4 .  ? 2.518   -7.820  6.904   1.00 43.28 ? 204 HOH B O   1 
HETATM 842 O  O   . HOH J 4 .  ? 1.892   -11.589 2.562   1.00 45.48 ? 205 HOH B O   1 
HETATM 843 O  O   . HOH J 4 .  ? -12.389 7.845   18.222  1.00 39.09 ? 206 HOH B O   1 
HETATM 844 O  O   . HOH J 4 .  ? 5.401   6.115   -9.399  1.00 29.31 ? 207 HOH B O   1 
HETATM 845 O  O   . HOH J 4 .  ? 12.362  5.867   -3.290  1.00 32.94 ? 208 HOH B O   1 
HETATM 846 O  O   . HOH J 4 .  ? 14.583  5.033   -2.779  1.00 33.27 ? 209 HOH B O   1 
HETATM 847 O  O   . HOH J 4 .  ? -7.479  -0.322  -9.355  1.00 35.85 ? 210 HOH B O   1 
HETATM 848 O  O   . HOH J 4 .  ? 18.621  -2.286  -12.163 1.00 26.10 ? 211 HOH B O   1 
HETATM 849 O  O   . HOH J 4 .  ? -2.288  5.000   -9.746  1.00 24.26 ? 212 HOH B O   1 
HETATM 850 O  O   . HOH J 4 .  ? -8.022  5.076   -6.927  1.00 32.86 ? 213 HOH B O   1 
HETATM 851 O  O   . HOH J 4 .  ? 11.465  10.846  -1.742  1.00 28.76 ? 214 HOH B O   1 
HETATM 852 O  O   . HOH J 4 .  ? -8.547  7.606   14.330  1.00 24.17 ? 215 HOH B O   1 
HETATM 853 O  O   . HOH J 4 .  ? -11.652 -6.082  -2.069  1.00 30.31 ? 216 HOH B O   1 
HETATM 854 O  O   . HOH J 4 .  ? -9.033  1.809   -7.308  1.00 32.77 ? 217 HOH B O   1 
HETATM 855 O  O   . HOH J 4 .  ? -15.431 -4.547  -0.060  1.00 46.20 ? 218 HOH B O   1 
HETATM 856 O  O   . HOH J 4 .  ? -3.908  7.247   11.648  1.00 31.60 ? 219 HOH B O   1 
HETATM 857 O  O   . HOH J 4 .  ? -2.735  -7.142  5.157   1.00 29.83 ? 220 HOH B O   1 
HETATM 858 O  O   . HOH J 4 .  ? -13.700 0.783   -10.070 1.00 43.49 ? 221 HOH B O   1 
HETATM 859 O  O   . HOH J 4 .  ? 0.540   -0.652  -15.208 1.00 33.41 ? 222 HOH B O   1 
HETATM 860 O  O   . HOH J 4 .  ? 9.235   -6.771  -11.137 1.00 22.49 ? 223 HOH B O   1 
HETATM 861 O  O   . HOH J 4 .  ? 5.526   -15.464 -2.389  1.00 26.33 ? 224 HOH B O   1 
HETATM 862 O  O   . HOH J 4 .  ? 2.578   -14.051 -3.394  1.00 39.24 ? 225 HOH B O   1 
HETATM 863 O  O   . HOH J 4 .  ? 3.704   11.264  -4.931  1.00 31.27 ? 226 HOH B O   1 
HETATM 864 O  O   . HOH J 4 .  ? 17.952  0.783   -7.028  1.00 27.25 ? 227 HOH B O   1 
HETATM 865 O  O   . HOH J 4 .  ? 2.042   -7.094  4.503   1.00 23.92 ? 228 HOH B O   1 
HETATM 866 O  O   . HOH J 4 .  ? 10.038  1.643   -7.059  1.00 24.56 ? 229 HOH B O   1 
HETATM 867 O  O   . HOH J 4 .  ? -1.859  10.996  -9.328  1.00 39.34 ? 230 HOH B O   1 
HETATM 868 O  O   . HOH J 4 .  ? -13.888 10.872  11.238  1.00 32.35 ? 231 HOH B O   1 
HETATM 869 O  O   . HOH J 4 .  ? 3.034   10.374  1.654   1.00 23.20 ? 232 HOH B O   1 
HETATM 870 O  O   . HOH J 4 .  ? -15.245 7.859   11.839  1.00 30.47 ? 233 HOH B O   1 
HETATM 871 O  O   . HOH J 4 .  ? -8.055  8.714   0.737   1.00 14.13 ? 234 HOH B O   1 
HETATM 872 O  O   . HOH J 4 .  ? -1.859  -2.279  -11.439 1.00 25.92 ? 235 HOH B O   1 
HETATM 873 O  O   . HOH J 4 .  ? -0.435  12.188  -4.698  1.00 32.11 ? 236 HOH B O   1 
HETATM 874 O  O   . HOH J 4 .  ? -17.655 4.685   -1.185  1.00 29.65 ? 237 HOH B O   1 
HETATM 875 O  O   . HOH J 4 .  ? 5.124   6.952   -13.139 1.00 33.35 ? 238 HOH B O   1 
HETATM 876 O  O   . HOH J 4 .  ? -14.285 4.753   13.737  1.00 42.00 ? 239 HOH B O   1 
HETATM 877 O  O   . HOH J 4 .  ? -2.839  12.608  3.652   1.00 23.35 ? 240 HOH B O   1 
HETATM 878 O  O   . HOH J 4 .  ? -10.659 7.820   1.264   1.00 18.19 ? 241 HOH B O   1 
HETATM 879 O  O   . HOH J 4 .  ? -15.786 -5.846  -3.356  1.00 38.07 ? 242 HOH B O   1 
HETATM 880 O  O   . HOH J 4 .  ? -16.302 -0.313  1.830   1.00 31.15 ? 243 HOH B O   1 
HETATM 881 O  O   . HOH J 4 .  ? -11.401 4.344   -8.125  1.00 42.58 ? 244 HOH B O   1 
HETATM 882 O  O   . HOH J 4 .  ? -0.173  6.613   5.334   1.00 33.77 ? 245 HOH B O   1 
HETATM 883 O  O   . HOH J 4 .  ? -3.899  9.827   10.568  1.00 44.91 ? 246 HOH B O   1 
HETATM 884 O  O   . HOH J 4 .  ? -12.689 -6.243  12.823  1.00 33.37 ? 247 HOH B O   1 
HETATM 885 O  O   . HOH J 4 .  ? -0.474  -2.986  9.753   1.00 30.73 ? 248 HOH B O   1 
HETATM 886 O  O   . HOH J 4 .  ? -13.426 -1.371  18.883  1.00 38.41 ? 249 HOH B O   1 
HETATM 887 O  O   . HOH J 4 .  ? -17.687 6.616   1.020   1.00 32.98 ? 250 HOH B O   1 
HETATM 888 O  O   . HOH J 4 .  ? -4.876  -1.686  -11.369 1.00 38.52 ? 251 HOH B O   1 
HETATM 889 O  O   . HOH J 4 .  ? -15.248 -5.288  12.290  1.00 45.75 ? 252 HOH B O   1 
HETATM 890 O  O   . HOH J 4 .  ? 12.037  5.436   -6.260  1.00 18.88 ? 253 HOH B O   1 
HETATM 891 O  O   . HOH J 4 .  ? -8.938  13.762  12.356  1.00 36.18 ? 254 HOH B O   1 
HETATM 892 O  O   . HOH J 4 .  ? -6.386  5.153   15.249  1.00 43.30 ? 255 HOH B O   1 
HETATM 893 O  O   . HOH J 4 .  ? -4.137  6.712   -8.151  1.00 27.15 ? 256 HOH B O   1 
HETATM 894 O  O   . HOH J 4 .  ? 2.265   -4.137  -12.410 1.00 32.05 ? 257 HOH B O   1 
HETATM 895 O  O   . HOH J 4 .  ? 3.864   -1.570  10.953  1.00 32.00 ? 258 HOH B O   1 
HETATM 896 O  O   . HOH J 4 .  ? 2.352   -5.641  9.562   1.00 35.50 ? 259 HOH B O   1 
HETATM 897 O  O   . HOH J 4 .  ? 7.843   14.408  -6.041  1.00 32.85 ? 260 HOH B O   1 
HETATM 898 O  O   . HOH J 4 .  ? 2.616   -5.287  -15.798 1.00 42.42 ? 261 HOH B O   1 
HETATM 899 O  O   . HOH J 4 .  ? -5.858  -7.376  -5.009  1.00 34.99 ? 262 HOH B O   1 
HETATM 900 O  O   . HOH J 4 .  ? 7.433   8.774   0.575   1.00 36.07 ? 263 HOH B O   1 
HETATM 901 O  O   . HOH J 4 .  ? 9.680   3.532   -10.916 1.00 15.65 ? 264 HOH B O   1 
HETATM 902 O  O   . HOH J 4 .  ? -1.299  12.778  0.492   1.00 30.77 ? 265 HOH B O   1 
HETATM 903 O  O   . HOH J 4 .  ? 8.512   14.243  -2.522  1.00 37.35 ? 266 HOH B O   1 
HETATM 904 O  O   . HOH J 4 .  ? -11.466 6.385   -13.525 1.00 44.52 ? 267 HOH B O   1 
HETATM 905 O  O   . HOH J 4 .  ? -6.135  13.127  13.970  1.00 36.09 ? 268 HOH B O   1 
HETATM 906 O  O   . HOH J 4 .  ? 7.439   3.334   -18.661 1.00 30.73 ? 269 HOH B O   1 
HETATM 907 O  O   . HOH J 4 .  ? -15.972 -0.677  -6.185  1.00 30.68 ? 270 HOH B O   1 
HETATM 908 O  O   . HOH J 4 .  ? -18.778 5.048   2.552   1.00 43.97 ? 271 HOH B O   1 
HETATM 909 O  O   . HOH J 4 .  ? -16.885 -1.571  -2.259  1.00 42.78 ? 272 HOH B O   1 
HETATM 910 O  O   . HOH J 4 .  ? 6.693   -1.657  6.454   1.00 35.16 ? 273 HOH B O   1 
HETATM 911 O  O   . HOH J 4 .  ? -5.330  7.058   13.696  1.00 36.44 ? 274 HOH B O   1 
HETATM 912 O  O   . HOH J 4 .  ? -8.640  -8.079  -0.970  1.00 28.44 ? 275 HOH B O   1 
HETATM 913 O  O   . HOH J 4 .  ? 16.889  3.031   -7.783  1.00 25.29 ? 276 HOH B O   1 
HETATM 914 O  O   . HOH J 4 .  ? -4.389  9.792   -10.936 1.00 48.34 ? 277 HOH B O   1 
HETATM 915 O  O   . HOH J 4 .  ? -12.952 -8.323  6.871   1.00 43.78 ? 278 HOH B O   1 
HETATM 916 O  O   . HOH J 4 .  ? 9.507   -11.078 -11.520 1.00 51.62 ? 279 HOH B O   1 
HETATM 917 O  O   . HOH J 4 .  ? -12.490 9.449   -0.244  1.00 19.84 ? 280 HOH B O   1 
HETATM 918 O  O   . HOH J 4 .  ? -9.429  -6.155  -10.857 1.00 49.72 ? 281 HOH B O   1 
HETATM 919 O  O   . HOH J 4 .  ? 7.963   -4.369  -17.308 1.00 45.26 ? 282 HOH B O   1 
HETATM 920 O  O   . HOH J 4 .  ? -0.206  -8.595  4.149   1.00 43.03 ? 283 HOH B O   1 
HETATM 921 O  O   . HOH J 4 .  ? 5.371   10.444  0.054   1.00 30.87 ? 284 HOH B O   1 
HETATM 922 O  O   . HOH J 4 .  ? 10.970  -4.840  -15.349 1.00 35.36 ? 285 HOH B O   1 
HETATM 923 O  O   . HOH J 4 .  ? 1.722   -3.635  11.367  1.00 42.95 ? 286 HOH B O   1 
HETATM 924 O  O   . HOH J 4 .  ? 9.942   11.557  0.147   1.00 44.51 ? 287 HOH B O   1 
HETATM 925 O  O   . HOH J 4 .  ? 5.574   12.831  -1.187  1.00 40.11 ? 288 HOH B O   1 
HETATM 926 O  O   . HOH J 4 .  ? 8.149   13.224  -0.399  1.00 46.85 ? 289 HOH B O   1 
HETATM 927 O  O   . HOH J 4 .  ? 9.933   -2.168  9.244   1.00 55.83 ? 290 HOH B O   1 
HETATM 928 O  O   . HOH J 4 .  ? -18.470 -2.939  -5.219  1.00 46.58 ? 291 HOH B O   1 
HETATM 929 O  O   . HOH J 4 .  ? 1.009   12.067  -9.004  1.00 40.67 ? 292 HOH B O   1 
HETATM 930 O  O   . HOH J 4 .  ? -9.740  6.974   -18.383 1.00 74.34 ? 293 HOH B O   1 
HETATM 931 O  O   . HOH K 4 .  ? 29.845  -6.788  -9.028  1.00 53.09 ? 101 HOH A O   1 
HETATM 932 O  O   . HOH K 4 .  ? -5.838  -1.067  20.570  1.00 44.22 ? 102 HOH A O   1 
HETATM 933 O  O   . HOH K 4 .  ? 4.062   0.947   12.624  1.00 45.34 ? 103 HOH A O   1 
HETATM 934 O  O   . HOH K 4 .  ? 22.175  -3.743  -3.266  1.00 32.43 ? 104 HOH A O   1 
HETATM 935 O  O   . HOH K 4 .  ? 24.301  -11.133 -10.877 1.00 43.98 ? 105 HOH A O   1 
HETATM 936 O  O   . HOH K 4 .  ? -9.285  -4.339  19.572  1.00 40.59 ? 106 HOH A O   1 
HETATM 937 O  O   . HOH K 4 .  ? 16.491  -4.584  4.821   1.00 38.18 ? 107 HOH A O   1 
HETATM 938 O  O   . HOH K 4 .  ? 18.462  3.798   -5.546  1.00 31.44 ? 108 HOH A O   1 
HETATM 939 O  O   . HOH K 4 .  ? -6.168  0.996   17.428  1.00 29.23 ? 109 HOH A O   1 
HETATM 940 O  O   . HOH K 4 .  ? 20.585  1.214   -6.696  1.00 23.83 ? 110 HOH A O   1 
HETATM 941 O  O   . HOH K 4 .  ? 28.436  -3.101  -5.294  1.00 33.23 ? 111 HOH A O   1 
HETATM 942 O  O   . HOH K 4 .  ? 30.626  -7.837  -6.954  1.00 43.36 ? 112 HOH A O   1 
HETATM 943 O  O   . HOH K 4 .  ? 19.724  -2.172  -9.700  1.00 32.59 ? 113 HOH A O   1 
HETATM 944 O  O   . HOH K 4 .  ? 17.679  4.267   -0.204  1.00 37.68 ? 114 HOH A O   1 
HETATM 945 O  O   . HOH K 4 .  ? -0.386  3.876   13.803  1.00 38.20 ? 115 HOH A O   1 
HETATM 946 O  O   . HOH K 4 .  ? -3.652  -2.618  12.059  1.00 40.88 ? 116 HOH A O   1 
HETATM 947 O  O   . HOH K 4 .  ? 2.194   2.463   11.764  1.00 38.76 ? 117 HOH A O   1 
HETATM 948 O  O   . HOH K 4 .  ? 20.291  -10.187 -13.562 1.00 36.95 ? 118 HOH A O   1 
HETATM 949 O  O   . HOH K 4 .  ? 26.260  -4.404  -9.038  1.00 40.12 ? 119 HOH A O   1 
HETATM 950 O  O   . HOH K 4 .  ? 12.063  3.130   3.886   1.00 26.97 ? 120 HOH A O   1 
HETATM 951 O  O   . HOH K 4 .  ? 18.399  -4.395  -10.776 1.00 42.96 ? 121 HOH A O   1 
HETATM 952 O  O   . HOH K 4 .  ? 5.563   4.612   5.703   1.00 28.26 ? 122 HOH A O   1 
HETATM 953 O  O   . HOH K 4 .  ? -4.935  -5.614  13.881  1.00 39.04 ? 123 HOH A O   1 
HETATM 954 O  O   . HOH K 4 .  ? -6.465  -6.319  17.075  1.00 41.73 ? 124 HOH A O   1 
HETATM 955 O  O   . HOH K 4 .  ? 24.768  -1.701  -2.797  1.00 39.57 ? 125 HOH A O   1 
HETATM 956 O  O   . HOH K 4 .  ? 7.570   5.858   5.035   1.00 45.04 ? 126 HOH A O   1 
HETATM 957 O  O   . HOH K 4 .  ? 8.802   5.788   3.100   1.00 41.44 ? 127 HOH A O   1 
HETATM 958 O  O   . HOH K 4 .  ? 2.427   6.280   4.484   1.00 40.15 ? 128 HOH A O   1 
HETATM 959 O  O   . HOH K 4 .  ? 18.729  5.913   -3.444  1.00 30.05 ? 129 HOH A O   1 
HETATM 960 O  O   . HOH K 4 .  ? 4.234   6.937   6.313   1.00 49.41 ? 130 HOH A O   1 
HETATM 961 O  O   . HOH K 4 .  ? 10.118  3.977   7.676   1.00 41.75 ? 131 HOH A O   1 
HETATM 962 O  O   . HOH K 4 .  ? 11.401  2.477   6.913   1.00 43.69 ? 132 HOH A O   1 
HETATM 963 O  O   . HOH K 4 .  ? -9.456  -8.567  17.263  1.00 47.68 ? 133 HOH A O   1 
# 
